data_6E86
#
_entry.id   6E86
#
loop_
_entity.id
_entity.type
_entity.pdbx_description
1 polymer 'ZZ-type zinc finger-containing protein 3'
2 polymer H3K4ac
3 non-polymer 'ZINC ION'
#
loop_
_entity_poly.entity_id
_entity_poly.type
_entity_poly.pdbx_seq_one_letter_code
_entity_poly.pdbx_strand_id
1 'polypeptide(L)' GPLGSVQHVGFKCDNCGIEPIQGVRWHCQDCPPEMSLDFCDSCSDCLHETDIHKEDHQLEPIYR B
2 'polypeptide(L)' ART(ALY)QTAR A
#
loop_
_chem_comp.id
_chem_comp.type
_chem_comp.name
_chem_comp.formula
ZN non-polymer 'ZINC ION' 'Zn 2'
#
# COMPACT_ATOMS: atom_id res chain seq x y z
N GLY A 1 -19.62 -8.07 -6.00
CA GLY A 1 -19.37 -6.62 -5.75
C GLY A 1 -18.10 -6.38 -4.95
N PRO A 2 -17.97 -5.22 -4.29
CA PRO A 2 -16.81 -4.85 -3.46
C PRO A 2 -16.59 -5.71 -2.19
N LEU A 3 -15.54 -5.35 -1.45
CA LEU A 3 -14.99 -6.02 -0.26
C LEU A 3 -14.36 -7.40 -0.57
N GLY A 4 -13.05 -7.51 -0.29
CA GLY A 4 -12.26 -8.73 -0.55
C GLY A 4 -11.94 -8.98 -2.03
N SER A 5 -12.19 -7.98 -2.89
CA SER A 5 -12.15 -8.08 -4.36
C SER A 5 -11.53 -6.85 -5.05
N VAL A 6 -11.04 -5.87 -4.28
CA VAL A 6 -10.60 -4.55 -4.74
C VAL A 6 -9.26 -4.62 -5.45
N GLN A 7 -9.17 -4.06 -6.66
CA GLN A 7 -7.97 -4.08 -7.49
C GLN A 7 -7.29 -2.71 -7.56
N HIS A 8 -6.04 -2.62 -7.09
CA HIS A 8 -5.29 -1.35 -7.04
C HIS A 8 -4.17 -1.32 -8.06
N VAL A 9 -4.56 -1.27 -9.33
CA VAL A 9 -3.70 -1.01 -10.48
C VAL A 9 -2.96 0.32 -10.28
N GLY A 10 -1.63 0.24 -10.13
CA GLY A 10 -0.77 1.35 -9.72
C GLY A 10 -0.24 1.29 -8.29
N PHE A 11 -0.52 0.24 -7.51
CA PHE A 11 -0.03 0.10 -6.13
C PHE A 11 0.47 -1.32 -5.84
N LYS A 12 1.73 -1.59 -6.20
CA LYS A 12 2.41 -2.87 -5.90
C LYS A 12 2.94 -2.82 -4.45
N CYS A 13 2.84 -3.93 -3.73
CA CYS A 13 3.24 -4.04 -2.33
C CYS A 13 4.75 -3.83 -2.11
N ASP A 14 5.07 -3.37 -0.92
CA ASP A 14 6.44 -3.20 -0.40
C ASP A 14 6.92 -4.38 0.45
N ASN A 15 6.00 -5.05 1.15
CA ASN A 15 6.33 -6.22 1.98
C ASN A 15 6.80 -7.43 1.15
N CYS A 16 5.96 -7.89 0.22
CA CYS A 16 6.18 -9.11 -0.55
C CYS A 16 6.52 -8.85 -2.04
N GLY A 17 6.29 -7.63 -2.52
CA GLY A 17 6.62 -7.17 -3.86
C GLY A 17 5.57 -7.52 -4.91
N ILE A 18 4.41 -8.03 -4.49
CA ILE A 18 3.32 -8.38 -5.38
C ILE A 18 2.79 -7.17 -6.14
N GLU A 19 2.54 -7.37 -7.43
CA GLU A 19 1.90 -6.42 -8.32
C GLU A 19 0.55 -5.95 -7.78
N PRO A 20 0.15 -4.72 -8.13
CA PRO A 20 -1.15 -4.14 -7.85
C PRO A 20 -2.08 -4.85 -6.86
N ILE A 21 -1.98 -4.46 -5.59
CA ILE A 21 -2.59 -5.13 -4.43
C ILE A 21 -4.07 -5.46 -4.64
N GLN A 22 -4.44 -6.67 -4.22
CA GLN A 22 -5.79 -7.20 -4.38
C GLN A 22 -6.49 -7.38 -3.02
N GLY A 23 -7.79 -7.09 -2.98
CA GLY A 23 -8.68 -7.30 -1.85
C GLY A 23 -9.10 -6.03 -1.13
N VAL A 24 -8.10 -5.33 -0.61
CA VAL A 24 -8.10 -4.05 0.09
C VAL A 24 -6.68 -3.51 -0.03
N ARG A 25 -6.49 -2.22 -0.33
CA ARG A 25 -5.13 -1.62 -0.27
C ARG A 25 -4.84 -1.17 1.16
N TRP A 26 -3.57 -1.03 1.52
CA TRP A 26 -3.17 -0.48 2.82
C TRP A 26 -2.21 0.66 2.61
N HIS A 27 -2.76 1.87 2.64
CA HIS A 27 -2.07 3.13 2.38
C HIS A 27 -1.37 3.58 3.65
N CYS A 28 -0.05 3.60 3.67
CA CYS A 28 0.71 4.16 4.78
C CYS A 28 0.31 5.61 5.09
N GLN A 29 -0.05 5.89 6.34
CA GLN A 29 -0.59 7.19 6.76
C GLN A 29 0.49 8.25 7.01
N ASP A 30 1.66 7.82 7.52
CA ASP A 30 2.72 8.74 7.96
C ASP A 30 3.92 8.80 7.01
N CYS A 31 4.20 7.68 6.29
CA CYS A 31 5.23 7.65 5.25
C CYS A 31 4.87 8.64 4.10
N PRO A 32 5.85 9.38 3.52
CA PRO A 32 5.58 10.50 2.61
C PRO A 32 5.03 10.08 1.23
N PRO A 33 4.27 10.96 0.52
CA PRO A 33 3.77 10.70 -0.85
C PRO A 33 4.85 10.34 -1.88
N GLU A 34 6.07 10.86 -1.70
CA GLU A 34 7.24 10.53 -2.53
C GLU A 34 7.56 9.02 -2.48
N MET A 35 7.43 8.40 -1.30
CA MET A 35 7.54 6.95 -1.10
C MET A 35 6.22 6.21 -1.42
N SER A 36 5.10 6.71 -0.90
CA SER A 36 3.73 6.15 -0.92
C SER A 36 3.73 4.62 -0.85
N LEU A 37 3.94 4.12 0.37
CA LEU A 37 4.11 2.71 0.67
C LEU A 37 2.76 1.97 0.76
N ASP A 38 2.76 0.67 0.46
CA ASP A 38 1.53 -0.14 0.43
C ASP A 38 1.74 -1.59 0.87
N PHE A 39 0.69 -2.16 1.46
CA PHE A 39 0.65 -3.56 1.89
C PHE A 39 -0.64 -4.28 1.50
N CYS A 40 -0.57 -5.60 1.26
CA CYS A 40 -1.72 -6.47 1.09
C CYS A 40 -2.56 -6.65 2.39
N ASP A 41 -3.71 -7.30 2.27
CA ASP A 41 -4.60 -7.67 3.38
C ASP A 41 -3.92 -8.48 4.52
N SER A 42 -2.91 -9.28 4.17
CA SER A 42 -2.06 -10.02 5.11
C SER A 42 -0.82 -9.23 5.54
N CYS A 43 -0.17 -8.54 4.59
CA CYS A 43 1.09 -7.85 4.76
C CYS A 43 0.96 -6.59 5.66
N SER A 44 -0.22 -5.99 5.69
CA SER A 44 -0.54 -4.83 6.53
C SER A 44 -0.38 -5.12 8.02
N ASP A 45 -0.43 -6.40 8.42
CA ASP A 45 -0.17 -6.88 9.77
C ASP A 45 1.34 -7.10 10.06
N CYS A 46 2.18 -7.00 9.01
CA CYS A 46 3.60 -7.35 9.10
C CYS A 46 4.47 -6.27 9.78
N LEU A 47 3.95 -5.04 9.87
CA LEU A 47 4.52 -3.91 10.61
C LEU A 47 6.00 -3.65 10.27
N HIS A 48 6.22 -3.22 9.03
CA HIS A 48 7.54 -3.12 8.41
C HIS A 48 8.17 -1.74 8.55
N GLU A 49 9.49 -1.68 8.39
CA GLU A 49 10.29 -0.47 8.47
C GLU A 49 11.43 -0.47 7.44
N THR A 50 11.70 0.69 6.84
CA THR A 50 12.82 0.91 5.90
C THR A 50 13.72 2.06 6.40
N ASP A 51 14.35 2.82 5.50
CA ASP A 51 15.05 4.07 5.83
C ASP A 51 14.08 5.20 6.18
N ILE A 52 12.88 5.17 5.60
CA ILE A 52 11.80 6.14 5.79
C ILE A 52 10.59 5.50 6.48
N HIS A 53 10.28 4.26 6.10
CA HIS A 53 9.16 3.50 6.63
C HIS A 53 9.47 3.06 8.05
N LYS A 54 8.55 3.27 8.99
CA LYS A 54 8.71 2.92 10.42
C LYS A 54 7.43 2.39 11.07
N GLU A 55 7.55 1.65 12.17
CA GLU A 55 6.42 1.16 12.98
C GLU A 55 5.78 2.23 13.89
N ASP A 56 6.24 3.49 13.78
CA ASP A 56 5.81 4.62 14.59
C ASP A 56 4.37 5.09 14.27
N HIS A 57 3.83 4.58 13.16
CA HIS A 57 2.58 5.05 12.54
C HIS A 57 1.39 4.08 12.63
N GLN A 58 0.49 4.22 11.64
CA GLN A 58 -0.63 3.34 11.31
C GLN A 58 -0.84 3.30 9.78
N LEU A 59 -1.56 2.31 9.28
CA LEU A 59 -1.95 2.16 7.87
C LEU A 59 -3.44 2.51 7.70
N GLU A 60 -3.85 2.81 6.47
CA GLU A 60 -5.27 3.04 6.12
C GLU A 60 -5.79 1.95 5.16
N PRO A 61 -6.81 1.15 5.54
CA PRO A 61 -7.41 0.16 4.64
C PRO A 61 -8.31 0.84 3.59
N ILE A 62 -8.23 0.40 2.33
CA ILE A 62 -8.97 1.00 1.22
C ILE A 62 -9.80 -0.08 0.54
N TYR A 63 -11.12 0.04 0.69
CA TYR A 63 -12.13 -0.95 0.33
C TYR A 63 -12.69 -0.73 -1.09
N ARG A 64 -11.98 0.08 -1.88
CA ARG A 64 -12.40 0.58 -3.20
C ARG A 64 -11.26 1.12 -4.07
N ALA B 1 3.78 0.70 -2.76
CA ALA B 1 4.54 1.55 -3.70
C ALA B 1 3.65 1.99 -4.86
N ARG B 2 3.49 3.31 -5.00
CA ARG B 2 2.84 3.98 -6.13
C ARG B 2 3.54 3.78 -7.49
N THR B 3 3.20 2.72 -8.20
CA THR B 3 3.58 2.48 -9.61
C THR B 3 2.63 3.23 -10.57
OH ALY B 4 -3.98 8.45 -10.24
CH ALY B 4 -4.03 7.97 -11.38
CH3 ALY B 4 -4.05 8.88 -12.58
NZ ALY B 4 -4.07 6.67 -11.63
CE ALY B 4 -4.10 5.60 -10.61
CD ALY B 4 -2.73 4.94 -10.46
CG ALY B 4 -1.65 5.89 -9.92
CB ALY B 4 -0.36 5.17 -9.51
CA ALY B 4 0.47 4.57 -10.67
N ALY B 4 1.50 3.73 -10.05
C ALY B 4 1.02 5.65 -11.60
O ALY B 4 1.58 6.66 -11.17
HH31 ALY B 4 -4.01 9.92 -12.24
HH32 ALY B 4 -4.98 8.72 -13.13
HH33 ALY B 4 -3.20 8.65 -13.22
HZ ALY B 4 -4.11 6.38 -12.60
HE3 ALY B 4 -4.41 6.00 -9.65
HE2 ALY B 4 -4.82 4.85 -10.92
HD3 ALY B 4 -2.84 4.11 -9.76
HD2 ALY B 4 -2.41 4.54 -11.43
HG3 ALY B 4 -1.42 6.66 -10.67
HG2 ALY B 4 -2.04 6.40 -9.03
HB3 ALY B 4 0.27 5.87 -8.96
HB2 ALY B 4 -0.63 4.38 -8.79
HA ALY B 4 -0.19 3.91 -11.25
H ALY B 4 1.33 3.46 -9.09
N GLN B 5 0.88 5.44 -12.92
CA GLN B 5 1.30 6.40 -13.96
C GLN B 5 0.31 7.57 -14.08
N THR B 6 0.79 8.72 -14.58
CA THR B 6 -0.01 9.95 -14.83
C THR B 6 0.64 10.82 -15.93
N ALA B 7 -0.13 11.73 -16.52
CA ALA B 7 0.33 12.63 -17.59
C ALA B 7 1.38 13.66 -17.12
N ARG B 8 2.26 14.09 -18.03
CA ARG B 8 3.29 15.13 -17.81
C ARG B 8 2.67 16.53 -17.61
ZN ZN C . 2.14 -8.03 0.06
ZN ZN D . 4.62 3.24 6.36
N GLY A 1 -17.07 -0.72 -8.49
CA GLY A 1 -15.99 -1.58 -7.93
C GLY A 1 -16.24 -1.95 -6.47
N PRO A 2 -16.49 -3.23 -6.13
CA PRO A 2 -16.79 -3.66 -4.76
C PRO A 2 -15.68 -3.39 -3.75
N LEU A 3 -16.07 -3.17 -2.47
CA LEU A 3 -15.17 -2.84 -1.35
C LEU A 3 -14.13 -3.93 -1.02
N GLY A 4 -14.39 -5.19 -1.42
CA GLY A 4 -13.46 -6.33 -1.32
C GLY A 4 -12.69 -6.66 -2.61
N SER A 5 -12.77 -5.80 -3.63
CA SER A 5 -12.29 -6.02 -5.00
C SER A 5 -11.66 -4.76 -5.62
N VAL A 6 -11.26 -3.81 -4.78
CA VAL A 6 -10.80 -2.46 -5.10
C VAL A 6 -9.49 -2.46 -5.88
N GLN A 7 -9.44 -1.74 -7.00
CA GLN A 7 -8.26 -1.66 -7.87
C GLN A 7 -7.49 -0.35 -7.66
N HIS A 8 -6.26 -0.44 -7.14
CA HIS A 8 -5.41 0.73 -6.87
C HIS A 8 -4.31 0.89 -7.93
N VAL A 9 -4.73 1.20 -9.15
CA VAL A 9 -3.84 1.54 -10.28
C VAL A 9 -2.97 2.74 -9.91
N GLY A 10 -1.64 2.54 -9.99
CA GLY A 10 -0.63 3.46 -9.49
C GLY A 10 0.01 3.09 -8.14
N PHE A 11 -0.45 2.04 -7.45
CA PHE A 11 0.06 1.65 -6.12
C PHE A 11 0.46 0.16 -6.10
N LYS A 12 1.71 -0.11 -6.45
CA LYS A 12 2.35 -1.43 -6.39
C LYS A 12 2.87 -1.66 -4.96
N CYS A 13 2.74 -2.88 -4.44
CA CYS A 13 3.15 -3.25 -3.08
C CYS A 13 4.68 -3.23 -2.87
N ASP A 14 5.08 -3.09 -1.61
CA ASP A 14 6.46 -3.15 -1.11
C ASP A 14 6.85 -4.47 -0.41
N ASN A 15 5.90 -5.18 0.18
CA ASN A 15 6.14 -6.52 0.73
C ASN A 15 6.44 -7.55 -0.38
N CYS A 16 5.57 -7.61 -1.38
CA CYS A 16 5.57 -8.59 -2.44
C CYS A 16 6.28 -8.09 -3.71
N GLY A 17 6.09 -6.79 -4.00
CA GLY A 17 6.48 -6.19 -5.25
C GLY A 17 5.44 -6.39 -6.33
N ILE A 18 4.27 -6.95 -5.98
CA ILE A 18 3.14 -7.05 -6.90
C ILE A 18 2.74 -5.67 -7.38
N GLU A 19 2.41 -5.59 -8.66
CA GLU A 19 1.90 -4.41 -9.36
C GLU A 19 0.57 -3.91 -8.72
N PRO A 20 -0.11 -2.88 -9.23
CA PRO A 20 -1.27 -2.27 -8.58
C PRO A 20 -2.18 -3.16 -7.72
N ILE A 21 -2.20 -2.85 -6.41
CA ILE A 21 -2.83 -3.66 -5.37
C ILE A 21 -4.33 -3.84 -5.63
N GLN A 22 -4.80 -5.06 -5.38
CA GLN A 22 -6.20 -5.44 -5.56
C GLN A 22 -6.88 -5.77 -4.22
N GLY A 23 -8.17 -5.44 -4.11
CA GLY A 23 -9.05 -5.77 -2.99
C GLY A 23 -9.33 -4.64 -2.04
N VAL A 24 -8.25 -4.14 -1.44
CA VAL A 24 -8.14 -3.04 -0.48
C VAL A 24 -6.66 -2.61 -0.53
N ARG A 25 -6.37 -1.30 -0.54
CA ARG A 25 -4.98 -0.84 -0.36
C ARG A 25 -4.67 -0.69 1.11
N TRP A 26 -3.39 -0.69 1.47
CA TRP A 26 -2.93 -0.41 2.83
C TRP A 26 -1.88 0.67 2.78
N HIS A 27 -2.31 1.89 3.08
CA HIS A 27 -1.50 3.10 3.02
C HIS A 27 -0.77 3.27 4.33
N CYS A 28 0.56 3.22 4.30
CA CYS A 28 1.38 3.53 5.45
C CYS A 28 1.13 4.96 5.98
N GLN A 29 0.77 5.08 7.26
CA GLN A 29 0.36 6.36 7.86
C GLN A 29 1.55 7.27 8.21
N ASP A 30 2.68 6.69 8.61
CA ASP A 30 3.82 7.43 9.18
C ASP A 30 5.06 7.45 8.29
N CYS A 31 5.24 6.45 7.41
CA CYS A 31 6.32 6.45 6.44
C CYS A 31 6.20 7.68 5.48
N PRO A 32 7.31 8.32 5.09
CA PRO A 32 7.30 9.62 4.41
C PRO A 32 6.83 9.56 2.94
N PRO A 33 6.36 10.70 2.37
CA PRO A 33 5.94 10.79 0.96
C PRO A 33 7.00 10.36 -0.06
N GLU A 34 8.27 10.58 0.25
CA GLU A 34 9.41 10.15 -0.59
C GLU A 34 9.46 8.63 -0.81
N MET A 35 9.04 7.86 0.21
CA MET A 35 8.95 6.39 0.17
C MET A 35 7.57 5.90 -0.30
N SER A 36 6.51 6.45 0.31
CA SER A 36 5.08 6.15 0.07
C SER A 36 4.77 4.65 -0.08
N LEU A 37 4.68 3.97 1.08
CA LEU A 37 4.60 2.51 1.15
C LEU A 37 3.17 1.95 1.10
N ASP A 38 3.05 0.70 0.63
CA ASP A 38 1.79 0.00 0.42
C ASP A 38 1.87 -1.52 0.65
N PHE A 39 0.76 -2.11 1.10
CA PHE A 39 0.58 -3.54 1.31
C PHE A 39 -0.77 -4.03 0.73
N CYS A 40 -0.80 -5.26 0.20
CA CYS A 40 -1.99 -5.97 -0.23
C CYS A 40 -2.96 -6.37 0.91
N ASP A 41 -4.14 -6.89 0.52
CA ASP A 41 -5.12 -7.52 1.41
C ASP A 41 -4.54 -8.68 2.25
N SER A 42 -3.56 -9.42 1.71
CA SER A 42 -2.92 -10.57 2.35
C SER A 42 -1.67 -10.18 3.17
N CYS A 43 -0.79 -9.35 2.61
CA CYS A 43 0.53 -9.06 3.17
C CYS A 43 0.55 -7.93 4.21
N SER A 44 -0.49 -7.10 4.23
CA SER A 44 -0.75 -6.12 5.29
C SER A 44 -0.90 -6.77 6.67
N ASP A 45 -0.98 -8.11 6.72
CA ASP A 45 -0.91 -8.88 7.97
C ASP A 45 0.50 -8.82 8.59
N CYS A 46 1.50 -8.33 7.84
CA CYS A 46 2.88 -8.23 8.27
C CYS A 46 3.16 -6.86 8.90
N LEU A 47 3.86 -6.88 10.02
CA LEU A 47 4.41 -5.70 10.68
C LEU A 47 5.86 -5.52 10.19
N HIS A 48 5.99 -4.84 9.05
CA HIS A 48 7.22 -4.74 8.27
C HIS A 48 8.04 -3.49 8.51
N GLU A 49 9.35 -3.60 8.25
CA GLU A 49 10.34 -2.54 8.39
C GLU A 49 11.42 -2.61 7.30
N THR A 50 11.87 -1.45 6.84
CA THR A 50 13.02 -1.29 5.93
C THR A 50 14.07 -0.34 6.55
N ASP A 51 14.79 0.44 5.74
CA ASP A 51 15.65 1.54 6.21
C ASP A 51 14.82 2.72 6.71
N ILE A 52 13.66 2.93 6.08
CA ILE A 52 12.72 4.01 6.36
C ILE A 52 11.44 3.47 7.00
N HIS A 53 10.95 2.34 6.48
CA HIS A 53 9.74 1.69 6.96
C HIS A 53 10.01 1.07 8.32
N LYS A 54 9.14 1.29 9.32
CA LYS A 54 9.30 0.79 10.69
C LYS A 54 7.99 0.35 11.35
N GLU A 55 8.09 -0.50 12.38
CA GLU A 55 6.97 -0.97 13.19
C GLU A 55 6.44 0.07 14.21
N ASP A 56 6.99 1.28 14.18
CA ASP A 56 6.64 2.40 15.06
C ASP A 56 5.23 2.95 14.81
N HIS A 57 4.61 2.56 13.69
CA HIS A 57 3.38 3.15 13.17
C HIS A 57 2.13 2.24 13.15
N GLN A 58 1.22 2.59 12.24
CA GLN A 58 0.01 1.87 11.84
C GLN A 58 -0.29 2.08 10.33
N LEU A 59 -1.09 1.21 9.72
CA LEU A 59 -1.51 1.26 8.32
C LEU A 59 -2.98 1.66 8.19
N GLU A 60 -3.33 2.32 7.09
CA GLU A 60 -4.72 2.67 6.75
C GLU A 60 -5.29 1.77 5.65
N PRO A 61 -6.35 0.97 5.90
CA PRO A 61 -7.04 0.21 4.86
C PRO A 61 -7.89 1.12 3.97
N ILE A 62 -7.91 0.89 2.66
CA ILE A 62 -8.60 1.74 1.69
C ILE A 62 -9.52 0.87 0.84
N TYR A 63 -10.82 1.04 1.08
CA TYR A 63 -11.90 0.22 0.53
C TYR A 63 -12.50 0.82 -0.76
N ARG A 64 -11.75 1.74 -1.38
CA ARG A 64 -12.16 2.51 -2.57
C ARG A 64 -10.99 3.06 -3.40
N ALA B 1 4.64 1.44 -2.98
CA ALA B 1 5.37 2.37 -3.87
C ALA B 1 4.45 2.92 -4.95
N ARG B 2 4.70 4.14 -5.41
CA ARG B 2 3.75 4.88 -6.28
C ARG B 2 4.24 5.01 -7.73
N THR B 3 3.70 4.14 -8.59
CA THR B 3 3.81 4.21 -10.06
C THR B 3 2.79 5.22 -10.63
OH ALY B 4 -3.98 11.01 -8.11
CH ALY B 4 -3.33 10.98 -9.16
CH3 ALY B 4 -2.81 12.26 -9.77
NZ ALY B 4 -3.06 9.85 -9.83
CE ALY B 4 -3.38 8.50 -9.36
CD ALY B 4 -2.17 7.58 -9.51
CG ALY B 4 -0.95 8.08 -8.71
CB ALY B 4 0.21 7.07 -8.67
CA ALY B 4 0.79 6.67 -10.04
N ALY B 4 1.83 5.67 -9.81
C ALY B 4 1.28 7.91 -10.84
O ALY B 4 2.10 8.70 -10.34
HH31 ALY B 4 -1.73 12.24 -9.73
HH32 ALY B 4 -3.19 13.11 -9.22
HH33 ALY B 4 -3.14 12.31 -10.81
HZ ALY B 4 -2.51 9.94 -10.67
HE3 ALY B 4 -3.69 8.52 -8.31
HE2 ALY B 4 -4.21 8.11 -9.95
HD3 ALY B 4 -2.46 6.59 -9.13
HD2 ALY B 4 -1.91 7.50 -10.56
HG3 ALY B 4 -0.60 9.02 -9.12
HG2 ALY B 4 -1.26 8.27 -7.68
HB3 ALY B 4 1.01 7.51 -8.07
HB2 ALY B 4 -0.14 6.17 -8.14
HA ALY B 4 0.00 6.20 -10.64
H ALY B 4 1.81 5.22 -8.90
N GLN B 5 0.77 8.08 -12.06
CA GLN B 5 1.01 9.25 -12.91
C GLN B 5 0.06 10.42 -12.57
N THR B 6 0.43 11.63 -12.98
CA THR B 6 -0.37 12.86 -12.78
C THR B 6 -1.61 12.95 -13.69
N ALA B 7 -1.62 12.23 -14.82
CA ALA B 7 -2.73 12.16 -15.78
C ALA B 7 -2.75 10.82 -16.54
N ARG B 8 -3.91 10.47 -17.12
CA ARG B 8 -4.12 9.26 -17.94
C ARG B 8 -3.35 9.32 -19.27
ZN ZN C . 1.79 -7.26 -0.91
ZN ZN D . 5.18 2.01 6.76
N GLY A 1 -16.31 -9.05 -5.56
CA GLY A 1 -17.09 -7.87 -6.05
C GLY A 1 -16.64 -6.57 -5.39
N PRO A 2 -17.37 -5.45 -5.57
CA PRO A 2 -16.99 -4.15 -5.02
C PRO A 2 -16.75 -4.15 -3.51
N LEU A 3 -15.86 -3.25 -3.04
CA LEU A 3 -15.29 -3.19 -1.68
C LEU A 3 -14.39 -4.40 -1.29
N GLY A 4 -14.54 -5.54 -1.96
CA GLY A 4 -13.69 -6.74 -1.81
C GLY A 4 -12.68 -6.99 -2.93
N SER A 5 -12.76 -6.24 -4.04
CA SER A 5 -12.02 -6.48 -5.30
C SER A 5 -11.50 -5.19 -5.97
N VAL A 6 -11.33 -4.11 -5.20
CA VAL A 6 -10.90 -2.78 -5.68
C VAL A 6 -9.49 -2.82 -6.27
N GLN A 7 -9.29 -2.24 -7.45
CA GLN A 7 -7.99 -2.18 -8.10
C GLN A 7 -7.18 -0.93 -7.75
N HIS A 8 -5.95 -1.08 -7.27
CA HIS A 8 -5.05 0.04 -6.91
C HIS A 8 -3.93 0.22 -7.94
N VAL A 9 -4.30 0.42 -9.22
CA VAL A 9 -3.34 0.74 -10.30
C VAL A 9 -2.51 1.96 -9.90
N GLY A 10 -1.19 1.79 -9.91
CA GLY A 10 -0.23 2.75 -9.37
C GLY A 10 0.28 2.41 -7.95
N PHE A 11 -0.08 1.27 -7.36
CA PHE A 11 0.37 0.87 -6.00
C PHE A 11 0.70 -0.63 -5.93
N LYS A 12 1.93 -1.01 -6.29
CA LYS A 12 2.48 -2.38 -6.12
C LYS A 12 2.95 -2.55 -4.66
N CYS A 13 2.68 -3.70 -4.04
CA CYS A 13 3.02 -3.99 -2.64
C CYS A 13 4.54 -4.01 -2.40
N ASP A 14 4.91 -3.74 -1.15
CA ASP A 14 6.27 -3.84 -0.63
C ASP A 14 6.54 -5.13 0.15
N ASN A 15 5.52 -5.69 0.79
CA ASN A 15 5.65 -6.93 1.56
C ASN A 15 5.97 -8.15 0.67
N CYS A 16 5.15 -8.41 -0.34
CA CYS A 16 5.25 -9.57 -1.22
C CYS A 16 5.71 -9.23 -2.66
N GLY A 17 5.60 -7.95 -3.05
CA GLY A 17 6.05 -7.43 -4.33
C GLY A 17 5.05 -7.67 -5.45
N ILE A 18 3.82 -8.08 -5.12
CA ILE A 18 2.74 -8.13 -6.08
C ILE A 18 2.55 -6.75 -6.72
N GLU A 19 2.29 -6.76 -8.02
CA GLU A 19 1.90 -5.61 -8.86
C GLU A 19 0.66 -4.89 -8.27
N PRO A 20 0.11 -3.81 -8.89
CA PRO A 20 -1.00 -3.08 -8.32
C PRO A 20 -2.03 -3.88 -7.50
N ILE A 21 -2.07 -3.56 -6.21
CA ILE A 21 -2.79 -4.30 -5.17
C ILE A 21 -4.28 -4.42 -5.52
N GLN A 22 -4.92 -5.46 -4.97
CA GLN A 22 -6.35 -5.68 -5.17
C GLN A 22 -7.11 -5.92 -3.86
N GLY A 23 -8.31 -5.33 -3.77
CA GLY A 23 -9.29 -5.51 -2.69
C GLY A 23 -9.58 -4.26 -1.89
N VAL A 24 -8.54 -3.78 -1.21
CA VAL A 24 -8.44 -2.59 -0.37
C VAL A 24 -6.97 -2.14 -0.37
N ARG A 25 -6.67 -0.84 -0.57
CA ARG A 25 -5.28 -0.36 -0.54
C ARG A 25 -4.87 -0.23 0.93
N TRP A 26 -3.58 -0.33 1.23
CA TRP A 26 -3.07 -0.01 2.57
C TRP A 26 -1.94 0.99 2.45
N HIS A 27 -2.31 2.27 2.57
CA HIS A 27 -1.41 3.41 2.46
C HIS A 27 -0.73 3.65 3.80
N CYS A 28 0.59 3.50 3.86
CA CYS A 28 1.36 3.85 5.04
C CYS A 28 1.17 5.33 5.46
N GLN A 29 0.78 5.55 6.72
CA GLN A 29 0.43 6.89 7.22
C GLN A 29 1.65 7.74 7.62
N ASP A 30 2.70 7.11 8.13
CA ASP A 30 3.86 7.83 8.69
C ASP A 30 5.09 7.79 7.78
N CYS A 31 5.25 6.73 6.98
CA CYS A 31 6.31 6.64 5.98
C CYS A 31 6.12 7.77 4.91
N PRO A 32 7.20 8.42 4.44
CA PRO A 32 7.12 9.65 3.64
C PRO A 32 6.58 9.43 2.21
N PRO A 33 6.00 10.48 1.56
CA PRO A 33 5.52 10.41 0.18
C PRO A 33 6.56 9.99 -0.86
N GLU A 34 7.83 10.30 -0.62
CA GLU A 34 8.96 9.86 -1.45
C GLU A 34 9.07 8.32 -1.51
N MET A 35 8.80 7.64 -0.39
CA MET A 35 8.71 6.18 -0.30
C MET A 35 7.32 5.64 -0.71
N SER A 36 6.25 6.28 -0.20
CA SER A 36 4.82 5.92 -0.30
C SER A 36 4.59 4.40 -0.43
N LEU A 37 4.68 3.76 0.73
CA LEU A 37 4.63 2.30 0.90
C LEU A 37 3.20 1.76 0.88
N ASP A 38 3.04 0.48 0.49
CA ASP A 38 1.75 -0.16 0.27
C ASP A 38 1.73 -1.64 0.64
N PHE A 39 0.57 -2.11 1.12
CA PHE A 39 0.35 -3.52 1.45
C PHE A 39 -1.03 -4.05 0.98
N CYS A 40 -1.10 -5.33 0.66
CA CYS A 40 -2.35 -6.05 0.40
C CYS A 40 -3.25 -6.20 1.66
N ASP A 41 -4.49 -6.64 1.48
CA ASP A 41 -5.43 -6.99 2.56
C ASP A 41 -4.89 -8.02 3.58
N SER A 42 -3.98 -8.91 3.14
CA SER A 42 -3.26 -9.86 3.98
C SER A 42 -1.93 -9.30 4.53
N CYS A 43 -1.19 -8.58 3.69
CA CYS A 43 0.15 -8.08 3.97
C CYS A 43 0.15 -6.91 4.97
N SER A 44 -0.93 -6.13 5.01
CA SER A 44 -1.10 -5.00 5.91
C SER A 44 -1.07 -5.41 7.39
N ASP A 45 -1.34 -6.69 7.68
CA ASP A 45 -1.22 -7.31 8.99
C ASP A 45 0.22 -7.77 9.31
N CYS A 46 1.13 -7.71 8.32
CA CYS A 46 2.47 -8.27 8.42
C CYS A 46 3.44 -7.38 9.21
N LEU A 47 3.11 -6.10 9.37
CA LEU A 47 3.78 -5.11 10.22
C LEU A 47 5.30 -5.03 9.95
N HIS A 48 5.62 -4.55 8.76
CA HIS A 48 6.97 -4.58 8.20
C HIS A 48 7.78 -3.31 8.46
N GLU A 49 9.10 -3.43 8.35
CA GLU A 49 10.06 -2.35 8.57
C GLU A 49 11.23 -2.42 7.57
N THR A 50 11.68 -1.27 7.09
CA THR A 50 12.84 -1.13 6.19
C THR A 50 13.87 -0.17 6.83
N ASP A 51 14.63 0.60 6.03
CA ASP A 51 15.49 1.69 6.49
C ASP A 51 14.65 2.90 6.95
N ILE A 52 13.49 3.10 6.31
CA ILE A 52 12.55 4.18 6.56
C ILE A 52 11.24 3.66 7.14
N HIS A 53 10.77 2.51 6.62
CA HIS A 53 9.54 1.87 7.04
C HIS A 53 9.73 1.28 8.44
N LYS A 54 8.80 1.53 9.37
CA LYS A 54 8.86 1.04 10.76
C LYS A 54 7.49 0.64 11.32
N GLU A 55 7.46 -0.19 12.35
CA GLU A 55 6.26 -0.59 13.08
C GLU A 55 5.71 0.48 14.06
N ASP A 56 6.35 1.65 14.09
CA ASP A 56 6.04 2.76 15.00
C ASP A 56 4.70 3.46 14.68
N HIS A 57 4.13 3.12 13.51
CA HIS A 57 3.01 3.81 12.90
C HIS A 57 1.68 3.03 12.85
N GLN A 58 0.86 3.37 11.85
CA GLN A 58 -0.37 2.70 11.40
C GLN A 58 -0.50 2.83 9.87
N LEU A 59 -1.34 2.00 9.26
CA LEU A 59 -1.68 2.03 7.84
C LEU A 59 -3.09 2.62 7.64
N GLU A 60 -3.42 3.05 6.43
CA GLU A 60 -4.75 3.54 6.06
C GLU A 60 -5.44 2.62 5.03
N PRO A 61 -6.57 1.96 5.36
CA PRO A 61 -7.32 1.13 4.42
C PRO A 61 -8.11 2.00 3.43
N ILE A 62 -8.13 1.64 2.14
CA ILE A 62 -8.83 2.41 1.10
C ILE A 62 -9.69 1.47 0.27
N TYR A 63 -10.99 1.70 0.26
CA TYR A 63 -12.00 0.84 -0.34
C TYR A 63 -12.42 1.34 -1.73
N ARG A 64 -11.57 2.18 -2.34
CA ARG A 64 -11.73 2.78 -3.67
C ARG A 64 -10.39 3.21 -4.33
N ALA B 1 4.44 0.52 -2.60
CA ALA B 1 5.23 1.44 -3.41
C ALA B 1 4.38 2.06 -4.51
N ARG B 2 4.36 3.39 -4.51
CA ARG B 2 3.82 4.23 -5.58
C ARG B 2 4.51 4.00 -6.93
N THR B 3 3.71 3.68 -7.95
CA THR B 3 4.04 3.61 -9.38
C THR B 3 3.04 4.46 -10.20
OH ALY B 4 -4.14 9.21 -6.55
CH ALY B 4 -4.76 8.16 -6.67
CH3 ALY B 4 -5.84 7.80 -5.69
NZ ALY B 4 -4.53 7.27 -7.64
CE ALY B 4 -3.54 7.42 -8.70
CD ALY B 4 -2.19 6.84 -8.25
CG ALY B 4 -1.16 6.88 -9.37
CB ALY B 4 0.21 6.37 -8.87
CA ALY B 4 1.18 6.14 -10.04
N ALY B 4 2.32 5.37 -9.53
C ALY B 4 1.65 7.45 -10.72
O ALY B 4 1.84 8.48 -10.07
HH31 ALY B 4 -6.79 7.72 -6.21
HH32 ALY B 4 -5.91 8.58 -4.92
HH33 ALY B 4 -5.59 6.86 -5.21
HZ ALY B 4 -5.11 6.45 -7.65
HE3 ALY B 4 -3.89 6.89 -9.59
HE2 ALY B 4 -3.41 8.47 -8.95
HD3 ALY B 4 -1.83 7.40 -7.39
HD2 ALY B 4 -2.34 5.79 -7.96
HG3 ALY B 4 -1.50 6.24 -10.20
HG2 ALY B 4 -1.06 7.91 -9.74
HB3 ALY B 4 0.62 7.09 -8.17
HB2 ALY B 4 0.05 5.44 -8.31
HA ALY B 4 0.67 5.54 -10.78
H ALY B 4 2.54 5.50 -8.54
N GLN B 5 1.88 7.41 -12.04
CA GLN B 5 2.30 8.56 -12.83
C GLN B 5 1.23 9.67 -12.86
N THR B 6 1.66 10.94 -12.86
CA THR B 6 0.77 12.12 -12.92
C THR B 6 0.17 12.32 -14.33
N ALA B 7 -0.99 12.99 -14.41
CA ALA B 7 -1.65 13.32 -15.68
C ALA B 7 -0.87 14.39 -16.48
N ARG B 8 -0.95 14.32 -17.82
CA ARG B 8 -0.30 15.23 -18.80
C ARG B 8 -1.23 15.56 -19.98
ZN ZN C . 1.34 -8.02 -0.68
ZN ZN D . 5.03 2.26 6.64
N GLY A 1 -21.08 -5.41 -2.53
CA GLY A 1 -20.33 -4.12 -2.47
C GLY A 1 -18.83 -4.30 -2.73
N PRO A 2 -18.11 -3.22 -3.08
CA PRO A 2 -16.70 -3.29 -3.53
C PRO A 2 -15.66 -3.45 -2.42
N LEU A 3 -16.04 -3.32 -1.15
CA LEU A 3 -15.16 -3.23 0.03
C LEU A 3 -14.17 -4.40 0.18
N GLY A 4 -14.54 -5.59 -0.30
CA GLY A 4 -13.68 -6.79 -0.29
C GLY A 4 -12.82 -7.01 -1.54
N SER A 5 -12.90 -6.12 -2.55
CA SER A 5 -12.32 -6.30 -3.88
C SER A 5 -11.79 -5.01 -4.53
N VAL A 6 -11.46 -3.99 -3.74
CA VAL A 6 -11.02 -2.67 -4.20
C VAL A 6 -9.74 -2.72 -5.01
N GLN A 7 -9.75 -2.20 -6.23
CA GLN A 7 -8.59 -2.15 -7.11
C GLN A 7 -7.83 -0.82 -7.00
N HIS A 8 -6.51 -0.87 -6.81
CA HIS A 8 -5.64 0.31 -6.82
C HIS A 8 -4.58 0.29 -7.92
N VAL A 9 -5.05 0.51 -9.14
CA VAL A 9 -4.24 0.76 -10.35
C VAL A 9 -3.39 2.02 -10.10
N GLY A 10 -2.10 1.81 -9.83
CA GLY A 10 -1.16 2.84 -9.36
C GLY A 10 -0.47 2.55 -8.03
N PHE A 11 -0.83 1.49 -7.27
CA PHE A 11 -0.16 1.11 -6.02
C PHE A 11 0.18 -0.39 -6.00
N LYS A 12 1.37 -0.78 -6.48
CA LYS A 12 1.87 -2.18 -6.42
C LYS A 12 2.52 -2.40 -5.04
N CYS A 13 2.29 -3.54 -4.40
CA CYS A 13 2.79 -3.88 -3.07
C CYS A 13 4.34 -3.90 -2.98
N ASP A 14 4.83 -3.59 -1.80
CA ASP A 14 6.25 -3.66 -1.43
C ASP A 14 6.65 -4.93 -0.68
N ASN A 15 5.73 -5.54 0.08
CA ASN A 15 5.98 -6.82 0.74
C ASN A 15 6.22 -7.96 -0.27
N CYS A 16 5.25 -8.22 -1.16
CA CYS A 16 5.24 -9.36 -2.05
C CYS A 16 5.47 -9.01 -3.55
N GLY A 17 5.39 -7.71 -3.89
CA GLY A 17 5.67 -7.19 -5.21
C GLY A 17 4.48 -7.28 -6.18
N ILE A 18 3.31 -7.69 -5.68
CA ILE A 18 2.11 -7.82 -6.49
C ILE A 18 1.66 -6.49 -7.07
N GLU A 19 1.30 -6.53 -8.35
CA GLU A 19 0.74 -5.43 -9.11
C GLU A 19 -0.50 -4.86 -8.40
N PRO A 20 -0.74 -3.54 -8.56
CA PRO A 20 -1.92 -2.84 -8.13
C PRO A 20 -2.85 -3.54 -7.12
N ILE A 21 -2.58 -3.28 -5.83
CA ILE A 21 -3.18 -3.98 -4.67
C ILE A 21 -4.70 -4.11 -4.77
N GLN A 22 -5.19 -5.31 -4.41
CA GLN A 22 -6.60 -5.68 -4.47
C GLN A 22 -7.19 -5.88 -3.07
N GLY A 23 -8.42 -5.42 -2.87
CA GLY A 23 -9.20 -5.57 -1.64
C GLY A 23 -9.29 -4.31 -0.81
N VAL A 24 -8.14 -3.83 -0.34
CA VAL A 24 -7.93 -2.63 0.44
C VAL A 24 -6.48 -2.17 0.24
N ARG A 25 -6.23 -0.87 0.03
CA ARG A 25 -4.85 -0.35 0.04
C ARG A 25 -4.41 -0.13 1.48
N TRP A 26 -3.22 -0.59 1.87
CA TRP A 26 -2.61 -0.22 3.14
C TRP A 26 -1.50 0.79 2.88
N HIS A 27 -1.85 2.06 3.02
CA HIS A 27 -0.96 3.19 2.83
C HIS A 27 -0.17 3.45 4.12
N CYS A 28 1.15 3.41 4.06
CA CYS A 28 1.99 3.73 5.20
C CYS A 28 1.79 5.17 5.72
N GLN A 29 1.57 5.31 7.04
CA GLN A 29 1.26 6.62 7.64
C GLN A 29 2.50 7.49 7.92
N ASP A 30 3.61 6.86 8.32
CA ASP A 30 4.80 7.60 8.78
C ASP A 30 5.91 7.68 7.73
N CYS A 31 5.99 6.68 6.84
CA CYS A 31 6.90 6.71 5.69
C CYS A 31 6.53 7.92 4.77
N PRO A 32 7.51 8.72 4.30
CA PRO A 32 7.27 10.01 3.64
C PRO A 32 6.61 9.91 2.25
N PRO A 33 6.00 10.99 1.72
CA PRO A 33 5.34 10.99 0.41
C PRO A 33 6.23 10.52 -0.75
N GLU A 34 7.53 10.86 -0.71
CA GLU A 34 8.54 10.41 -1.67
C GLU A 34 8.68 8.88 -1.74
N MET A 35 8.46 8.21 -0.61
CA MET A 35 8.46 6.76 -0.40
C MET A 35 7.07 6.33 0.10
N SER A 36 6.03 6.71 -0.64
CA SER A 36 4.68 6.20 -0.39
C SER A 36 4.67 4.68 -0.63
N LEU A 37 4.76 3.96 0.49
CA LEU A 37 4.81 2.49 0.60
C LEU A 37 3.40 1.91 0.73
N ASP A 38 3.20 0.67 0.26
CA ASP A 38 1.90 0.06 0.10
C ASP A 38 1.93 -1.45 0.33
N PHE A 39 0.86 -1.98 0.93
CA PHE A 39 0.71 -3.40 1.21
C PHE A 39 -0.72 -3.93 0.99
N CYS A 40 -0.83 -5.21 0.65
CA CYS A 40 -2.08 -5.96 0.59
C CYS A 40 -2.76 -6.15 1.97
N ASP A 41 -3.99 -6.68 1.95
CA ASP A 41 -4.79 -7.00 3.14
C ASP A 41 -4.10 -7.98 4.12
N SER A 42 -3.25 -8.87 3.60
CA SER A 42 -2.39 -9.78 4.38
C SER A 42 -1.01 -9.17 4.68
N CYS A 43 -0.41 -8.48 3.71
CA CYS A 43 0.95 -8.00 3.75
C CYS A 43 1.13 -6.82 4.72
N SER A 44 0.08 -6.05 4.94
CA SER A 44 0.03 -4.97 5.93
C SER A 44 0.28 -5.47 7.37
N ASP A 45 0.05 -6.76 7.62
CA ASP A 45 0.35 -7.44 8.87
C ASP A 45 1.80 -7.99 8.91
N CYS A 46 2.54 -7.89 7.79
CA CYS A 46 3.92 -8.37 7.69
C CYS A 46 4.93 -7.50 8.47
N LEU A 47 4.56 -6.24 8.74
CA LEU A 47 5.30 -5.29 9.56
C LEU A 47 6.75 -5.10 9.08
N HIS A 48 6.86 -4.54 7.88
CA HIS A 48 8.10 -4.45 7.11
C HIS A 48 8.90 -3.19 7.39
N GLU A 49 10.20 -3.26 7.06
CA GLU A 49 11.17 -2.19 7.27
C GLU A 49 12.21 -2.14 6.13
N THR A 50 12.61 -0.92 5.75
CA THR A 50 13.71 -0.65 4.80
C THR A 50 14.75 0.29 5.47
N ASP A 51 15.42 1.16 4.70
CA ASP A 51 16.26 2.23 5.23
C ASP A 51 15.42 3.39 5.82
N ILE A 52 14.24 3.61 5.24
CA ILE A 52 13.26 4.61 5.67
C ILE A 52 12.07 3.95 6.36
N HIS A 53 11.60 2.83 5.80
CA HIS A 53 10.46 2.11 6.29
C HIS A 53 10.82 1.39 7.57
N LYS A 54 10.01 1.53 8.63
CA LYS A 54 10.25 0.92 9.94
C LYS A 54 8.96 0.45 10.63
N GLU A 55 9.08 -0.46 11.59
CA GLU A 55 7.97 -0.95 12.42
C GLU A 55 7.52 0.03 13.51
N ASP A 56 8.10 1.23 13.55
CA ASP A 56 7.84 2.28 14.54
C ASP A 56 6.46 2.92 14.40
N HIS A 57 5.78 2.66 13.28
CA HIS A 57 4.57 3.34 12.84
C HIS A 57 3.27 2.51 12.89
N GLN A 58 2.33 2.88 12.01
CA GLN A 58 1.07 2.23 11.67
C GLN A 58 0.74 2.44 10.19
N LEU A 59 -0.16 1.62 9.64
CA LEU A 59 -0.67 1.71 8.27
C LEU A 59 -2.10 2.29 8.25
N GLU A 60 -2.54 2.78 7.09
CA GLU A 60 -3.91 3.28 6.87
C GLU A 60 -4.65 2.46 5.78
N PRO A 61 -5.77 1.78 6.10
CA PRO A 61 -6.55 1.00 5.14
C PRO A 61 -7.47 1.91 4.32
N ILE A 62 -7.65 1.61 3.01
CA ILE A 62 -8.55 2.36 2.13
C ILE A 62 -9.47 1.38 1.40
N TYR A 63 -10.78 1.50 1.64
CA TYR A 63 -11.80 0.57 1.22
C TYR A 63 -12.51 1.03 -0.06
N ARG A 64 -11.85 1.92 -0.80
CA ARG A 64 -12.22 2.50 -2.10
C ARG A 64 -10.98 2.96 -2.89
N ALA B 1 4.46 0.60 -3.32
CA ALA B 1 5.12 1.56 -4.20
C ALA B 1 4.10 2.29 -5.07
N ARG B 2 4.07 3.61 -4.91
CA ARG B 2 3.34 4.56 -5.78
C ARG B 2 3.88 4.58 -7.22
N THR B 3 2.99 4.28 -8.17
CA THR B 3 3.16 4.38 -9.63
C THR B 3 1.93 5.10 -10.25
OH ALY B 4 -7.33 6.09 -8.02
CH ALY B 4 -6.68 5.21 -8.58
CH3 ALY B 4 -7.31 3.87 -8.87
NZ ALY B 4 -5.41 5.35 -8.96
CE ALY B 4 -4.58 6.52 -8.69
CD ALY B 4 -3.11 6.10 -8.75
CG ALY B 4 -2.17 7.27 -8.38
CB ALY B 4 -0.70 6.83 -8.35
CA ALY B 4 -0.03 6.58 -9.73
N ALY B 4 1.27 5.95 -9.45
C ALY B 4 0.13 7.83 -10.61
O ALY B 4 -0.05 8.98 -10.17
HH31 ALY B 4 -7.25 3.68 -9.94
HH32 ALY B 4 -8.36 3.88 -8.56
HH33 ALY B 4 -6.77 3.10 -8.33
HZ ALY B 4 -4.97 4.56 -9.41
HE3 ALY B 4 -4.77 7.28 -9.44
HE2 ALY B 4 -4.80 6.92 -7.70
HD3 ALY B 4 -2.96 5.29 -8.03
HD2 ALY B 4 -2.87 5.75 -9.75
HG3 ALY B 4 -2.32 8.08 -9.08
HG2 ALY B 4 -2.45 7.61 -7.38
HB3 ALY B 4 -0.14 7.61 -7.83
HB2 ALY B 4 -0.63 5.93 -7.74
HA ALY B 4 -0.65 5.87 -10.27
H ALY B 4 1.67 6.13 -8.54
N GLN B 5 0.48 7.62 -11.88
CA GLN B 5 0.77 8.68 -12.86
C GLN B 5 -0.46 9.53 -13.24
N THR B 6 -1.66 8.94 -13.22
CA THR B 6 -2.95 9.58 -13.57
C THR B 6 -2.91 10.22 -14.97
N ALA B 7 -2.43 9.46 -15.96
CA ALA B 7 -2.32 9.88 -17.36
C ALA B 7 -3.69 10.09 -18.04
N ARG B 8 -3.72 10.95 -19.07
CA ARG B 8 -4.90 11.23 -19.92
C ARG B 8 -5.31 10.01 -20.76
ZN ZN C . 1.42 -7.92 -1.02
ZN ZN D . 5.90 2.26 6.31
N GLY A 1 -21.21 -4.49 -0.68
CA GLY A 1 -20.27 -3.34 -0.83
C GLY A 1 -18.86 -3.75 -1.20
N PRO A 2 -17.89 -2.81 -1.26
CA PRO A 2 -16.53 -3.06 -1.76
C PRO A 2 -15.65 -3.99 -0.92
N LEU A 3 -15.97 -4.17 0.37
CA LEU A 3 -15.17 -4.89 1.36
C LEU A 3 -14.72 -6.28 0.87
N GLY A 4 -13.39 -6.49 0.82
CA GLY A 4 -12.75 -7.73 0.36
C GLY A 4 -12.50 -7.81 -1.16
N SER A 5 -12.91 -6.78 -1.91
CA SER A 5 -12.83 -6.66 -3.37
C SER A 5 -12.41 -5.26 -3.83
N VAL A 6 -11.86 -4.44 -2.94
CA VAL A 6 -11.52 -3.03 -3.12
C VAL A 6 -10.41 -2.85 -4.13
N GLN A 7 -10.61 -2.01 -5.14
CA GLN A 7 -9.63 -1.76 -6.20
C GLN A 7 -8.96 -0.39 -6.06
N HIS A 8 -7.65 -0.37 -5.86
CA HIS A 8 -6.89 0.87 -5.64
C HIS A 8 -6.02 1.22 -6.85
N VAL A 9 -6.71 1.61 -7.92
CA VAL A 9 -6.14 2.20 -9.15
C VAL A 9 -5.34 3.44 -8.76
N GLY A 10 -4.02 3.41 -9.02
CA GLY A 10 -3.07 4.40 -8.55
C GLY A 10 -2.25 4.02 -7.30
N PHE A 11 -2.38 2.80 -6.76
CA PHE A 11 -1.60 2.34 -5.61
C PHE A 11 -1.09 0.91 -5.81
N LYS A 12 0.08 0.79 -6.44
CA LYS A 12 0.81 -0.48 -6.61
C LYS A 12 1.56 -0.84 -5.32
N CYS A 13 1.64 -2.13 -4.99
CA CYS A 13 2.31 -2.65 -3.81
C CYS A 13 3.85 -2.46 -3.85
N ASP A 14 4.42 -2.34 -2.67
CA ASP A 14 5.86 -2.28 -2.41
C ASP A 14 6.48 -3.62 -1.98
N ASN A 15 5.68 -4.49 -1.37
CA ASN A 15 6.14 -5.82 -0.95
C ASN A 15 6.43 -6.75 -2.15
N CYS A 16 5.42 -6.93 -3.02
CA CYS A 16 5.48 -7.86 -4.15
C CYS A 16 5.52 -7.16 -5.54
N GLY A 17 5.20 -5.86 -5.60
CA GLY A 17 5.29 -5.05 -6.80
C GLY A 17 4.04 -5.11 -7.68
N ILE A 18 2.99 -5.78 -7.21
CA ILE A 18 1.72 -5.91 -7.91
C ILE A 18 1.09 -4.55 -8.18
N GLU A 19 0.56 -4.40 -9.38
CA GLU A 19 -0.23 -3.27 -9.82
C GLU A 19 -1.43 -3.03 -8.90
N PRO A 20 -1.92 -1.78 -8.80
CA PRO A 20 -3.14 -1.41 -8.12
C PRO A 20 -3.81 -2.41 -7.17
N ILE A 21 -3.45 -2.33 -5.89
CA ILE A 21 -3.78 -3.31 -4.85
C ILE A 21 -5.27 -3.64 -4.83
N GLN A 22 -5.56 -4.93 -4.66
CA GLN A 22 -6.91 -5.47 -4.64
C GLN A 22 -7.28 -6.02 -3.25
N GLY A 23 -8.54 -5.81 -2.85
CA GLY A 23 -9.14 -6.33 -1.63
C GLY A 23 -9.32 -5.31 -0.53
N VAL A 24 -8.20 -4.70 -0.12
CA VAL A 24 -8.03 -3.64 0.86
C VAL A 24 -6.66 -3.00 0.59
N ARG A 25 -6.53 -1.67 0.61
CA ARG A 25 -5.20 -1.00 0.55
C ARG A 25 -4.59 -0.98 1.95
N TRP A 26 -3.26 -0.90 2.06
CA TRP A 26 -2.57 -0.79 3.35
C TRP A 26 -1.55 0.33 3.31
N HIS A 27 -2.02 1.53 3.69
CA HIS A 27 -1.19 2.74 3.67
C HIS A 27 -0.38 2.86 4.96
N CYS A 28 0.93 3.07 4.91
CA CYS A 28 1.68 3.29 6.13
C CYS A 28 1.42 4.66 6.74
N GLN A 29 1.10 4.64 8.03
CA GLN A 29 0.62 5.80 8.78
C GLN A 29 1.74 6.82 9.07
N ASP A 30 2.97 6.34 9.29
CA ASP A 30 4.10 7.21 9.62
C ASP A 30 5.05 7.49 8.44
N CYS A 31 5.11 6.59 7.44
CA CYS A 31 5.86 6.86 6.20
C CYS A 31 5.33 8.12 5.46
N PRO A 32 6.20 8.93 4.82
CA PRO A 32 5.82 10.21 4.23
C PRO A 32 5.08 10.05 2.89
N PRO A 33 4.23 11.02 2.46
CA PRO A 33 3.53 10.99 1.17
C PRO A 33 4.44 10.85 -0.06
N GLU A 34 5.66 11.37 0.02
CA GLU A 34 6.69 11.25 -1.04
C GLU A 34 7.06 9.78 -1.33
N MET A 35 7.07 8.94 -0.31
CA MET A 35 7.22 7.48 -0.45
C MET A 35 5.88 6.78 -0.68
N SER A 36 4.88 7.09 0.15
CA SER A 36 3.52 6.50 0.15
C SER A 36 3.55 4.99 -0.11
N LEU A 37 4.18 4.27 0.82
CA LEU A 37 4.30 2.81 0.75
C LEU A 37 2.95 2.14 1.00
N ASP A 38 2.67 1.08 0.22
CA ASP A 38 1.39 0.36 0.25
C ASP A 38 1.59 -1.16 0.13
N PHE A 39 0.70 -1.94 0.75
CA PHE A 39 0.70 -3.40 0.64
C PHE A 39 -0.67 -4.04 0.39
N CYS A 40 -0.67 -5.25 -0.16
CA CYS A 40 -1.85 -6.11 -0.29
C CYS A 40 -2.37 -6.64 1.07
N ASP A 41 -3.54 -7.31 1.04
CA ASP A 41 -4.16 -8.00 2.17
C ASP A 41 -3.28 -9.06 2.84
N SER A 42 -2.39 -9.71 2.09
CA SER A 42 -1.37 -10.65 2.56
C SER A 42 -0.03 -9.95 2.91
N CYS A 43 0.38 -9.00 2.08
CA CYS A 43 1.67 -8.34 2.15
C CYS A 43 1.79 -7.37 3.35
N SER A 44 0.66 -6.83 3.79
CA SER A 44 0.57 -6.01 5.00
C SER A 44 1.01 -6.78 6.26
N ASP A 45 0.90 -8.12 6.23
CA ASP A 45 1.39 -9.00 7.30
C ASP A 45 2.91 -9.24 7.19
N CYS A 46 3.54 -8.80 6.09
CA CYS A 46 4.97 -8.91 5.84
C CYS A 46 5.81 -7.89 6.64
N LEU A 47 5.15 -6.91 7.27
CA LEU A 47 5.72 -5.84 8.12
C LEU A 47 6.62 -4.86 7.34
N HIS A 48 7.78 -5.36 6.98
CA HIS A 48 8.81 -4.86 6.08
C HIS A 48 9.39 -3.46 6.31
N GLU A 49 10.64 -3.29 5.86
CA GLU A 49 11.44 -2.07 6.04
C GLU A 49 12.29 -1.77 4.81
N THR A 50 12.45 -0.47 4.50
CA THR A 50 13.30 0.05 3.42
C THR A 50 14.26 1.10 3.99
N ASP A 51 14.60 2.14 3.24
CA ASP A 51 15.32 3.31 3.72
C ASP A 51 14.43 4.17 4.63
N ILE A 52 13.11 4.15 4.38
CA ILE A 52 12.11 4.97 5.08
C ILE A 52 10.99 4.12 5.68
N HIS A 53 10.66 3.01 5.02
CA HIS A 53 9.74 2.00 5.55
C HIS A 53 10.45 1.33 6.72
N LYS A 54 9.80 1.25 7.89
CA LYS A 54 10.30 0.55 9.08
C LYS A 54 9.20 -0.21 9.82
N GLU A 55 9.57 -1.05 10.79
CA GLU A 55 8.65 -1.70 11.73
C GLU A 55 8.31 -0.82 12.96
N ASP A 56 8.82 0.42 13.02
CA ASP A 56 8.66 1.34 14.15
C ASP A 56 7.22 1.88 14.29
N HIS A 57 6.45 1.72 13.22
CA HIS A 57 5.15 2.29 12.98
C HIS A 57 4.13 1.22 12.56
N GLN A 58 3.00 1.65 12.00
CA GLN A 58 1.82 0.85 11.71
C GLN A 58 1.16 1.26 10.39
N LEU A 59 0.41 0.34 9.79
CA LEU A 59 -0.32 0.53 8.55
C LEU A 59 -1.81 0.85 8.80
N GLU A 60 -2.50 1.36 7.79
CA GLU A 60 -3.94 1.65 7.80
C GLU A 60 -4.66 0.85 6.70
N PRO A 61 -5.61 -0.05 7.04
CA PRO A 61 -6.39 -0.78 6.05
C PRO A 61 -7.49 0.11 5.47
N ILE A 62 -7.68 0.06 4.14
CA ILE A 62 -8.66 0.90 3.44
C ILE A 62 -9.63 -0.02 2.69
N TYR A 63 -10.86 -0.04 3.18
CA TYR A 63 -11.94 -0.96 2.81
C TYR A 63 -12.80 -0.43 1.67
N ARG A 64 -12.30 0.60 0.97
CA ARG A 64 -13.00 1.37 -0.06
C ARG A 64 -12.07 2.14 -1.01
N ALA B 1 2.78 2.16 -2.97
CA ALA B 1 3.46 3.16 -3.80
C ALA B 1 2.46 3.88 -4.68
N ARG B 2 2.48 5.21 -4.61
CA ARG B 2 1.76 6.12 -5.51
C ARG B 2 2.08 5.90 -7.00
N THR B 3 1.04 5.65 -7.78
CA THR B 3 1.01 5.61 -9.27
C THR B 3 -0.25 6.34 -9.78
OH ALY B 4 -8.70 8.33 -8.60
CH ALY B 4 -8.12 7.25 -8.49
CH3 ALY B 4 -8.54 6.11 -9.40
NZ ALY B 4 -7.15 7.00 -7.64
CE ALY B 4 -6.58 7.97 -6.71
CD ALY B 4 -5.05 7.84 -6.62
CG ALY B 4 -4.34 8.15 -7.95
CB ALY B 4 -2.83 7.93 -7.78
CA ALY B 4 -2.10 7.89 -9.16
N ALY B 4 -0.80 7.24 -8.97
C ALY B 4 -1.96 9.27 -9.84
O ALY B 4 -2.11 10.33 -9.20
HH31 ALY B 4 -9.38 6.40 -10.01
HH32 ALY B 4 -8.82 5.25 -8.77
HH33 ALY B 4 -7.70 5.82 -10.03
HZ ALY B 4 -6.73 6.07 -7.67
HE3 ALY B 4 -6.82 8.99 -7.04
HE2 ALY B 4 -7.01 7.82 -5.72
HD3 ALY B 4 -4.69 8.53 -5.86
HD2 ALY B 4 -4.81 6.83 -6.33
HG3 ALY B 4 -4.72 7.48 -8.72
HG2 ALY B 4 -4.53 9.18 -8.24
HB3 ALY B 4 -2.41 8.71 -7.16
HB2 ALY B 4 -2.67 6.97 -7.27
HA ALY B 4 -2.70 7.28 -9.83
H ALY B 4 -0.31 7.46 -8.11
N GLN B 5 -1.65 9.26 -11.14
CA GLN B 5 -1.51 10.46 -11.99
C GLN B 5 -1.97 10.19 -13.44
N THR B 6 -2.30 11.26 -14.19
CA THR B 6 -2.77 11.16 -15.59
C THR B 6 -1.65 10.84 -16.59
N ALA B 7 -0.40 11.22 -16.27
CA ALA B 7 0.78 10.88 -17.08
C ALA B 7 1.15 9.38 -17.01
N ARG B 8 1.70 8.84 -18.10
CA ARG B 8 2.20 7.45 -18.20
C ARG B 8 3.51 7.24 -17.42
ZN ZN C . 1.67 -7.20 -2.52
ZN ZN D . 5.96 2.63 6.93
N GLY A 1 -17.11 -1.84 -7.26
CA GLY A 1 -16.66 -3.25 -7.09
C GLY A 1 -16.74 -3.74 -5.64
N PRO A 2 -16.71 -5.06 -5.40
CA PRO A 2 -16.85 -5.64 -4.06
C PRO A 2 -15.75 -5.26 -3.07
N LEU A 3 -16.11 -5.14 -1.78
CA LEU A 3 -15.23 -4.75 -0.66
C LEU A 3 -14.04 -5.71 -0.44
N GLY A 4 -14.15 -6.97 -0.90
CA GLY A 4 -13.08 -7.98 -0.86
C GLY A 4 -12.28 -8.13 -2.17
N SER A 5 -12.52 -7.26 -3.16
CA SER A 5 -12.02 -7.36 -4.54
C SER A 5 -11.62 -6.00 -5.14
N VAL A 6 -11.33 -5.02 -4.27
CA VAL A 6 -11.08 -3.61 -4.56
C VAL A 6 -9.82 -3.40 -5.40
N GLN A 7 -9.92 -2.63 -6.47
CA GLN A 7 -8.83 -2.45 -7.45
C GLN A 7 -8.19 -1.06 -7.37
N HIS A 8 -6.92 -0.98 -6.97
CA HIS A 8 -6.19 0.28 -6.82
C HIS A 8 -5.15 0.51 -7.90
N VAL A 9 -5.64 0.79 -9.10
CA VAL A 9 -4.84 1.18 -10.27
C VAL A 9 -4.12 2.50 -9.98
N GLY A 10 -2.82 2.39 -9.67
CA GLY A 10 -1.98 3.46 -9.14
C GLY A 10 -1.29 3.17 -7.80
N PHE A 11 -1.57 2.03 -7.15
CA PHE A 11 -0.84 1.59 -5.95
C PHE A 11 -0.32 0.15 -6.13
N LYS A 12 0.90 0.01 -6.67
CA LYS A 12 1.64 -1.28 -6.73
C LYS A 12 2.28 -1.51 -5.35
N CYS A 13 2.26 -2.73 -4.81
CA CYS A 13 2.90 -3.10 -3.55
C CYS A 13 4.42 -2.78 -3.55
N ASP A 14 4.94 -2.43 -2.38
CA ASP A 14 6.37 -2.25 -2.12
C ASP A 14 7.06 -3.50 -1.57
N ASN A 15 6.32 -4.32 -0.82
CA ASN A 15 6.86 -5.47 -0.10
C ASN A 15 7.27 -6.63 -1.03
N CYS A 16 6.38 -7.08 -1.92
CA CYS A 16 6.65 -8.08 -2.94
C CYS A 16 6.82 -7.50 -4.36
N GLY A 17 6.28 -6.30 -4.61
CA GLY A 17 6.34 -5.62 -5.89
C GLY A 17 5.17 -5.92 -6.82
N ILE A 18 4.13 -6.63 -6.33
CA ILE A 18 2.92 -6.89 -7.10
C ILE A 18 2.32 -5.57 -7.60
N GLU A 19 1.89 -5.58 -8.86
CA GLU A 19 1.23 -4.48 -9.56
C GLU A 19 -0.07 -4.03 -8.85
N PRO A 20 -0.83 -3.02 -9.34
CA PRO A 20 -1.97 -2.44 -8.63
C PRO A 20 -2.77 -3.38 -7.70
N ILE A 21 -2.66 -3.12 -6.40
CA ILE A 21 -3.14 -4.01 -5.33
C ILE A 21 -4.64 -4.28 -5.48
N GLN A 22 -4.99 -5.56 -5.30
CA GLN A 22 -6.35 -6.07 -5.36
C GLN A 22 -6.85 -6.45 -3.96
N GLY A 23 -8.15 -6.25 -3.72
CA GLY A 23 -8.85 -6.66 -2.50
C GLY A 23 -9.04 -5.54 -1.50
N VAL A 24 -7.93 -4.97 -1.06
CA VAL A 24 -7.81 -3.89 -0.09
C VAL A 24 -6.43 -3.23 -0.24
N ARG A 25 -6.33 -1.89 -0.22
CA ARG A 25 -5.02 -1.22 -0.13
C ARG A 25 -4.58 -1.11 1.32
N TRP A 26 -3.31 -1.39 1.64
CA TRP A 26 -2.74 -1.08 2.96
C TRP A 26 -1.83 0.13 2.82
N HIS A 27 -2.38 1.27 3.17
CA HIS A 27 -1.73 2.58 3.17
C HIS A 27 -1.02 2.79 4.50
N CYS A 28 0.29 2.99 4.47
CA CYS A 28 1.06 3.34 5.65
C CYS A 28 0.59 4.67 6.29
N GLN A 29 0.32 4.64 7.61
CA GLN A 29 -0.23 5.81 8.32
C GLN A 29 0.83 6.87 8.67
N ASP A 30 2.04 6.43 9.03
CA ASP A 30 3.09 7.31 9.56
C ASP A 30 4.16 7.67 8.52
N CYS A 31 4.41 6.78 7.55
CA CYS A 31 5.31 7.06 6.42
C CYS A 31 4.74 8.24 5.57
N PRO A 32 5.57 9.24 5.18
CA PRO A 32 5.10 10.50 4.59
C PRO A 32 4.51 10.37 3.18
N PRO A 33 3.74 11.37 2.67
CA PRO A 33 3.14 11.34 1.33
C PRO A 33 4.13 11.15 0.16
N GLU A 34 5.36 11.66 0.31
CA GLU A 34 6.47 11.46 -0.64
C GLU A 34 6.84 9.97 -0.78
N MET A 35 6.72 9.22 0.31
CA MET A 35 6.91 7.77 0.42
C MET A 35 5.60 7.11 0.86
N SER A 36 4.51 7.40 0.13
CA SER A 36 3.21 6.74 0.33
C SER A 36 3.36 5.24 -0.01
N LEU A 37 3.62 4.46 1.04
CA LEU A 37 3.99 3.05 1.00
C LEU A 37 2.74 2.14 1.01
N ASP A 38 2.88 0.98 0.37
CA ASP A 38 1.79 0.06 0.06
C ASP A 38 2.15 -1.41 0.31
N PHE A 39 1.19 -2.15 0.88
CA PHE A 39 1.27 -3.60 1.03
C PHE A 39 -0.03 -4.24 0.51
N CYS A 40 0.08 -5.35 -0.22
CA CYS A 40 -1.08 -6.09 -0.65
C CYS A 40 -1.80 -6.83 0.50
N ASP A 41 -3.02 -7.32 0.22
CA ASP A 41 -3.75 -8.22 1.12
C ASP A 41 -2.96 -9.49 1.55
N SER A 42 -1.89 -9.83 0.84
CA SER A 42 -0.95 -10.90 1.19
C SER A 42 0.21 -10.42 2.08
N CYS A 43 0.81 -9.27 1.72
CA CYS A 43 1.96 -8.65 2.35
C CYS A 43 1.60 -7.82 3.61
N SER A 44 0.35 -7.43 3.77
CA SER A 44 -0.10 -6.63 4.91
C SER A 44 0.09 -7.31 6.29
N ASP A 45 0.32 -8.62 6.30
CA ASP A 45 0.73 -9.39 7.48
C ASP A 45 2.21 -9.11 7.88
N CYS A 46 2.98 -8.48 6.98
CA CYS A 46 4.36 -8.10 7.19
C CYS A 46 4.49 -6.91 8.16
N LEU A 47 5.67 -6.80 8.78
CA LEU A 47 6.10 -5.64 9.58
C LEU A 47 7.47 -5.18 9.07
N HIS A 48 7.45 -4.25 8.12
CA HIS A 48 8.61 -3.83 7.34
C HIS A 48 9.17 -2.45 7.70
N GLU A 49 10.44 -2.24 7.37
CA GLU A 49 11.19 -1.00 7.58
C GLU A 49 12.15 -0.72 6.42
N THR A 50 12.29 0.56 6.07
CA THR A 50 13.30 1.07 5.12
C THR A 50 14.16 2.14 5.81
N ASP A 51 14.64 3.16 5.09
CA ASP A 51 15.28 4.35 5.67
C ASP A 51 14.26 5.28 6.34
N ILE A 52 13.05 5.33 5.80
CA ILE A 52 11.92 6.12 6.28
C ILE A 52 10.85 5.23 6.90
N HIS A 53 10.61 4.07 6.28
CA HIS A 53 9.62 3.11 6.74
C HIS A 53 10.12 2.42 8.00
N LYS A 54 9.30 2.32 9.05
CA LYS A 54 9.65 1.73 10.34
C LYS A 54 8.49 0.97 10.99
N GLU A 55 8.81 0.03 11.88
CA GLU A 55 7.83 -0.73 12.66
C GLU A 55 7.19 0.06 13.83
N ASP A 56 7.51 1.35 13.93
CA ASP A 56 7.04 2.29 14.95
C ASP A 56 5.54 2.65 14.79
N HIS A 57 4.95 2.30 13.64
CA HIS A 57 3.63 2.76 13.23
C HIS A 57 2.52 1.69 13.21
N GLN A 58 1.52 1.96 12.36
CA GLN A 58 0.40 1.11 11.95
C GLN A 58 0.01 1.38 10.48
N LEU A 59 -0.71 0.46 9.86
CA LEU A 59 -1.23 0.57 8.49
C LEU A 59 -2.73 0.92 8.49
N GLU A 60 -3.24 1.41 7.35
CA GLU A 60 -4.66 1.67 7.14
C GLU A 60 -5.22 0.85 5.95
N PRO A 61 -6.18 -0.06 6.16
CA PRO A 61 -6.82 -0.80 5.08
C PRO A 61 -7.87 0.06 4.37
N ILE A 62 -7.98 -0.05 3.03
CA ILE A 62 -8.97 0.69 2.23
C ILE A 62 -9.80 -0.29 1.42
N TYR A 63 -11.08 -0.36 1.75
CA TYR A 63 -12.05 -1.33 1.26
C TYR A 63 -12.83 -0.80 0.05
N ARG A 64 -12.29 0.24 -0.59
CA ARG A 64 -12.85 0.94 -1.75
C ARG A 64 -11.80 1.72 -2.53
N ALA B 1 4.12 1.55 -3.76
CA ALA B 1 4.48 2.73 -4.55
C ALA B 1 3.26 3.34 -5.19
N ARG B 2 3.03 4.61 -4.85
CA ARG B 2 2.07 5.58 -5.43
C ARG B 2 2.33 5.94 -6.91
N THR B 3 2.26 4.96 -7.81
CA THR B 3 2.34 5.19 -9.28
C THR B 3 1.17 6.04 -9.80
OH ALY B 4 -7.55 6.47 -8.06
CH ALY B 4 -7.29 5.91 -7.00
CH3 ALY B 4 -8.41 5.51 -6.07
NZ ALY B 4 -6.06 5.62 -6.60
CE ALY B 4 -4.85 5.88 -7.39
CD ALY B 4 -4.36 7.33 -7.18
CG ALY B 4 -3.29 7.73 -8.20
CB ALY B 4 -1.93 7.05 -7.96
CA ALY B 4 -1.00 7.16 -9.19
N ALY B 4 0.12 6.22 -9.00
C ALY B 4 -0.55 8.62 -9.42
O ALY B 4 -1.15 9.34 -10.22
HH31 ALY B 4 -8.15 5.82 -5.05
HH32 ALY B 4 -8.54 4.44 -6.11
HH33 ALY B 4 -9.33 6.00 -6.37
HZ ALY B 4 -5.94 5.11 -5.74
HE3 ALY B 4 -4.07 5.18 -7.09
HE2 ALY B 4 -5.06 5.72 -8.45
HD3 ALY B 4 -5.22 8.00 -7.31
HD2 ALY B 4 -3.99 7.45 -6.17
HG3 ALY B 4 -3.65 7.48 -9.20
HG2 ALY B 4 -3.15 8.82 -8.15
HB3 ALY B 4 -1.45 7.52 -7.09
HB2 ALY B 4 -2.09 6.02 -7.71
HA ALY B 4 -1.56 6.85 -10.07
H ALY B 4 0.06 5.59 -8.20
N GLN B 5 0.49 9.08 -8.70
CA GLN B 5 1.00 10.45 -8.81
C GLN B 5 1.56 10.72 -10.22
N THR B 6 1.01 11.75 -10.90
CA THR B 6 1.32 12.13 -12.29
C THR B 6 1.13 10.97 -13.29
N ALA B 7 0.10 10.14 -13.09
CA ALA B 7 -0.30 9.08 -14.03
C ALA B 7 -0.90 9.64 -15.33
N ARG B 8 -0.82 8.85 -16.41
CA ARG B 8 -1.35 9.16 -17.76
C ARG B 8 -1.79 7.87 -18.50
ZN ZN C . 2.76 -7.67 -1.84
ZN ZN D . 5.15 2.44 6.66
N GLY A 1 -18.69 -9.70 -1.11
CA GLY A 1 -19.00 -8.25 -1.20
C GLY A 1 -17.79 -7.42 -1.62
N PRO A 2 -17.99 -6.21 -2.18
CA PRO A 2 -16.93 -5.42 -2.83
C PRO A 2 -15.84 -4.91 -1.88
N LEU A 3 -16.16 -4.79 -0.58
CA LEU A 3 -15.24 -4.39 0.49
C LEU A 3 -14.07 -5.37 0.71
N GLY A 4 -14.18 -6.61 0.20
CA GLY A 4 -13.12 -7.63 0.15
C GLY A 4 -12.48 -7.81 -1.23
N SER A 5 -12.75 -6.91 -2.18
CA SER A 5 -12.36 -6.99 -3.61
C SER A 5 -12.01 -5.61 -4.20
N VAL A 6 -11.59 -4.68 -3.34
CA VAL A 6 -11.33 -3.27 -3.60
C VAL A 6 -10.12 -3.06 -4.50
N GLN A 7 -10.26 -2.29 -5.57
CA GLN A 7 -9.21 -2.03 -6.54
C GLN A 7 -8.55 -0.65 -6.32
N HIS A 8 -7.23 -0.62 -6.07
CA HIS A 8 -6.49 0.62 -5.82
C HIS A 8 -5.54 0.95 -6.97
N VAL A 9 -6.16 1.31 -8.10
CA VAL A 9 -5.49 1.88 -9.28
C VAL A 9 -4.72 3.13 -8.89
N GLY A 10 -3.40 3.10 -9.09
CA GLY A 10 -2.45 4.11 -8.60
C GLY A 10 -1.70 3.74 -7.32
N PHE A 11 -1.85 2.53 -6.76
CA PHE A 11 -1.13 2.10 -5.54
C PHE A 11 -0.61 0.67 -5.67
N LYS A 12 0.59 0.52 -6.21
CA LYS A 12 1.33 -0.75 -6.31
C LYS A 12 2.06 -1.04 -4.99
N CYS A 13 2.10 -2.29 -4.57
CA CYS A 13 2.71 -2.73 -3.32
C CYS A 13 4.25 -2.53 -3.26
N ASP A 14 4.75 -2.37 -2.04
CA ASP A 14 6.18 -2.30 -1.69
C ASP A 14 6.78 -3.65 -1.31
N ASN A 15 6.00 -4.51 -0.64
CA ASN A 15 6.47 -5.84 -0.23
C ASN A 15 6.80 -6.76 -1.43
N CYS A 16 5.78 -7.02 -2.29
CA CYS A 16 5.87 -8.00 -3.36
C CYS A 16 5.98 -7.36 -4.77
N GLY A 17 5.68 -6.05 -4.87
CA GLY A 17 5.83 -5.25 -6.07
C GLY A 17 4.60 -5.29 -6.99
N ILE A 18 3.54 -5.99 -6.57
CA ILE A 18 2.32 -6.16 -7.35
C ILE A 18 1.67 -4.82 -7.71
N GLU A 19 1.23 -4.73 -8.95
CA GLU A 19 0.46 -3.63 -9.49
C GLU A 19 -0.80 -3.36 -8.64
N PRO A 20 -1.28 -2.10 -8.61
CA PRO A 20 -2.52 -1.70 -8.00
C PRO A 20 -3.26 -2.67 -7.08
N ILE A 21 -2.97 -2.57 -5.78
CA ILE A 21 -3.38 -3.51 -4.74
C ILE A 21 -4.87 -3.84 -4.80
N GLN A 22 -5.18 -5.13 -4.63
CA GLN A 22 -6.54 -5.66 -4.70
C GLN A 22 -7.03 -6.17 -3.34
N GLY A 23 -8.31 -5.96 -3.04
CA GLY A 23 -9.00 -6.45 -1.85
C GLY A 23 -9.29 -5.38 -0.81
N VAL A 24 -8.22 -4.77 -0.32
CA VAL A 24 -8.11 -3.71 0.66
C VAL A 24 -6.72 -3.09 0.46
N ARG A 25 -6.57 -1.75 0.45
CA ARG A 25 -5.22 -1.15 0.45
C ARG A 25 -4.74 -1.03 1.89
N TRP A 26 -3.43 -0.93 2.08
CA TRP A 26 -2.84 -0.66 3.38
C TRP A 26 -1.93 0.54 3.27
N HIS A 27 -2.47 1.69 3.69
CA HIS A 27 -1.81 2.99 3.63
C HIS A 27 -0.92 3.13 4.85
N CYS A 28 0.37 3.29 4.66
CA CYS A 28 1.28 3.53 5.77
C CYS A 28 0.97 4.85 6.50
N GLN A 29 0.83 4.80 7.84
CA GLN A 29 0.43 6.00 8.61
C GLN A 29 1.60 7.00 8.79
N ASP A 30 2.81 6.50 9.03
CA ASP A 30 3.97 7.34 9.41
C ASP A 30 4.94 7.59 8.24
N CYS A 31 5.05 6.65 7.30
CA CYS A 31 5.83 6.87 6.07
C CYS A 31 5.24 8.07 5.28
N PRO A 32 6.06 9.01 4.77
CA PRO A 32 5.59 10.28 4.22
C PRO A 32 4.89 10.17 2.85
N PRO A 33 4.02 11.12 2.46
CA PRO A 33 3.34 11.14 1.16
C PRO A 33 4.27 11.12 -0.07
N GLU A 34 5.48 11.67 0.06
CA GLU A 34 6.53 11.62 -0.97
C GLU A 34 6.94 10.18 -1.33
N MET A 35 6.96 9.30 -0.33
CA MET A 35 7.21 7.85 -0.49
C MET A 35 5.92 7.05 -0.74
N SER A 36 4.88 7.31 0.07
CA SER A 36 3.55 6.67 0.08
C SER A 36 3.64 5.14 -0.07
N LEU A 37 4.01 4.47 1.03
CA LEU A 37 4.17 3.01 1.07
C LEU A 37 2.80 2.32 1.12
N ASP A 38 2.69 1.14 0.48
CA ASP A 38 1.45 0.38 0.39
C ASP A 38 1.67 -1.13 0.45
N PHE A 39 0.71 -1.86 1.02
CA PHE A 39 0.76 -3.32 1.14
C PHE A 39 -0.58 -3.99 0.82
N CYS A 40 -0.53 -5.21 0.27
CA CYS A 40 -1.69 -6.06 0.07
C CYS A 40 -2.35 -6.57 1.38
N ASP A 41 -3.51 -7.22 1.24
CA ASP A 41 -4.21 -7.92 2.32
C ASP A 41 -3.35 -8.98 3.06
N SER A 42 -2.39 -9.59 2.36
CA SER A 42 -1.38 -10.50 2.92
C SER A 42 -0.11 -9.77 3.37
N CYS A 43 0.37 -8.81 2.58
CA CYS A 43 1.66 -8.14 2.78
C CYS A 43 1.62 -7.13 3.94
N SER A 44 0.43 -6.67 4.32
CA SER A 44 0.22 -5.85 5.51
C SER A 44 0.60 -6.58 6.81
N ASP A 45 0.67 -7.91 6.77
CA ASP A 45 1.20 -8.75 7.84
C ASP A 45 2.74 -8.84 7.81
N CYS A 46 3.37 -8.34 6.74
CA CYS A 46 4.82 -8.20 6.66
C CYS A 46 5.29 -7.05 7.55
N LEU A 47 6.46 -7.22 8.16
CA LEU A 47 7.14 -6.16 8.91
C LEU A 47 8.32 -5.60 8.10
N HIS A 48 7.97 -4.91 7.02
CA HIS A 48 8.91 -4.37 6.04
C HIS A 48 9.38 -2.96 6.42
N GLU A 49 10.57 -2.60 5.97
CA GLU A 49 11.23 -1.32 6.26
C GLU A 49 12.12 -0.87 5.09
N THR A 50 12.32 0.45 4.97
CA THR A 50 13.19 1.06 3.95
C THR A 50 14.20 2.03 4.59
N ASP A 51 14.69 3.00 3.81
CA ASP A 51 15.50 4.12 4.29
C ASP A 51 14.68 5.10 5.12
N ILE A 52 13.36 5.11 4.94
CA ILE A 52 12.42 5.93 5.66
C ILE A 52 11.45 5.10 6.47
N HIS A 53 10.89 4.05 5.85
CA HIS A 53 9.97 3.18 6.51
C HIS A 53 10.70 2.37 7.53
N LYS A 54 10.16 2.35 8.74
CA LYS A 54 10.62 1.44 9.78
C LYS A 54 9.47 0.75 10.53
N GLU A 55 9.79 -0.27 11.31
CA GLU A 55 8.91 -1.01 12.21
C GLU A 55 8.37 -0.18 13.38
N ASP A 56 8.74 1.10 13.45
CA ASP A 56 8.26 2.05 14.44
C ASP A 56 6.76 2.33 14.29
N HIS A 57 6.20 2.10 13.08
CA HIS A 57 4.84 2.49 12.76
C HIS A 57 3.84 1.35 12.53
N GLN A 58 2.63 1.79 12.15
CA GLN A 58 1.39 1.05 11.94
C GLN A 58 0.69 1.44 10.63
N LEU A 59 -0.03 0.51 10.02
CA LEU A 59 -0.74 0.67 8.75
C LEU A 59 -2.24 0.99 8.94
N GLU A 60 -2.84 1.61 7.91
CA GLU A 60 -4.29 1.86 7.81
C GLU A 60 -4.97 1.03 6.71
N PRO A 61 -5.96 0.17 7.00
CA PRO A 61 -6.69 -0.59 5.99
C PRO A 61 -7.71 0.30 5.26
N ILE A 62 -7.89 0.10 3.95
CA ILE A 62 -8.75 0.94 3.11
C ILE A 62 -9.66 0.03 2.29
N TYR A 63 -10.93 0.06 2.63
CA TYR A 63 -11.96 -0.85 2.14
C TYR A 63 -12.73 -0.26 0.94
N ARG A 64 -12.20 0.82 0.35
CA ARG A 64 -12.78 1.59 -0.77
C ARG A 64 -11.75 2.25 -1.68
N ALA B 1 3.31 1.99 -2.66
CA ALA B 1 4.02 2.92 -3.54
C ALA B 1 3.05 3.60 -4.48
N ARG B 2 3.00 4.93 -4.45
CA ARG B 2 2.21 5.75 -5.38
C ARG B 2 2.63 5.57 -6.85
N THR B 3 1.64 5.31 -7.69
CA THR B 3 1.67 5.28 -9.17
C THR B 3 0.44 6.01 -9.75
OH ALY B 4 -6.70 8.76 -9.53
CH ALY B 4 -6.66 9.63 -8.66
CH3 ALY B 4 -6.97 11.07 -9.02
NZ ALY B 4 -6.32 9.42 -7.39
CE ALY B 4 -5.94 8.12 -6.83
CD ALY B 4 -4.42 8.00 -6.69
CG ALY B 4 -3.69 7.97 -8.04
CB ALY B 4 -2.20 7.67 -7.85
CA ALY B 4 -1.45 7.56 -9.20
N ALY B 4 -0.16 6.92 -8.95
C ALY B 4 -1.29 8.91 -9.94
O ALY B 4 -1.39 9.99 -9.36
HH31 ALY B 4 -6.12 11.70 -8.80
HH32 ALY B 4 -7.84 11.39 -8.45
HH33 ALY B 4 -7.22 11.13 -10.09
HZ ALY B 4 -6.32 10.21 -6.77
HE3 ALY B 4 -6.40 8.02 -5.84
HE2 ALY B 4 -6.32 7.30 -7.46
HD3 ALY B 4 -4.04 8.83 -6.09
HD2 ALY B 4 -4.21 7.07 -6.17
HG3 ALY B 4 -4.13 7.18 -8.66
HG2 ALY B 4 -3.82 8.93 -8.54
HB3 ALY B 4 -1.75 8.46 -7.24
HB2 ALY B 4 -2.10 6.74 -7.28
HA ALY B 4 -2.04 6.91 -9.84
H ALY B 4 0.30 7.14 -8.08
N GLN B 5 -1.01 8.83 -11.25
CA GLN B 5 -0.87 9.99 -12.16
C GLN B 5 -1.34 9.66 -13.59
N THR B 6 -1.63 10.69 -14.38
CA THR B 6 -2.12 10.55 -15.77
C THR B 6 -1.02 10.09 -16.75
N ALA B 7 0.25 10.46 -16.50
CA ALA B 7 1.41 10.03 -17.28
C ALA B 7 1.71 8.52 -17.11
N ARG B 8 2.20 7.87 -18.17
CA ARG B 8 2.65 6.46 -18.17
C ARG B 8 3.99 6.27 -17.44
ZN ZN C . 1.98 -7.23 -1.90
ZN ZN D . 5.45 2.22 6.03
N GLY A 1 -18.54 0.42 -6.15
CA GLY A 1 -17.40 -0.44 -5.75
C GLY A 1 -17.54 -0.97 -4.33
N PRO A 2 -17.74 -2.30 -4.12
CA PRO A 2 -17.95 -2.89 -2.80
C PRO A 2 -16.77 -2.72 -1.82
N LEU A 3 -17.07 -2.62 -0.52
CA LEU A 3 -16.08 -2.47 0.56
C LEU A 3 -15.05 -3.61 0.65
N GLY A 4 -15.43 -4.82 0.21
CA GLY A 4 -14.54 -5.99 0.08
C GLY A 4 -13.78 -6.10 -1.26
N SER A 5 -13.92 -5.12 -2.16
CA SER A 5 -13.44 -5.16 -3.55
C SER A 5 -13.07 -3.77 -4.11
N VAL A 6 -12.61 -2.87 -3.23
CA VAL A 6 -12.24 -1.49 -3.51
C VAL A 6 -11.02 -1.42 -4.40
N GLN A 7 -11.08 -0.62 -5.47
CA GLN A 7 -9.90 -0.34 -6.28
C GLN A 7 -9.02 0.75 -5.66
N HIS A 8 -7.69 0.59 -5.75
CA HIS A 8 -6.68 1.60 -5.40
C HIS A 8 -5.83 1.98 -6.62
N VAL A 9 -6.47 2.44 -7.70
CA VAL A 9 -5.78 2.99 -8.88
C VAL A 9 -4.84 4.12 -8.44
N GLY A 10 -3.56 3.94 -8.77
CA GLY A 10 -2.45 4.78 -8.29
C GLY A 10 -1.65 4.19 -7.11
N PHE A 11 -1.96 2.98 -6.64
CA PHE A 11 -1.27 2.33 -5.52
C PHE A 11 -0.99 0.85 -5.81
N LYS A 12 0.13 0.57 -6.47
CA LYS A 12 0.69 -0.78 -6.70
C LYS A 12 1.44 -1.22 -5.42
N CYS A 13 1.31 -2.48 -5.02
CA CYS A 13 1.94 -3.06 -3.84
C CYS A 13 3.48 -3.13 -3.94
N ASP A 14 4.14 -3.22 -2.78
CA ASP A 14 5.57 -3.43 -2.60
C ASP A 14 5.96 -4.87 -2.21
N ASN A 15 5.12 -5.59 -1.45
CA ASN A 15 5.39 -7.00 -1.10
C ASN A 15 5.39 -7.92 -2.34
N CYS A 16 4.30 -7.86 -3.12
CA CYS A 16 4.06 -8.69 -4.29
C CYS A 16 4.58 -8.01 -5.57
N GLY A 17 4.45 -6.68 -5.62
CA GLY A 17 4.66 -5.86 -6.80
C GLY A 17 3.43 -5.81 -7.70
N ILE A 18 2.30 -6.37 -7.26
CA ILE A 18 1.03 -6.32 -7.97
C ILE A 18 0.61 -4.87 -8.19
N GLU A 19 0.14 -4.59 -9.40
CA GLU A 19 -0.35 -3.28 -9.85
C GLU A 19 -1.57 -2.85 -9.00
N PRO A 20 -2.17 -1.65 -9.20
CA PRO A 20 -3.17 -1.08 -8.32
C PRO A 20 -4.03 -2.05 -7.48
N ILE A 21 -3.77 -2.03 -6.18
CA ILE A 21 -4.27 -2.99 -5.19
C ILE A 21 -5.81 -3.05 -5.23
N GLN A 22 -6.37 -4.18 -4.82
CA GLN A 22 -7.81 -4.38 -4.75
C GLN A 22 -8.27 -4.91 -3.38
N GLY A 23 -9.40 -4.40 -2.89
CA GLY A 23 -10.09 -4.82 -1.66
C GLY A 23 -10.11 -3.76 -0.57
N VAL A 24 -8.93 -3.46 -0.06
CA VAL A 24 -8.61 -2.47 0.97
C VAL A 24 -7.16 -2.00 0.73
N ARG A 25 -6.88 -0.69 0.76
CA ARG A 25 -5.50 -0.20 0.60
C ARG A 25 -4.77 -0.41 1.94
N TRP A 26 -3.44 -0.48 1.94
CA TRP A 26 -2.67 -0.45 3.19
C TRP A 26 -1.52 0.55 3.07
N HIS A 27 -1.80 1.78 3.50
CA HIS A 27 -0.89 2.92 3.45
C HIS A 27 -0.01 2.92 4.70
N CYS A 28 1.32 2.92 4.59
CA CYS A 28 2.12 3.06 5.80
C CYS A 28 2.02 4.46 6.43
N GLN A 29 1.76 4.48 7.74
CA GLN A 29 1.52 5.70 8.52
C GLN A 29 2.80 6.56 8.61
N ASP A 30 3.95 5.91 8.83
CA ASP A 30 5.21 6.60 9.13
C ASP A 30 6.20 6.67 7.95
N CYS A 31 6.13 5.74 6.98
CA CYS A 31 6.93 5.83 5.75
C CYS A 31 6.62 7.15 4.97
N PRO A 32 7.62 7.77 4.31
CA PRO A 32 7.46 9.09 3.70
C PRO A 32 6.69 9.06 2.37
N PRO A 33 6.02 10.16 1.96
CA PRO A 33 5.33 10.26 0.67
C PRO A 33 6.20 9.99 -0.56
N GLU A 34 7.51 10.26 -0.46
CA GLU A 34 8.51 9.95 -1.49
C GLU A 34 8.53 8.47 -1.85
N MET A 35 8.48 7.60 -0.83
CA MET A 35 8.37 6.14 -0.99
C MET A 35 6.92 5.69 -1.20
N SER A 36 6.00 6.14 -0.35
CA SER A 36 4.58 5.75 -0.27
C SER A 36 4.35 4.24 -0.48
N LEU A 37 4.74 3.47 0.54
CA LEU A 37 4.67 2.00 0.51
C LEU A 37 3.25 1.47 0.77
N ASP A 38 2.88 0.40 0.07
CA ASP A 38 1.52 -0.16 0.01
C ASP A 38 1.49 -1.69 0.05
N PHE A 39 0.41 -2.25 0.64
CA PHE A 39 0.16 -3.69 0.69
C PHE A 39 -1.31 -4.08 0.37
N CYS A 40 -1.51 -5.26 -0.20
CA CYS A 40 -2.79 -5.92 -0.39
C CYS A 40 -3.47 -6.39 0.92
N ASP A 41 -4.75 -6.79 0.82
CA ASP A 41 -5.51 -7.43 1.90
C ASP A 41 -4.85 -8.70 2.49
N SER A 42 -4.08 -9.44 1.68
CA SER A 42 -3.36 -10.65 2.07
C SER A 42 -1.93 -10.39 2.61
N CYS A 43 -1.16 -9.53 1.93
CA CYS A 43 0.26 -9.33 2.17
C CYS A 43 0.57 -8.25 3.22
N SER A 44 -0.39 -7.38 3.52
CA SER A 44 -0.34 -6.45 4.66
C SER A 44 -0.15 -7.19 6.00
N ASP A 45 -0.35 -8.51 6.02
CA ASP A 45 -0.11 -9.36 7.18
C ASP A 45 1.39 -9.68 7.37
N CYS A 46 2.25 -9.32 6.39
CA CYS A 46 3.64 -9.76 6.35
C CYS A 46 4.62 -8.94 7.20
N LEU A 47 4.21 -7.71 7.57
CA LEU A 47 5.00 -6.79 8.39
C LEU A 47 6.40 -6.55 7.79
N HIS A 48 6.39 -6.05 6.57
CA HIS A 48 7.55 -5.95 5.69
C HIS A 48 8.45 -4.75 5.96
N GLU A 49 9.72 -4.87 5.58
CA GLU A 49 10.74 -3.87 5.82
C GLU A 49 11.72 -3.74 4.64
N THR A 50 12.14 -2.52 4.35
CA THR A 50 13.16 -2.17 3.34
C THR A 50 14.26 -1.31 3.99
N ASP A 51 14.86 -0.39 3.24
CA ASP A 51 15.77 0.63 3.79
C ASP A 51 15.00 1.69 4.59
N ILE A 52 13.73 1.92 4.25
CA ILE A 52 12.86 2.91 4.89
C ILE A 52 11.62 2.26 5.52
N HIS A 53 11.06 1.25 4.84
CA HIS A 53 9.96 0.46 5.36
C HIS A 53 10.52 -0.35 6.54
N LYS A 54 9.87 -0.29 7.71
CA LYS A 54 10.23 -1.06 8.91
C LYS A 54 9.01 -1.56 9.68
N GLU A 55 9.23 -2.43 10.67
CA GLU A 55 8.22 -2.86 11.64
C GLU A 55 8.06 -1.90 12.84
N ASP A 56 8.77 -0.77 12.84
CA ASP A 56 8.77 0.21 13.95
C ASP A 56 7.45 0.98 14.03
N HIS A 57 6.67 0.92 12.95
CA HIS A 57 5.49 1.71 12.68
C HIS A 57 4.30 0.83 12.27
N GLN A 58 3.22 1.50 11.88
CA GLN A 58 1.89 0.97 11.63
C GLN A 58 1.39 1.30 10.22
N LEU A 59 0.48 0.48 9.68
CA LEU A 59 -0.20 0.68 8.40
C LEU A 59 -1.67 1.11 8.62
N GLU A 60 -2.23 1.85 7.66
CA GLU A 60 -3.62 2.32 7.67
C GLU A 60 -4.45 1.55 6.61
N PRO A 61 -5.47 0.78 7.01
CA PRO A 61 -6.38 0.14 6.07
C PRO A 61 -7.37 1.17 5.48
N ILE A 62 -7.64 1.11 4.16
CA ILE A 62 -8.53 2.06 3.49
C ILE A 62 -9.61 1.28 2.73
N TYR A 63 -10.86 1.47 3.16
CA TYR A 63 -12.04 0.74 2.70
C TYR A 63 -12.80 1.49 1.60
N ARG A 64 -12.12 2.45 0.95
CA ARG A 64 -12.63 3.30 -0.13
C ARG A 64 -11.56 3.82 -1.10
N ALA B 1 3.44 1.40 -3.21
CA ALA B 1 4.18 2.27 -4.11
C ALA B 1 3.23 3.14 -4.92
N ARG B 2 3.42 4.46 -4.82
CA ARG B 2 2.73 5.47 -5.64
C ARG B 2 2.93 5.29 -7.15
N THR B 3 1.81 5.24 -7.87
CA THR B 3 1.67 5.29 -9.34
C THR B 3 0.53 6.25 -9.74
OH ALY B 4 -4.81 11.82 -4.40
CH ALY B 4 -4.98 11.88 -5.62
CH3 ALY B 4 -5.08 13.23 -6.30
NZ ALY B 4 -5.09 10.82 -6.41
CE ALY B 4 -5.03 9.43 -5.96
CD ALY B 4 -3.61 8.88 -6.01
CG ALY B 4 -3.07 8.77 -7.44
CB ALY B 4 -1.65 8.18 -7.45
CA ALY B 4 -1.15 7.91 -8.90
N ALY B 4 0.07 7.08 -8.80
C ALY B 4 -0.96 9.20 -9.73
O ALY B 4 -1.87 9.59 -10.46
HH31 ALY B 4 -4.96 14.02 -5.56
HH32 ALY B 4 -6.05 13.32 -6.77
HH33 ALY B 4 -4.30 13.31 -7.05
HZ ALY B 4 -5.25 10.99 -7.39
HE3 ALY B 4 -5.41 9.35 -4.94
HE2 ALY B 4 -5.68 8.82 -6.59
HD3 ALY B 4 -2.95 9.52 -5.43
HD2 ALY B 4 -3.61 7.89 -5.57
HG3 ALY B 4 -3.73 8.13 -8.02
HG2 ALY B 4 -3.05 9.77 -7.90
HB3 ALY B 4 -0.97 8.87 -6.95
HB2 ALY B 4 -1.67 7.24 -6.89
HA ALY B 4 -1.91 7.33 -9.41
H ALY B 4 0.53 7.07 -7.90
N GLN B 5 0.19 9.86 -9.62
CA GLN B 5 0.50 11.10 -10.35
C GLN B 5 0.47 10.89 -11.88
N THR B 6 -0.35 11.67 -12.59
CA THR B 6 -0.45 11.68 -14.06
C THR B 6 0.72 12.44 -14.72
N ALA B 7 0.97 12.20 -16.01
CA ALA B 7 1.96 12.89 -16.85
C ALA B 7 3.41 12.88 -16.29
N ARG B 8 3.80 11.77 -15.63
CA ARG B 8 5.11 11.54 -15.00
C ARG B 8 5.58 10.08 -15.13
ZN ZN C . 0.71 -7.33 -2.03
ZN ZN D . 6.26 1.75 6.63
N GLY A 1 -15.65 -2.06 -9.53
CA GLY A 1 -15.34 -3.46 -9.14
C GLY A 1 -15.63 -3.74 -7.66
N PRO A 2 -15.73 -5.02 -7.25
CA PRO A 2 -16.11 -5.41 -5.88
C PRO A 2 -15.13 -4.94 -4.79
N LEU A 3 -15.66 -4.64 -3.60
CA LEU A 3 -14.91 -4.14 -2.42
C LEU A 3 -13.83 -5.10 -1.91
N GLY A 4 -13.93 -6.40 -2.23
CA GLY A 4 -12.94 -7.45 -1.91
C GLY A 4 -12.06 -7.86 -3.10
N SER A 5 -12.09 -7.12 -4.21
CA SER A 5 -11.42 -7.42 -5.49
C SER A 5 -10.89 -6.15 -6.18
N VAL A 6 -10.58 -5.12 -5.40
CA VAL A 6 -10.19 -3.76 -5.79
C VAL A 6 -8.82 -3.73 -6.45
N GLN A 7 -8.72 -3.11 -7.61
CA GLN A 7 -7.46 -3.01 -8.38
C GLN A 7 -6.79 -1.64 -8.21
N HIS A 8 -5.58 -1.61 -7.64
CA HIS A 8 -4.81 -0.38 -7.41
C HIS A 8 -3.64 -0.26 -8.38
N VAL A 9 -3.97 -0.08 -9.66
CA VAL A 9 -3.02 0.25 -10.72
C VAL A 9 -2.29 1.55 -10.36
N GLY A 10 -0.95 1.47 -10.32
CA GLY A 10 -0.08 2.53 -9.78
C GLY A 10 0.36 2.34 -8.32
N PHE A 11 0.04 1.21 -7.66
CA PHE A 11 0.48 0.93 -6.30
C PHE A 11 0.94 -0.53 -6.15
N LYS A 12 2.22 -0.77 -6.44
CA LYS A 12 2.92 -2.05 -6.21
C LYS A 12 3.34 -2.12 -4.72
N CYS A 13 3.28 -3.29 -4.11
CA CYS A 13 3.59 -3.51 -2.69
C CYS A 13 5.10 -3.37 -2.35
N ASP A 14 5.38 -3.10 -1.07
CA ASP A 14 6.71 -3.03 -0.45
C ASP A 14 7.13 -4.34 0.25
N ASN A 15 6.21 -5.05 0.91
CA ASN A 15 6.52 -6.33 1.56
C ASN A 15 6.93 -7.43 0.56
N CYS A 16 6.06 -7.71 -0.41
CA CYS A 16 6.20 -8.77 -1.39
C CYS A 16 6.97 -8.29 -2.63
N GLY A 17 6.75 -7.03 -3.01
CA GLY A 17 7.18 -6.43 -4.25
C GLY A 17 6.22 -6.70 -5.40
N ILE A 18 5.06 -7.33 -5.11
CA ILE A 18 4.02 -7.63 -6.09
C ILE A 18 3.53 -6.35 -6.73
N GLU A 19 3.33 -6.43 -8.04
CA GLU A 19 2.81 -5.36 -8.89
C GLU A 19 1.39 -4.91 -8.44
N PRO A 20 0.76 -3.89 -9.05
CA PRO A 20 -0.47 -3.28 -8.55
C PRO A 20 -1.41 -4.12 -7.69
N ILE A 21 -1.51 -3.74 -6.41
CA ILE A 21 -2.17 -4.51 -5.35
C ILE A 21 -3.64 -4.79 -5.69
N GLN A 22 -4.08 -6.00 -5.37
CA GLN A 22 -5.43 -6.47 -5.62
C GLN A 22 -6.19 -6.74 -4.30
N GLY A 23 -7.49 -6.46 -4.30
CA GLY A 23 -8.44 -6.75 -3.22
C GLY A 23 -8.85 -5.56 -2.39
N VAL A 24 -7.85 -4.94 -1.77
CA VAL A 24 -7.87 -3.77 -0.91
C VAL A 24 -6.43 -3.23 -0.92
N ARG A 25 -6.22 -1.91 -1.02
CA ARG A 25 -4.87 -1.35 -0.82
C ARG A 25 -4.69 -1.04 0.67
N TRP A 26 -3.44 -0.98 1.11
CA TRP A 26 -3.10 -0.54 2.46
C TRP A 26 -2.13 0.61 2.36
N HIS A 27 -2.66 1.81 2.53
CA HIS A 27 -1.93 3.06 2.47
C HIS A 27 -1.29 3.31 3.83
N CYS A 28 0.02 3.50 3.85
CA CYS A 28 0.70 3.88 5.06
C CYS A 28 0.31 5.30 5.54
N GLN A 29 -0.06 5.46 6.81
CA GLN A 29 -0.51 6.77 7.31
C GLN A 29 0.63 7.77 7.56
N ASP A 30 1.77 7.30 8.08
CA ASP A 30 2.86 8.18 8.55
C ASP A 30 4.08 8.19 7.62
N CYS A 31 4.31 7.11 6.85
CA CYS A 31 5.33 7.13 5.80
C CYS A 31 4.99 8.22 4.75
N PRO A 32 5.97 9.02 4.26
CA PRO A 32 5.70 10.22 3.46
C PRO A 32 5.22 9.93 2.02
N PRO A 33 4.47 10.84 1.37
CA PRO A 33 4.01 10.68 -0.02
C PRO A 33 5.12 10.45 -1.06
N GLU A 34 6.33 10.97 -0.80
CA GLU A 34 7.52 10.73 -1.62
C GLU A 34 7.89 9.23 -1.71
N MET A 35 7.70 8.50 -0.60
CA MET A 35 7.88 7.04 -0.53
C MET A 35 6.60 6.28 -0.86
N SER A 36 5.45 6.70 -0.29
CA SER A 36 4.11 6.11 -0.42
C SER A 36 4.12 4.57 -0.35
N LEU A 37 4.29 4.05 0.88
CA LEU A 37 4.36 2.62 1.12
C LEU A 37 2.99 1.94 1.00
N ASP A 38 2.97 0.70 0.51
CA ASP A 38 1.75 -0.06 0.27
C ASP A 38 1.88 -1.56 0.60
N PHE A 39 0.78 -2.14 1.06
CA PHE A 39 0.69 -3.57 1.40
C PHE A 39 -0.60 -4.21 0.87
N CYS A 40 -0.53 -5.48 0.49
CA CYS A 40 -1.65 -6.31 0.08
C CYS A 40 -2.63 -6.68 1.22
N ASP A 41 -3.74 -7.33 0.86
CA ASP A 41 -4.71 -7.90 1.79
C ASP A 41 -4.10 -8.92 2.78
N SER A 42 -3.07 -9.67 2.37
CA SER A 42 -2.37 -10.68 3.17
C SER A 42 -1.18 -10.11 3.95
N CYS A 43 -0.34 -9.28 3.30
CA CYS A 43 0.94 -8.83 3.83
C CYS A 43 0.86 -7.58 4.72
N SER A 44 -0.25 -6.84 4.63
CA SER A 44 -0.58 -5.76 5.56
C SER A 44 -0.67 -6.26 7.02
N ASP A 45 -0.69 -7.58 7.23
CA ASP A 45 -0.56 -8.20 8.56
C ASP A 45 0.88 -8.08 9.13
N CYS A 46 1.86 -7.70 8.30
CA CYS A 46 3.25 -7.57 8.67
C CYS A 46 3.57 -6.17 9.21
N LEU A 47 4.34 -6.13 10.30
CA LEU A 47 4.83 -4.90 10.90
C LEU A 47 6.21 -4.54 10.32
N HIS A 48 6.19 -4.12 9.05
CA HIS A 48 7.37 -3.91 8.23
C HIS A 48 7.97 -2.51 8.40
N GLU A 49 9.25 -2.33 8.03
CA GLU A 49 9.99 -1.09 8.20
C GLU A 49 11.08 -0.93 7.12
N THR A 50 11.45 0.33 6.82
CA THR A 50 12.53 0.67 5.89
C THR A 50 13.50 1.69 6.52
N ASP A 51 14.19 2.49 5.71
CA ASP A 51 15.01 3.62 6.13
C ASP A 51 14.16 4.80 6.62
N ILE A 52 12.90 4.85 6.18
CA ILE A 52 11.91 5.85 6.57
C ILE A 52 10.75 5.22 7.33
N HIS A 53 10.23 4.12 6.80
CA HIS A 53 9.13 3.43 7.43
C HIS A 53 9.62 2.77 8.68
N LYS A 54 8.87 2.99 9.75
CA LYS A 54 9.08 2.26 10.99
C LYS A 54 7.79 1.76 11.62
N GLU A 55 7.90 0.84 12.57
CA GLU A 55 6.81 0.29 13.38
C GLU A 55 6.16 1.32 14.34
N ASP A 56 6.59 2.58 14.26
CA ASP A 56 6.02 3.72 14.95
C ASP A 56 4.58 4.01 14.49
N HIS A 57 4.21 3.57 13.27
CA HIS A 57 2.93 3.89 12.68
C HIS A 57 1.96 2.71 12.42
N GLN A 58 0.87 3.08 11.75
CA GLN A 58 -0.31 2.29 11.42
C GLN A 58 -0.78 2.54 9.98
N LEU A 59 -1.40 1.54 9.37
CA LEU A 59 -1.92 1.55 8.00
C LEU A 59 -3.40 1.91 7.93
N GLU A 60 -3.86 2.30 6.74
CA GLU A 60 -5.30 2.45 6.45
C GLU A 60 -5.72 1.63 5.20
N PRO A 61 -6.82 0.85 5.29
CA PRO A 61 -7.32 0.01 4.18
C PRO A 61 -8.11 0.85 3.17
N ILE A 62 -8.11 0.45 1.89
CA ILE A 62 -8.75 1.17 0.80
C ILE A 62 -9.55 0.17 -0.04
N TYR A 63 -10.87 0.27 0.06
CA TYR A 63 -11.84 -0.67 -0.48
C TYR A 63 -12.37 -0.23 -1.86
N ARG A 64 -11.65 0.69 -2.50
CA ARG A 64 -12.02 1.35 -3.76
C ARG A 64 -10.85 1.90 -4.59
N ALA B 1 4.22 1.12 -2.54
CA ALA B 1 5.11 1.92 -3.36
C ALA B 1 4.35 2.48 -4.55
N ARG B 2 4.28 3.82 -4.65
CA ARG B 2 3.75 4.52 -5.82
C ARG B 2 4.50 4.21 -7.12
N THR B 3 3.75 3.79 -8.13
CA THR B 3 4.14 3.61 -9.54
C THR B 3 3.14 4.32 -10.47
OH ALY B 4 -5.03 9.20 -9.15
CH ALY B 4 -4.72 8.78 -10.26
CH3 ALY B 4 -5.02 9.62 -11.48
NZ ALY B 4 -4.16 7.59 -10.50
CE ALY B 4 -3.83 6.60 -9.47
CD ALY B 4 -2.37 6.71 -9.01
CG ALY B 4 -1.37 6.34 -10.12
CB ALY B 4 0.04 6.16 -9.52
CA ALY B 4 1.10 5.78 -10.58
N ALY B 4 2.19 5.08 -9.90
C ALY B 4 1.62 7.00 -11.38
O ALY B 4 2.35 7.83 -10.84
HH31 ALY B 4 -5.38 10.60 -11.18
HH32 ALY B 4 -5.78 9.12 -12.08
HH33 ALY B 4 -4.12 9.74 -12.06
HZ ALY B 4 -3.96 7.35 -11.45
HE3 ALY B 4 -4.49 6.75 -8.60
HE2 ALY B 4 -4.01 5.60 -9.86
HD3 ALY B 4 -2.18 7.73 -8.67
HD2 ALY B 4 -2.24 6.03 -8.18
HG3 ALY B 4 -1.68 5.41 -10.59
HG2 ALY B 4 -1.35 7.12 -10.88
HB3 ALY B 4 0.34 7.08 -9.01
HB2 ALY B 4 -0.03 5.37 -8.76
HA ALY B 4 0.64 5.08 -11.29
H ALY B 4 2.23 5.18 -8.90
N GLN B 5 1.25 7.11 -12.67
CA GLN B 5 1.82 8.10 -13.60
C GLN B 5 1.49 9.56 -13.24
N THR B 6 0.31 9.80 -12.66
CA THR B 6 -0.16 11.10 -12.14
C THR B 6 -1.21 10.90 -11.03
N ALA B 7 -1.59 11.96 -10.31
CA ALA B 7 -2.58 11.93 -9.23
C ALA B 7 -3.44 13.21 -9.19
N ARG B 8 -4.71 13.07 -8.77
CA ARG B 8 -5.67 14.17 -8.59
C ARG B 8 -5.31 15.08 -7.40
ZN ZN C . 2.28 -7.44 -0.36
ZN ZN D . 4.67 2.55 6.34
N GLY A 1 -18.06 -0.59 -3.78
CA GLY A 1 -16.71 -0.98 -4.29
C GLY A 1 -16.49 -2.50 -4.26
N PRO A 2 -15.45 -3.02 -4.94
CA PRO A 2 -15.24 -4.48 -5.11
C PRO A 2 -14.89 -5.28 -3.84
N LEU A 3 -14.40 -4.61 -2.80
CA LEU A 3 -14.07 -5.11 -1.45
C LEU A 3 -12.98 -6.20 -1.31
N GLY A 4 -12.99 -7.22 -2.16
CA GLY A 4 -12.14 -8.43 -2.06
C GLY A 4 -11.30 -8.77 -3.30
N SER A 5 -11.33 -7.91 -4.33
CA SER A 5 -10.74 -8.14 -5.66
C SER A 5 -10.09 -6.88 -6.28
N VAL A 6 -9.90 -5.83 -5.47
CA VAL A 6 -9.51 -4.48 -5.86
C VAL A 6 -8.10 -4.45 -6.42
N GLN A 7 -7.92 -3.89 -7.61
CA GLN A 7 -6.63 -3.85 -8.32
C GLN A 7 -5.99 -2.46 -8.27
N HIS A 8 -4.82 -2.35 -7.64
CA HIS A 8 -4.10 -1.08 -7.48
C HIS A 8 -2.88 -1.00 -8.37
N VAL A 9 -3.13 -0.90 -9.68
CA VAL A 9 -2.13 -0.61 -10.71
C VAL A 9 -1.44 0.71 -10.39
N GLY A 10 -0.10 0.66 -10.26
CA GLY A 10 0.70 1.77 -9.75
C GLY A 10 0.99 1.72 -8.24
N PHE A 11 0.64 0.63 -7.53
CA PHE A 11 1.00 0.43 -6.13
C PHE A 11 1.49 -1.00 -5.88
N LYS A 12 2.78 -1.23 -6.08
CA LYS A 12 3.47 -2.50 -5.70
C LYS A 12 3.77 -2.43 -4.19
N CYS A 13 3.65 -3.55 -3.50
CA CYS A 13 3.88 -3.66 -2.07
C CYS A 13 5.37 -3.46 -1.67
N ASP A 14 5.58 -3.08 -0.40
CA ASP A 14 6.88 -2.96 0.27
C ASP A 14 7.28 -4.17 1.12
N ASN A 15 6.32 -4.82 1.81
CA ASN A 15 6.60 -5.95 2.70
C ASN A 15 7.14 -7.17 1.96
N CYS A 16 6.42 -7.61 0.92
CA CYS A 16 6.69 -8.80 0.14
C CYS A 16 7.11 -8.48 -1.33
N GLY A 17 7.03 -7.21 -1.75
CA GLY A 17 7.57 -6.69 -3.00
C GLY A 17 6.73 -7.01 -4.22
N ILE A 18 5.57 -7.62 -3.99
CA ILE A 18 4.64 -8.03 -5.03
C ILE A 18 4.14 -6.83 -5.82
N GLU A 19 4.05 -7.02 -7.13
CA GLU A 19 3.57 -6.04 -8.12
C GLU A 19 2.13 -5.58 -7.80
N PRO A 20 1.55 -4.59 -8.50
CA PRO A 20 0.29 -3.96 -8.14
C PRO A 20 -0.72 -4.75 -7.28
N ILE A 21 -0.87 -4.28 -6.04
CA ILE A 21 -1.60 -4.97 -4.97
C ILE A 21 -3.03 -5.32 -5.38
N GLN A 22 -3.42 -6.54 -5.00
CA GLN A 22 -4.76 -7.08 -5.29
C GLN A 22 -5.56 -7.30 -4.00
N GLY A 23 -6.88 -7.08 -4.08
CA GLY A 23 -7.86 -7.34 -3.03
C GLY A 23 -8.39 -6.10 -2.34
N VAL A 24 -7.48 -5.37 -1.72
CA VAL A 24 -7.62 -4.14 -0.95
C VAL A 24 -6.22 -3.49 -0.91
N ARG A 25 -6.10 -2.16 -1.07
CA ARG A 25 -4.80 -1.48 -0.81
C ARG A 25 -4.64 -1.28 0.69
N TRP A 26 -3.40 -1.08 1.15
CA TRP A 26 -3.14 -0.63 2.52
C TRP A 26 -2.17 0.52 2.48
N HIS A 27 -2.73 1.73 2.46
CA HIS A 27 -2.00 2.98 2.29
C HIS A 27 -1.55 3.48 3.65
N CYS A 28 -0.23 3.51 3.87
CA CYS A 28 0.36 4.07 5.08
C CYS A 28 -0.10 5.52 5.34
N GLN A 29 -0.63 5.79 6.54
CA GLN A 29 -1.20 7.10 6.88
C GLN A 29 -0.14 8.15 7.24
N ASP A 30 0.94 7.73 7.91
CA ASP A 30 1.94 8.65 8.48
C ASP A 30 3.25 8.72 7.66
N CYS A 31 3.60 7.64 6.96
CA CYS A 31 4.77 7.60 6.08
C CYS A 31 4.62 8.63 4.92
N PRO A 32 5.72 9.31 4.47
CA PRO A 32 5.63 10.45 3.56
C PRO A 32 5.28 10.06 2.11
N PRO A 33 4.71 10.96 1.30
CA PRO A 33 4.33 10.69 -0.10
C PRO A 33 5.51 10.35 -1.02
N GLU A 34 6.70 10.86 -0.68
CA GLU A 34 7.97 10.52 -1.35
C GLU A 34 8.28 9.01 -1.30
N MET A 35 7.93 8.35 -0.18
CA MET A 35 8.01 6.90 -0.02
C MET A 35 6.72 6.17 -0.44
N SER A 36 5.56 6.69 -0.02
CA SER A 36 4.19 6.16 -0.21
C SER A 36 4.15 4.62 -0.12
N LEU A 37 4.21 4.15 1.13
CA LEU A 37 4.33 2.74 1.46
C LEU A 37 2.98 2.01 1.35
N ASP A 38 3.02 0.74 0.91
CA ASP A 38 1.82 -0.08 0.70
C ASP A 38 2.00 -1.54 1.10
N PHE A 39 0.90 -2.17 1.52
CA PHE A 39 0.83 -3.58 1.92
C PHE A 39 -0.42 -4.27 1.31
N CYS A 40 -0.32 -5.58 1.07
CA CYS A 40 -1.37 -6.46 0.61
C CYS A 40 -2.38 -6.84 1.72
N ASP A 41 -3.46 -7.52 1.31
CA ASP A 41 -4.44 -8.13 2.22
C ASP A 41 -3.82 -9.12 3.22
N SER A 42 -2.73 -9.81 2.85
CA SER A 42 -2.01 -10.78 3.67
C SER A 42 -0.90 -10.15 4.52
N CYS A 43 -0.06 -9.29 3.91
CA CYS A 43 1.15 -8.78 4.52
C CYS A 43 0.95 -7.49 5.35
N SER A 44 -0.15 -6.77 5.13
CA SER A 44 -0.56 -5.67 6.02
C SER A 44 -0.86 -6.16 7.45
N ASP A 45 -0.97 -7.48 7.64
CA ASP A 45 -1.03 -8.10 8.97
C ASP A 45 0.29 -7.92 9.75
N CYS A 46 1.35 -7.46 9.06
CA CYS A 46 2.64 -7.15 9.67
C CYS A 46 2.70 -5.69 10.11
N LEU A 47 3.18 -5.48 11.34
CA LEU A 47 3.49 -4.16 11.90
C LEU A 47 4.97 -3.84 11.59
N HIS A 48 5.19 -3.28 10.39
CA HIS A 48 6.51 -3.11 9.79
C HIS A 48 7.14 -1.73 9.98
N GLU A 49 8.47 -1.68 9.89
CA GLU A 49 9.29 -0.49 10.06
C GLU A 49 10.53 -0.52 9.14
N THR A 50 10.91 0.65 8.61
CA THR A 50 12.17 0.89 7.89
C THR A 50 12.94 2.04 8.57
N ASP A 51 13.71 2.84 7.82
CA ASP A 51 14.31 4.09 8.29
C ASP A 51 13.28 5.23 8.40
N ILE A 52 12.29 5.21 7.50
CA ILE A 52 11.12 6.09 7.50
C ILE A 52 9.94 5.41 8.17
N HIS A 53 9.68 4.17 7.76
CA HIS A 53 8.47 3.44 8.11
C HIS A 53 8.59 3.01 9.56
N LYS A 54 7.54 3.23 10.38
CA LYS A 54 7.54 2.88 11.82
C LYS A 54 6.20 2.37 12.32
N GLU A 55 6.20 1.66 13.44
CA GLU A 55 5.00 1.16 14.12
C GLU A 55 4.21 2.24 14.88
N ASP A 56 4.66 3.50 14.80
CA ASP A 56 4.07 4.65 15.49
C ASP A 56 2.70 5.06 14.93
N HIS A 57 2.33 4.49 13.77
CA HIS A 57 1.20 4.91 12.97
C HIS A 57 0.02 3.91 12.88
N GLN A 58 -0.73 4.03 11.77
CA GLN A 58 -1.81 3.17 11.32
C GLN A 58 -1.88 3.15 9.76
N LEU A 59 -2.51 2.12 9.20
CA LEU A 59 -2.70 1.94 7.75
C LEU A 59 -4.16 2.20 7.36
N GLU A 60 -4.37 2.68 6.13
CA GLU A 60 -5.71 2.88 5.55
C GLU A 60 -6.06 1.77 4.55
N PRO A 61 -7.09 0.92 4.81
CA PRO A 61 -7.56 -0.06 3.84
C PRO A 61 -8.35 0.64 2.73
N ILE A 62 -8.16 0.23 1.46
CA ILE A 62 -8.81 0.84 0.29
C ILE A 62 -9.51 -0.25 -0.48
N TYR A 63 -10.84 -0.20 -0.45
CA TYR A 63 -11.77 -1.23 -0.92
C TYR A 63 -12.24 -1.00 -2.36
N ARG A 64 -11.51 -0.12 -3.08
CA ARG A 64 -11.85 0.41 -4.41
C ARG A 64 -10.65 0.95 -5.20
N ALA B 1 4.38 0.95 -2.17
CA ALA B 1 5.28 1.75 -2.98
C ALA B 1 4.57 2.23 -4.24
N ARG B 2 4.49 3.56 -4.37
CA ARG B 2 4.04 4.27 -5.58
C ARG B 2 4.90 3.92 -6.82
N THR B 3 4.23 3.46 -7.86
CA THR B 3 4.73 3.21 -9.23
C THR B 3 3.73 3.75 -10.28
OH ALY B 4 -5.94 4.46 -9.35
CH ALY B 4 -5.00 3.72 -9.61
CH3 ALY B 4 -5.18 2.22 -9.55
NZ ALY B 4 -3.78 4.14 -9.97
CE ALY B 4 -3.38 5.55 -10.02
CD ALY B 4 -2.00 5.76 -9.40
CG ALY B 4 -0.86 5.40 -10.37
CB ALY B 4 0.50 5.40 -9.67
CA ALY B 4 1.66 5.12 -10.65
N ALY B 4 2.82 4.65 -9.87
C ALY B 4 2.05 6.32 -11.54
O ALY B 4 1.73 7.47 -11.25
HH31 ALY B 4 -6.18 1.99 -9.20
HH32 ALY B 4 -4.45 1.81 -8.86
HH33 ALY B 4 -5.02 1.80 -10.54
HZ ALY B 4 -3.09 3.44 -10.16
HE3 ALY B 4 -3.38 5.91 -11.05
HE2 ALY B 4 -4.10 6.16 -9.45
HD3 ALY B 4 -1.88 6.81 -9.12
HD2 ALY B 4 -1.91 5.15 -8.49
HG3 ALY B 4 -1.04 4.41 -10.79
HG2 ALY B 4 -0.86 6.12 -11.19
HB3 ALY B 4 0.65 6.36 -9.17
HB2 ALY B 4 0.47 4.64 -8.88
HA ALY B 4 1.34 4.31 -11.31
H ALY B 4 2.89 4.97 -8.92
N GLN B 5 2.77 6.03 -12.63
CA GLN B 5 3.27 7.04 -13.59
C GLN B 5 2.12 7.81 -14.27
N THR B 6 2.25 9.14 -14.36
CA THR B 6 1.28 10.04 -14.99
C THR B 6 1.32 9.99 -16.53
N ALA B 7 0.21 10.36 -17.17
CA ALA B 7 0.05 10.40 -18.64
C ALA B 7 -0.87 11.57 -19.10
N ARG B 8 -0.75 11.97 -20.36
CA ARG B 8 -1.51 13.06 -21.01
C ARG B 8 -1.77 12.77 -22.50
ZN ZN C . 2.68 -7.58 0.19
ZN ZN D . 4.06 3.16 7.10
N GLY A 1 -17.19 -3.30 -7.43
CA GLY A 1 -16.04 -4.13 -6.94
C GLY A 1 -16.21 -4.50 -5.46
N PRO A 2 -16.41 -5.79 -5.12
CA PRO A 2 -16.61 -6.25 -3.74
C PRO A 2 -15.45 -5.96 -2.78
N LEU A 3 -15.77 -5.85 -1.48
CA LEU A 3 -14.86 -5.44 -0.40
C LEU A 3 -13.69 -6.42 -0.16
N GLY A 4 -13.82 -7.67 -0.60
CA GLY A 4 -12.79 -8.72 -0.50
C GLY A 4 -11.90 -8.91 -1.74
N SER A 5 -12.07 -8.09 -2.78
CA SER A 5 -11.45 -8.26 -4.12
C SER A 5 -11.10 -6.92 -4.80
N VAL A 6 -10.95 -5.87 -3.99
CA VAL A 6 -10.73 -4.49 -4.40
C VAL A 6 -9.44 -4.31 -5.20
N GLN A 7 -9.55 -3.72 -6.39
CA GLN A 7 -8.42 -3.49 -7.28
C GLN A 7 -7.89 -2.04 -7.17
N HIS A 8 -6.61 -1.87 -6.82
CA HIS A 8 -5.98 -0.55 -6.68
C HIS A 8 -4.97 -0.26 -7.78
N VAL A 9 -5.49 -0.12 -9.00
CA VAL A 9 -4.78 0.37 -10.19
C VAL A 9 -4.10 1.70 -9.88
N GLY A 10 -2.76 1.70 -9.93
CA GLY A 10 -1.91 2.81 -9.49
C GLY A 10 -1.18 2.62 -8.16
N PHE A 11 -1.44 1.55 -7.39
CA PHE A 11 -0.82 1.32 -6.08
C PHE A 11 -0.20 -0.07 -5.97
N LYS A 12 1.06 -0.18 -6.38
CA LYS A 12 1.88 -1.40 -6.30
C LYS A 12 2.48 -1.51 -4.88
N CYS A 13 2.52 -2.72 -4.34
CA CYS A 13 3.06 -3.02 -3.01
C CYS A 13 4.57 -2.72 -2.88
N ASP A 14 4.99 -2.39 -1.66
CA ASP A 14 6.38 -2.22 -1.25
C ASP A 14 7.02 -3.50 -0.70
N ASN A 15 6.24 -4.33 -0.01
CA ASN A 15 6.73 -5.55 0.63
C ASN A 15 7.20 -6.62 -0.37
N CYS A 16 6.33 -6.96 -1.33
CA CYS A 16 6.58 -8.01 -2.32
C CYS A 16 6.76 -7.46 -3.77
N GLY A 17 6.42 -6.19 -4.02
CA GLY A 17 6.63 -5.51 -5.28
C GLY A 17 5.52 -5.73 -6.30
N ILE A 18 4.46 -6.46 -5.89
CA ILE A 18 3.32 -6.75 -6.75
C ILE A 18 2.63 -5.48 -7.24
N GLU A 19 2.31 -5.47 -8.52
CA GLU A 19 1.60 -4.42 -9.21
C GLU A 19 0.21 -4.23 -8.57
N PRO A 20 -0.38 -3.02 -8.62
CA PRO A 20 -1.73 -2.74 -8.20
C PRO A 20 -2.45 -3.71 -7.24
N ILE A 21 -2.30 -3.46 -5.94
CA ILE A 21 -2.74 -4.32 -4.85
C ILE A 21 -4.20 -4.77 -5.01
N GLN A 22 -4.44 -6.05 -4.72
CA GLN A 22 -5.75 -6.68 -4.86
C GLN A 22 -6.33 -7.08 -3.49
N GLY A 23 -7.64 -6.92 -3.33
CA GLY A 23 -8.42 -7.31 -2.16
C GLY A 23 -8.83 -6.16 -1.26
N VAL A 24 -7.84 -5.46 -0.72
CA VAL A 24 -7.89 -4.32 0.17
C VAL A 24 -6.54 -3.60 0.06
N ARG A 25 -6.49 -2.27 -0.01
CA ARG A 25 -5.20 -1.56 0.09
C ARG A 25 -4.82 -1.41 1.56
N TRP A 26 -3.53 -1.24 1.84
CA TRP A 26 -3.04 -0.89 3.16
C TRP A 26 -2.12 0.31 3.06
N HIS A 27 -2.74 1.48 3.20
CA HIS A 27 -2.12 2.79 3.02
C HIS A 27 -1.44 3.21 4.32
N CYS A 28 -0.12 3.37 4.30
CA CYS A 28 0.64 3.81 5.46
C CYS A 28 0.19 5.19 5.99
N GLN A 29 -0.03 5.27 7.30
CA GLN A 29 -0.51 6.51 7.95
C GLN A 29 0.61 7.54 8.17
N ASP A 30 1.79 7.08 8.57
CA ASP A 30 2.89 7.97 8.99
C ASP A 30 3.91 8.25 7.88
N CYS A 31 4.14 7.27 6.98
CA CYS A 31 5.05 7.44 5.85
C CYS A 31 4.53 8.57 4.91
N PRO A 32 5.39 9.51 4.46
CA PRO A 32 4.98 10.73 3.78
C PRO A 32 4.52 10.50 2.32
N PRO A 33 3.74 11.42 1.72
CA PRO A 33 3.28 11.33 0.32
C PRO A 33 4.40 11.16 -0.72
N GLU A 34 5.59 11.71 -0.46
CA GLU A 34 6.77 11.56 -1.32
C GLU A 34 7.23 10.09 -1.46
N MET A 35 7.04 9.30 -0.39
CA MET A 35 7.34 7.86 -0.34
C MET A 35 6.13 6.98 -0.69
N SER A 36 4.96 7.29 -0.11
CA SER A 36 3.66 6.62 -0.30
C SER A 36 3.72 5.08 -0.27
N LEU A 37 3.80 4.51 0.94
CA LEU A 37 3.94 3.07 1.14
C LEU A 37 2.60 2.32 1.18
N ASP A 38 2.59 1.11 0.62
CA ASP A 38 1.39 0.28 0.47
C ASP A 38 1.69 -1.22 0.59
N PHE A 39 0.71 -1.97 1.10
CA PHE A 39 0.84 -3.42 1.31
C PHE A 39 -0.43 -4.18 0.94
N CYS A 40 -0.27 -5.43 0.49
CA CYS A 40 -1.35 -6.39 0.30
C CYS A 40 -2.05 -6.80 1.61
N ASP A 41 -3.15 -7.54 1.49
CA ASP A 41 -3.91 -8.12 2.61
C ASP A 41 -3.07 -9.02 3.56
N SER A 42 -2.03 -9.68 3.02
CA SER A 42 -1.03 -10.45 3.75
C SER A 42 0.19 -9.62 4.16
N CYS A 43 0.67 -8.76 3.26
CA CYS A 43 1.90 -8.00 3.42
C CYS A 43 1.79 -6.93 4.52
N SER A 44 0.59 -6.40 4.73
CA SER A 44 0.27 -5.45 5.79
C SER A 44 0.55 -6.00 7.20
N ASP A 45 0.58 -7.33 7.33
CA ASP A 45 0.97 -8.06 8.55
C ASP A 45 2.46 -8.46 8.53
N CYS A 46 3.15 -8.26 7.39
CA CYS A 46 4.55 -8.64 7.22
C CYS A 46 5.53 -7.65 7.89
N LEU A 47 5.08 -6.39 8.06
CA LEU A 47 5.73 -5.33 8.84
C LEU A 47 7.18 -5.05 8.44
N HIS A 48 7.34 -4.42 7.27
CA HIS A 48 8.61 -4.02 6.67
C HIS A 48 8.93 -2.55 6.95
N GLU A 49 10.19 -2.14 6.79
CA GLU A 49 10.67 -0.80 7.11
C GLU A 49 11.70 -0.29 6.09
N THR A 50 11.79 1.03 5.88
CA THR A 50 12.78 1.64 4.98
C THR A 50 13.62 2.70 5.72
N ASP A 51 14.18 3.67 4.99
CA ASP A 51 14.89 4.82 5.54
C ASP A 51 13.95 5.82 6.22
N ILE A 52 12.69 5.83 5.79
CA ILE A 52 11.62 6.64 6.34
C ILE A 52 10.55 5.78 7.00
N HIS A 53 10.18 4.68 6.33
CA HIS A 53 9.17 3.78 6.83
C HIS A 53 9.71 3.03 8.01
N LYS A 54 8.94 3.01 9.09
CA LYS A 54 9.25 2.20 10.27
C LYS A 54 8.04 1.48 10.86
N GLU A 55 8.26 0.45 11.67
CA GLU A 55 7.21 -0.28 12.41
C GLU A 55 6.59 0.52 13.58
N ASP A 56 7.04 1.77 13.77
CA ASP A 56 6.57 2.70 14.79
C ASP A 56 5.12 3.18 14.54
N HIS A 57 4.60 2.99 13.33
CA HIS A 57 3.35 3.58 12.88
C HIS A 57 2.14 2.62 12.92
N GLN A 58 1.14 2.93 12.08
CA GLN A 58 -0.08 2.17 11.80
C GLN A 58 -0.49 2.30 10.33
N LEU A 59 -1.27 1.35 9.81
CA LEU A 59 -1.78 1.31 8.43
C LEU A 59 -3.30 1.58 8.36
N GLU A 60 -3.75 2.09 7.21
CA GLU A 60 -5.17 2.29 6.89
C GLU A 60 -5.66 1.22 5.88
N PRO A 61 -6.58 0.32 6.25
CA PRO A 61 -7.19 -0.62 5.30
C PRO A 61 -8.21 0.08 4.40
N ILE A 62 -8.24 -0.24 3.09
CA ILE A 62 -9.12 0.42 2.12
C ILE A 62 -9.91 -0.65 1.37
N TYR A 63 -11.20 -0.70 1.65
CA TYR A 63 -12.15 -1.72 1.21
C TYR A 63 -12.89 -1.32 -0.08
N ARG A 64 -12.34 -0.32 -0.78
CA ARG A 64 -12.90 0.27 -2.01
C ARG A 64 -11.88 0.92 -2.95
N ALA B 1 3.67 1.87 -2.93
CA ALA B 1 4.34 2.78 -3.89
C ALA B 1 3.38 3.10 -5.04
N ARG B 2 3.54 4.25 -5.69
CA ARG B 2 2.54 4.75 -6.66
C ARG B 2 3.02 4.72 -8.12
N THR B 3 2.19 4.11 -8.95
CA THR B 3 2.23 4.08 -10.42
C THR B 3 1.00 4.80 -11.02
OH ALY B 4 -5.91 9.84 -7.10
CH ALY B 4 -6.00 9.60 -8.30
CH3 ALY B 4 -6.33 10.71 -9.27
NZ ALY B 4 -5.80 8.40 -8.84
CE ALY B 4 -5.46 7.19 -8.08
CD ALY B 4 -3.95 7.00 -7.96
CG ALY B 4 -3.28 6.76 -9.33
CB ALY B 4 -1.79 6.43 -9.14
CA ALY B 4 -1.08 6.10 -10.48
N ALY B 4 0.20 5.44 -10.16
C ALY B 4 -0.89 7.36 -11.34
O ALY B 4 -1.62 7.58 -12.32
HH31 ALY B 4 -6.47 11.65 -8.73
HH32 ALY B 4 -7.25 10.46 -9.80
HH33 ALY B 4 -5.53 10.81 -9.99
HZ ALY B 4 -5.90 8.31 -9.83
HE3 ALY B 4 -5.89 7.25 -7.07
HE2 ALY B 4 -5.90 6.32 -8.58
HD3 ALY B 4 -3.51 7.89 -7.49
HD2 ALY B 4 -3.76 6.15 -7.32
HG3 ALY B 4 -3.76 5.92 -9.83
HG2 ALY B 4 -3.38 7.65 -9.95
HB3 ALY B 4 -1.29 7.26 -8.66
HB2 ALY B 4 -1.71 5.57 -8.46
HA ALY B 4 -1.70 5.41 -11.04
H ALY B 4 0.46 5.43 -9.18
N GLN B 5 0.07 8.21 -10.98
CA GLN B 5 0.45 9.45 -11.65
C GLN B 5 0.99 9.22 -13.09
N THR B 6 0.81 10.21 -13.97
CA THR B 6 1.25 10.15 -15.38
C THR B 6 2.77 10.27 -15.56
N ALA B 7 3.46 10.95 -14.63
CA ALA B 7 4.91 11.19 -14.64
C ALA B 7 5.45 11.87 -15.93
N ARG B 8 4.63 12.71 -16.59
CA ARG B 8 4.94 13.45 -17.83
C ARG B 8 4.34 14.87 -17.81
ZN ZN C . 2.53 -7.45 -1.30
ZN ZN D . 4.83 2.84 6.18
N GLY A 1 -21.13 1.00 -4.51
CA GLY A 1 -19.83 0.72 -5.17
C GLY A 1 -18.93 -0.20 -4.34
N PRO A 2 -17.62 -0.27 -4.67
CA PRO A 2 -16.65 -1.11 -3.97
C PRO A 2 -16.47 -0.79 -2.47
N LEU A 3 -16.07 -1.80 -1.69
CA LEU A 3 -15.68 -1.64 -0.27
C LEU A 3 -14.57 -2.61 0.13
N GLY A 4 -14.83 -3.92 -0.02
CA GLY A 4 -13.85 -5.03 0.15
C GLY A 4 -13.35 -5.61 -1.17
N SER A 5 -13.44 -4.84 -2.26
CA SER A 5 -13.25 -5.21 -3.67
C SER A 5 -12.49 -4.14 -4.48
N VAL A 6 -11.88 -3.19 -3.78
CA VAL A 6 -11.27 -1.96 -4.29
C VAL A 6 -10.01 -2.21 -5.07
N GLN A 7 -9.93 -1.69 -6.29
CA GLN A 7 -8.68 -1.68 -7.04
C GLN A 7 -7.82 -0.46 -6.66
N HIS A 8 -6.49 -0.63 -6.67
CA HIS A 8 -5.53 0.46 -6.57
C HIS A 8 -4.46 0.39 -7.68
N VAL A 9 -4.93 0.64 -8.90
CA VAL A 9 -4.09 0.86 -10.09
C VAL A 9 -3.15 2.03 -9.81
N GLY A 10 -1.85 1.75 -9.76
CA GLY A 10 -0.81 2.66 -9.28
C GLY A 10 -0.21 2.36 -7.90
N PHE A 11 -0.59 1.26 -7.23
CA PHE A 11 -0.06 0.92 -5.90
C PHE A 11 0.16 -0.60 -5.76
N LYS A 12 1.36 -1.06 -6.11
CA LYS A 12 1.82 -2.45 -5.98
C LYS A 12 2.31 -2.71 -4.54
N CYS A 13 1.99 -3.87 -3.96
CA CYS A 13 2.43 -4.31 -2.63
C CYS A 13 3.97 -4.39 -2.54
N ASP A 14 4.52 -4.05 -1.38
CA ASP A 14 5.95 -4.21 -1.08
C ASP A 14 6.29 -5.61 -0.53
N ASN A 15 5.42 -6.18 0.30
CA ASN A 15 5.69 -7.48 0.92
C ASN A 15 5.72 -8.64 -0.10
N CYS A 16 4.63 -8.88 -0.84
CA CYS A 16 4.58 -9.86 -1.91
C CYS A 16 5.38 -9.42 -3.15
N GLY A 17 5.13 -8.16 -3.51
CA GLY A 17 5.51 -7.55 -4.76
C GLY A 17 4.32 -7.49 -5.73
N ILE A 18 3.12 -7.91 -5.29
CA ILE A 18 1.91 -8.05 -6.09
C ILE A 18 1.49 -6.72 -6.71
N GLU A 19 1.15 -6.76 -7.98
CA GLU A 19 0.66 -5.65 -8.77
C GLU A 19 -0.58 -5.00 -8.14
N PRO A 20 -0.81 -3.70 -8.40
CA PRO A 20 -1.98 -2.95 -8.02
C PRO A 20 -2.99 -3.60 -7.07
N ILE A 21 -2.79 -3.32 -5.78
CA ILE A 21 -3.47 -3.98 -4.66
C ILE A 21 -4.99 -4.01 -4.85
N GLN A 22 -5.57 -5.17 -4.54
CA GLN A 22 -7.00 -5.43 -4.64
C GLN A 22 -7.64 -5.60 -3.25
N GLY A 23 -8.88 -5.13 -3.12
CA GLY A 23 -9.72 -5.24 -1.92
C GLY A 23 -9.80 -3.98 -1.10
N VAL A 24 -8.64 -3.54 -0.62
CA VAL A 24 -8.38 -2.38 0.23
C VAL A 24 -6.89 -2.03 0.07
N ARG A 25 -6.52 -0.76 -0.12
CA ARG A 25 -5.10 -0.35 -0.06
C ARG A 25 -4.68 -0.23 1.40
N TRP A 26 -3.39 -0.37 1.69
CA TRP A 26 -2.83 -0.07 3.01
C TRP A 26 -1.66 0.88 2.89
N HIS A 27 -1.95 2.16 3.09
CA HIS A 27 -0.98 3.26 3.05
C HIS A 27 -0.27 3.35 4.39
N CYS A 28 1.07 3.27 4.47
CA CYS A 28 1.71 3.57 5.73
C CYS A 28 1.62 5.06 6.09
N GLN A 29 1.12 5.32 7.29
CA GLN A 29 0.81 6.67 7.75
C GLN A 29 2.05 7.54 7.92
N ASP A 30 3.15 6.94 8.43
CA ASP A 30 4.36 7.69 8.76
C ASP A 30 5.46 7.59 7.68
N CYS A 31 5.48 6.53 6.85
CA CYS A 31 6.38 6.47 5.68
C CYS A 31 6.09 7.63 4.69
N PRO A 32 7.11 8.21 4.02
CA PRO A 32 6.95 9.43 3.22
C PRO A 32 6.39 9.14 1.82
N PRO A 33 5.72 10.11 1.15
CA PRO A 33 5.19 9.94 -0.22
C PRO A 33 6.22 9.52 -1.28
N GLU A 34 7.48 9.93 -1.10
CA GLU A 34 8.60 9.56 -1.97
C GLU A 34 8.84 8.04 -2.04
N MET A 35 8.63 7.34 -0.92
CA MET A 35 8.70 5.87 -0.84
C MET A 35 7.31 5.21 -0.99
N SER A 36 6.28 5.74 -0.31
CA SER A 36 4.87 5.29 -0.29
C SER A 36 4.74 3.76 -0.29
N LEU A 37 5.04 3.16 0.86
CA LEU A 37 4.96 1.72 1.05
C LEU A 37 3.51 1.26 1.25
N ASP A 38 3.18 0.10 0.66
CA ASP A 38 1.81 -0.41 0.58
C ASP A 38 1.74 -1.92 0.83
N PHE A 39 0.62 -2.38 1.39
CA PHE A 39 0.36 -3.81 1.55
C PHE A 39 -1.04 -4.22 1.08
N CYS A 40 -1.18 -5.46 0.61
CA CYS A 40 -2.49 -6.03 0.33
C CYS A 40 -3.30 -6.36 1.60
N ASP A 41 -4.57 -6.71 1.41
CA ASP A 41 -5.44 -7.27 2.44
C ASP A 41 -4.89 -8.53 3.16
N SER A 42 -3.91 -9.20 2.56
CA SER A 42 -3.19 -10.33 3.16
C SER A 42 -1.95 -9.88 3.96
N CYS A 43 -1.18 -8.96 3.38
CA CYS A 43 0.10 -8.46 3.86
C CYS A 43 -0.04 -7.36 4.91
N SER A 44 -1.20 -6.72 4.99
CA SER A 44 -1.52 -5.81 6.09
C SER A 44 -1.48 -6.48 7.47
N ASP A 45 -1.50 -7.82 7.54
CA ASP A 45 -1.26 -8.61 8.75
C ASP A 45 0.24 -8.73 9.10
N CYS A 46 1.14 -8.39 8.16
CA CYS A 46 2.57 -8.36 8.32
C CYS A 46 3.01 -7.16 9.19
N LEU A 47 4.21 -7.26 9.76
CA LEU A 47 4.90 -6.15 10.44
C LEU A 47 6.26 -5.94 9.78
N HIS A 48 6.25 -5.25 8.64
CA HIS A 48 7.38 -5.12 7.74
C HIS A 48 8.22 -3.87 7.99
N GLU A 49 9.53 -3.98 7.71
CA GLU A 49 10.49 -2.88 7.84
C GLU A 49 11.50 -2.86 6.68
N THR A 50 11.88 -1.66 6.25
CA THR A 50 12.91 -1.39 5.23
C THR A 50 13.94 -0.38 5.76
N ASP A 51 14.48 0.50 4.92
CA ASP A 51 15.29 1.64 5.31
C ASP A 51 14.44 2.76 5.93
N ILE A 52 13.16 2.88 5.51
CA ILE A 52 12.20 3.86 6.01
C ILE A 52 11.00 3.18 6.68
N HIS A 53 10.60 2.03 6.15
CA HIS A 53 9.50 1.24 6.69
C HIS A 53 9.98 0.65 8.01
N LYS A 54 9.21 0.84 9.10
CA LYS A 54 9.51 0.32 10.43
C LYS A 54 8.26 -0.12 11.20
N GLU A 55 8.45 -0.80 12.33
CA GLU A 55 7.41 -1.11 13.30
C GLU A 55 7.04 0.05 14.25
N ASP A 56 7.67 1.23 14.09
CA ASP A 56 7.48 2.40 14.94
C ASP A 56 6.12 3.08 14.70
N HIS A 57 5.49 2.75 13.57
CA HIS A 57 4.32 3.40 13.02
C HIS A 57 3.26 2.35 12.61
N GLN A 58 2.25 2.80 11.88
CA GLN A 58 1.04 2.03 11.54
C GLN A 58 0.44 2.43 10.18
N LEU A 59 -0.39 1.55 9.63
CA LEU A 59 -0.97 1.65 8.29
C LEU A 59 -2.42 2.18 8.32
N GLU A 60 -2.86 2.75 7.20
CA GLU A 60 -4.23 3.22 6.95
C GLU A 60 -4.94 2.37 5.88
N PRO A 61 -6.06 1.71 6.20
CA PRO A 61 -6.85 0.97 5.21
C PRO A 61 -7.68 1.92 4.34
N ILE A 62 -7.74 1.68 3.03
CA ILE A 62 -8.43 2.54 2.07
C ILE A 62 -9.46 1.70 1.32
N TYR A 63 -10.73 1.97 1.62
CA TYR A 63 -11.90 1.21 1.18
C TYR A 63 -12.49 1.78 -0.11
N ARG A 64 -11.68 2.56 -0.84
CA ARG A 64 -12.00 3.23 -2.11
C ARG A 64 -10.79 3.61 -2.96
N ALA B 1 4.15 0.32 -2.66
CA ALA B 1 4.98 1.13 -3.55
C ALA B 1 4.12 1.81 -4.61
N ARG B 2 4.17 3.13 -4.63
CA ARG B 2 3.60 3.98 -5.70
C ARG B 2 4.20 3.71 -7.08
N THR B 3 3.36 3.23 -8.00
CA THR B 3 3.60 3.09 -9.45
C THR B 3 2.69 4.06 -10.25
OH ALY B 4 -5.03 8.41 -6.66
CH ALY B 4 -4.72 7.76 -7.66
CH3 ALY B 4 -5.66 7.72 -8.84
NZ ALY B 4 -3.56 7.11 -7.71
CE ALY B 4 -3.04 6.31 -8.82
CD ALY B 4 -2.08 7.15 -9.68
CG ALY B 4 -0.78 7.54 -8.96
CB ALY B 4 0.22 6.39 -8.72
CA ALY B 4 0.86 5.79 -9.99
N ALY B 4 1.77 4.73 -9.54
C ALY B 4 1.55 6.86 -10.87
O ALY B 4 2.39 7.63 -10.38
HH31 ALY B 4 -6.53 8.35 -8.64
HH32 ALY B 4 -6.00 6.69 -8.99
HH33 ALY B 4 -5.15 8.07 -9.73
HZ ALY B 4 -2.98 7.17 -6.89
HE3 ALY B 4 -2.52 5.44 -8.43
HE2 ALY B 4 -3.85 5.95 -9.46
HD3 ALY B 4 -1.84 6.60 -10.59
HD2 ALY B 4 -2.60 8.06 -9.97
HG3 ALY B 4 -0.29 8.32 -9.55
HG2 ALY B 4 -1.03 8.00 -8.00
HB3 ALY B 4 1.02 6.78 -8.09
HB2 ALY B 4 -0.27 5.60 -8.13
HA ALY B 4 0.06 5.32 -10.58
H ALY B 4 1.68 4.48 -8.57
N GLN B 5 1.20 6.92 -12.15
CA GLN B 5 1.66 7.95 -13.09
C GLN B 5 0.97 9.30 -12.85
N THR B 6 1.60 10.41 -13.28
CA THR B 6 1.08 11.78 -13.17
C THR B 6 1.61 12.69 -14.29
N ALA B 7 0.93 13.82 -14.51
CA ALA B 7 1.15 14.79 -15.61
C ALA B 7 0.98 14.21 -17.03
N ARG B 8 1.14 15.07 -18.05
CA ARG B 8 0.99 14.75 -19.49
C ARG B 8 1.95 15.59 -20.35
ZN ZN C . 0.89 -8.60 -0.44
ZN ZN D . 5.73 2.53 7.21
N GLY A 1 -22.48 -5.28 -4.42
CA GLY A 1 -21.34 -4.60 -5.09
C GLY A 1 -19.99 -5.16 -4.65
N PRO A 2 -18.89 -4.84 -5.37
CA PRO A 2 -17.53 -5.33 -5.08
C PRO A 2 -16.94 -4.71 -3.80
N LEU A 3 -16.03 -5.43 -3.14
CA LEU A 3 -15.31 -4.93 -1.95
C LEU A 3 -13.93 -5.58 -1.73
N GLY A 4 -13.82 -6.89 -1.97
CA GLY A 4 -12.61 -7.71 -1.75
C GLY A 4 -11.84 -8.09 -3.03
N SER A 5 -12.06 -7.39 -4.14
CA SER A 5 -11.60 -7.70 -5.50
C SER A 5 -11.00 -6.49 -6.25
N VAL A 6 -10.72 -5.41 -5.52
CA VAL A 6 -10.35 -4.08 -5.99
C VAL A 6 -8.96 -4.01 -6.60
N GLN A 7 -8.81 -3.41 -7.77
CA GLN A 7 -7.51 -3.23 -8.42
C GLN A 7 -6.87 -1.86 -8.11
N HIS A 8 -5.63 -1.84 -7.60
CA HIS A 8 -4.92 -0.61 -7.23
C HIS A 8 -3.80 -0.28 -8.24
N VAL A 9 -4.16 -0.10 -9.51
CA VAL A 9 -3.21 0.34 -10.55
C VAL A 9 -2.54 1.66 -10.13
N GLY A 10 -1.20 1.65 -10.13
CA GLY A 10 -0.36 2.71 -9.57
C GLY A 10 0.15 2.47 -8.15
N PHE A 11 -0.18 1.33 -7.52
CA PHE A 11 0.25 1.00 -6.15
C PHE A 11 0.76 -0.44 -6.03
N LYS A 12 2.05 -0.63 -6.30
CA LYS A 12 2.79 -1.90 -6.10
C LYS A 12 3.22 -1.98 -4.62
N CYS A 13 3.16 -3.16 -4.01
CA CYS A 13 3.51 -3.40 -2.62
C CYS A 13 5.02 -3.21 -2.31
N ASP A 14 5.33 -2.96 -1.03
CA ASP A 14 6.67 -2.88 -0.44
C ASP A 14 7.14 -4.19 0.23
N ASN A 15 6.25 -4.92 0.92
CA ASN A 15 6.59 -6.20 1.58
C ASN A 15 7.01 -7.28 0.56
N CYS A 16 6.13 -7.60 -0.38
CA CYS A 16 6.31 -8.63 -1.39
C CYS A 16 7.04 -8.09 -2.62
N GLY A 17 6.79 -6.82 -2.95
CA GLY A 17 7.20 -6.20 -4.18
C GLY A 17 6.25 -6.50 -5.35
N ILE A 18 5.11 -7.14 -5.06
CA ILE A 18 4.08 -7.43 -6.05
C ILE A 18 3.57 -6.13 -6.67
N GLU A 19 3.41 -6.16 -7.98
CA GLU A 19 2.90 -5.06 -8.80
C GLU A 19 1.47 -4.67 -8.38
N PRO A 20 0.80 -3.67 -9.00
CA PRO A 20 -0.46 -3.12 -8.51
C PRO A 20 -1.37 -4.06 -7.72
N ILE A 21 -1.48 -3.77 -6.42
CA ILE A 21 -2.12 -4.61 -5.41
C ILE A 21 -3.57 -4.93 -5.79
N GLN A 22 -4.08 -6.06 -5.27
CA GLN A 22 -5.45 -6.48 -5.50
C GLN A 22 -6.21 -6.80 -4.19
N GLY A 23 -7.48 -6.40 -4.13
CA GLY A 23 -8.45 -6.73 -3.08
C GLY A 23 -8.88 -5.55 -2.25
N VAL A 24 -7.92 -4.99 -1.52
CA VAL A 24 -7.98 -3.81 -0.67
C VAL A 24 -6.56 -3.21 -0.64
N ARG A 25 -6.41 -1.88 -0.78
CA ARG A 25 -5.08 -1.26 -0.67
C ARG A 25 -4.78 -1.06 0.81
N TRP A 26 -3.50 -1.00 1.18
CA TRP A 26 -3.11 -0.59 2.53
C TRP A 26 -2.16 0.57 2.42
N HIS A 27 -2.76 1.76 2.48
CA HIS A 27 -2.10 3.05 2.36
C HIS A 27 -1.48 3.40 3.71
N CYS A 28 -0.16 3.54 3.74
CA CYS A 28 0.50 3.98 4.94
C CYS A 28 0.10 5.42 5.34
N GLN A 29 -0.34 5.61 6.59
CA GLN A 29 -0.84 6.92 7.03
C GLN A 29 0.28 7.95 7.26
N ASP A 30 1.41 7.52 7.84
CA ASP A 30 2.48 8.42 8.29
C ASP A 30 3.70 8.44 7.35
N CYS A 31 3.98 7.35 6.63
CA CYS A 31 5.02 7.34 5.60
C CYS A 31 4.69 8.40 4.50
N PRO A 32 5.67 9.18 4.00
CA PRO A 32 5.40 10.35 3.16
C PRO A 32 4.97 10.00 1.72
N PRO A 33 4.23 10.89 1.01
CA PRO A 33 3.82 10.69 -0.39
C PRO A 33 4.97 10.42 -1.38
N GLU A 34 6.16 10.96 -1.10
CA GLU A 34 7.38 10.72 -1.88
C GLU A 34 7.79 9.23 -1.88
N MET A 35 7.53 8.52 -0.79
CA MET A 35 7.69 7.06 -0.68
C MET A 35 6.40 6.30 -1.07
N SER A 36 5.26 6.73 -0.51
CA SER A 36 3.92 6.13 -0.61
C SER A 36 3.97 4.60 -0.44
N LEU A 37 4.11 4.14 0.80
CA LEU A 37 4.22 2.71 1.09
C LEU A 37 2.86 2.02 0.94
N ASP A 38 2.87 0.77 0.48
CA ASP A 38 1.67 -0.03 0.24
C ASP A 38 1.85 -1.50 0.62
N PHE A 39 0.76 -2.12 1.09
CA PHE A 39 0.71 -3.52 1.45
C PHE A 39 -0.58 -4.20 0.94
N CYS A 40 -0.49 -5.48 0.59
CA CYS A 40 -1.60 -6.33 0.19
C CYS A 40 -2.55 -6.70 1.37
N ASP A 41 -3.70 -7.30 1.02
CA ASP A 41 -4.65 -7.90 1.97
C ASP A 41 -4.00 -8.93 2.92
N SER A 42 -2.98 -9.66 2.46
CA SER A 42 -2.25 -10.68 3.21
C SER A 42 -1.05 -10.11 3.98
N CYS A 43 -0.23 -9.26 3.33
CA CYS A 43 1.05 -8.81 3.85
C CYS A 43 0.97 -7.56 4.75
N SER A 44 -0.11 -6.80 4.67
CA SER A 44 -0.40 -5.74 5.64
C SER A 44 -0.56 -6.29 7.08
N ASP A 45 -0.59 -7.62 7.24
CA ASP A 45 -0.50 -8.27 8.54
C ASP A 45 0.90 -8.12 9.16
N CYS A 46 1.90 -7.68 8.38
CA CYS A 46 3.27 -7.48 8.80
C CYS A 46 3.49 -6.05 9.30
N LEU A 47 4.21 -5.93 10.42
CA LEU A 47 4.63 -4.66 10.99
C LEU A 47 6.02 -4.27 10.46
N HIS A 48 6.04 -3.85 9.19
CA HIS A 48 7.25 -3.62 8.40
C HIS A 48 7.80 -2.21 8.57
N GLU A 49 9.08 -2.01 8.26
CA GLU A 49 9.79 -0.74 8.40
C GLU A 49 10.90 -0.57 7.36
N THR A 50 11.25 0.69 7.05
CA THR A 50 12.34 1.04 6.11
C THR A 50 13.28 2.09 6.73
N ASP A 51 13.97 2.88 5.90
CA ASP A 51 14.74 4.06 6.29
C ASP A 51 13.85 5.20 6.79
N ILE A 52 12.59 5.21 6.31
CA ILE A 52 11.59 6.20 6.63
C ILE A 52 10.42 5.57 7.38
N HIS A 53 9.94 4.44 6.87
CA HIS A 53 8.83 3.75 7.49
C HIS A 53 9.30 3.14 8.78
N LYS A 54 8.52 3.38 9.83
CA LYS A 54 8.70 2.68 11.08
C LYS A 54 7.40 2.16 11.68
N GLU A 55 7.50 1.27 12.66
CA GLU A 55 6.38 0.72 13.44
C GLU A 55 5.67 1.74 14.35
N ASP A 56 6.10 3.00 14.29
CA ASP A 56 5.48 4.13 14.98
C ASP A 56 4.05 4.38 14.48
N HIS A 57 3.74 3.96 13.23
CA HIS A 57 2.48 4.28 12.58
C HIS A 57 1.51 3.10 12.35
N GLN A 58 0.43 3.45 11.65
CA GLN A 58 -0.76 2.66 11.34
C GLN A 58 -1.17 2.82 9.86
N LEU A 59 -1.78 1.78 9.30
CA LEU A 59 -2.21 1.70 7.89
C LEU A 59 -3.70 2.04 7.71
N GLU A 60 -4.07 2.47 6.51
CA GLU A 60 -5.45 2.68 6.08
C GLU A 60 -5.90 1.66 5.01
N PRO A 61 -6.97 0.86 5.25
CA PRO A 61 -7.54 -0.03 4.24
C PRO A 61 -8.35 0.75 3.21
N ILE A 62 -8.27 0.39 1.92
CA ILE A 62 -8.97 1.07 0.84
C ILE A 62 -9.68 0.05 -0.04
N TYR A 63 -11.02 0.14 -0.08
CA TYR A 63 -11.89 -0.83 -0.73
C TYR A 63 -12.32 -0.34 -2.13
N ARG A 64 -11.56 0.60 -2.69
CA ARG A 64 -11.77 1.25 -3.99
C ARG A 64 -10.46 1.67 -4.70
N ALA B 1 4.15 1.22 -2.48
CA ALA B 1 5.12 1.93 -3.31
C ALA B 1 4.41 2.55 -4.50
N ARG B 2 4.62 3.85 -4.71
CA ARG B 2 4.06 4.58 -5.87
C ARG B 2 4.57 4.09 -7.22
N THR B 3 3.65 3.76 -8.12
CA THR B 3 3.87 3.48 -9.56
C THR B 3 2.83 4.21 -10.43
OH ALY B 4 -5.55 7.25 -7.71
CH ALY B 4 -4.84 7.95 -7.00
CH3 ALY B 4 -5.46 8.97 -6.07
NZ ALY B 4 -3.51 7.87 -6.96
CE ALY B 4 -2.70 6.96 -7.76
CD ALY B 4 -2.21 7.67 -9.02
CG ALY B 4 -1.39 6.77 -9.95
CB ALY B 4 -0.06 6.28 -9.33
CA ALY B 4 0.90 5.80 -10.44
N ALY B 4 2.02 5.09 -9.81
C ALY B 4 1.40 6.96 -11.34
O ALY B 4 1.97 7.95 -10.85
HH31 ALY B 4 -5.10 9.96 -6.35
HH32 ALY B 4 -5.18 8.75 -5.05
HH33 ALY B 4 -6.55 8.94 -6.18
HZ ALY B 4 -3.03 8.49 -6.32
HE3 ALY B 4 -1.84 6.63 -7.17
HE2 ALY B 4 -3.29 6.08 -8.05
HD3 ALY B 4 -3.08 8.03 -9.57
HD2 ALY B 4 -1.61 8.53 -8.74
HG3 ALY B 4 -1.99 5.90 -10.24
HG2 ALY B 4 -1.18 7.35 -10.84
HB3 ALY B 4 0.41 7.10 -8.78
HB2 ALY B 4 -0.27 5.47 -8.61
HA ALY B 4 0.36 5.10 -11.08
H ALY B 4 2.17 5.25 -8.84
N GLN B 5 1.22 6.83 -12.65
CA GLN B 5 1.59 7.87 -13.64
C GLN B 5 0.67 9.11 -13.55
N THR B 6 1.18 10.27 -13.99
CA THR B 6 0.42 11.54 -14.01
C THR B 6 -0.70 11.49 -15.06
N ALA B 7 -1.94 11.80 -14.65
CA ALA B 7 -3.12 11.73 -15.52
C ALA B 7 -3.29 12.94 -16.48
N ARG B 8 -2.68 14.09 -16.15
CA ARG B 8 -2.73 15.35 -16.92
C ARG B 8 -2.03 15.23 -18.30
ZN ZN C . 2.37 -7.40 -0.33
ZN ZN D . 4.45 2.77 6.30
N GLY A 1 -16.95 -2.98 -8.85
CA GLY A 1 -15.82 -3.74 -8.27
C GLY A 1 -16.04 -4.07 -6.79
N PRO A 2 -16.17 -5.36 -6.41
CA PRO A 2 -16.44 -5.78 -5.03
C PRO A 2 -15.37 -5.35 -4.01
N LEU A 3 -15.80 -5.13 -2.75
CA LEU A 3 -14.97 -4.66 -1.63
C LEU A 3 -13.84 -5.65 -1.23
N GLY A 4 -13.95 -6.93 -1.60
CA GLY A 4 -12.91 -7.96 -1.44
C GLY A 4 -12.07 -8.24 -2.70
N SER A 5 -12.24 -7.43 -3.76
CA SER A 5 -11.69 -7.62 -5.12
C SER A 5 -11.18 -6.32 -5.76
N VAL A 6 -10.91 -5.31 -4.93
CA VAL A 6 -10.56 -3.94 -5.26
C VAL A 6 -9.20 -3.83 -5.92
N GLN A 7 -9.15 -3.17 -7.08
CA GLN A 7 -7.88 -2.81 -7.68
C GLN A 7 -7.34 -1.49 -7.13
N HIS A 8 -6.01 -1.40 -7.00
CA HIS A 8 -5.28 -0.16 -6.70
C HIS A 8 -4.15 0.05 -7.73
N VAL A 9 -4.55 0.30 -8.98
CA VAL A 9 -3.67 0.75 -10.07
C VAL A 9 -2.95 2.04 -9.65
N GLY A 10 -1.61 1.99 -9.72
CA GLY A 10 -0.72 3.03 -9.17
C GLY A 10 -0.17 2.75 -7.76
N PHE A 11 -0.47 1.59 -7.14
CA PHE A 11 0.04 1.25 -5.81
C PHE A 11 0.55 -0.20 -5.76
N LYS A 12 1.83 -0.39 -6.13
CA LYS A 12 2.57 -1.66 -6.00
C LYS A 12 3.07 -1.79 -4.55
N CYS A 13 3.02 -2.98 -3.98
CA CYS A 13 3.39 -3.26 -2.60
C CYS A 13 4.90 -3.07 -2.30
N ASP A 14 5.22 -2.84 -1.02
CA ASP A 14 6.58 -2.79 -0.46
C ASP A 14 7.06 -4.11 0.16
N ASN A 15 6.18 -4.87 0.83
CA ASN A 15 6.55 -6.15 1.43
C ASN A 15 6.94 -7.21 0.37
N CYS A 16 6.04 -7.46 -0.58
CA CYS A 16 6.17 -8.47 -1.62
C CYS A 16 6.88 -7.91 -2.87
N GLY A 17 6.63 -6.62 -3.15
CA GLY A 17 7.02 -5.96 -4.38
C GLY A 17 6.01 -6.18 -5.50
N ILE A 18 4.90 -6.86 -5.22
CA ILE A 18 3.84 -7.16 -6.18
C ILE A 18 3.26 -5.87 -6.77
N GLU A 19 3.03 -5.88 -8.06
CA GLU A 19 2.46 -4.79 -8.85
C GLU A 19 1.04 -4.41 -8.33
N PRO A 20 0.38 -3.35 -8.85
CA PRO A 20 -0.85 -2.80 -8.29
C PRO A 20 -1.76 -3.73 -7.46
N ILE A 21 -1.81 -3.45 -6.16
CA ILE A 21 -2.42 -4.30 -5.14
C ILE A 21 -3.89 -4.61 -5.44
N GLN A 22 -4.27 -5.87 -5.16
CA GLN A 22 -5.62 -6.38 -5.41
C GLN A 22 -6.32 -6.81 -4.11
N GLY A 23 -7.64 -6.58 -4.06
CA GLY A 23 -8.55 -7.00 -2.99
C GLY A 23 -9.00 -5.89 -2.07
N VAL A 24 -8.01 -5.27 -1.43
CA VAL A 24 -8.03 -4.15 -0.51
C VAL A 24 -6.61 -3.60 -0.53
N ARG A 25 -6.43 -2.27 -0.56
CA ARG A 25 -5.09 -1.68 -0.43
C ARG A 25 -4.85 -1.28 1.01
N TRP A 26 -3.59 -1.10 1.40
CA TRP A 26 -3.23 -0.66 2.74
C TRP A 26 -2.34 0.55 2.63
N HIS A 27 -2.90 1.71 2.97
CA HIS A 27 -2.24 3.00 2.93
C HIS A 27 -1.59 3.27 4.27
N CYS A 28 -0.28 3.41 4.29
CA CYS A 28 0.43 3.77 5.50
C CYS A 28 0.04 5.16 6.04
N GLN A 29 -0.27 5.26 7.34
CA GLN A 29 -0.77 6.53 7.92
C GLN A 29 0.36 7.53 8.20
N ASP A 30 1.53 7.06 8.65
CA ASP A 30 2.64 7.92 9.11
C ASP A 30 3.79 8.03 8.10
N CYS A 31 4.01 7.00 7.26
CA CYS A 31 4.96 7.08 6.15
C CYS A 31 4.56 8.21 5.17
N PRO A 32 5.48 9.06 4.67
CA PRO A 32 5.15 10.28 3.94
C PRO A 32 4.67 10.03 2.50
N PRO A 33 3.85 10.92 1.88
CA PRO A 33 3.36 10.78 0.51
C PRO A 33 4.44 10.61 -0.57
N GLU A 34 5.62 11.20 -0.35
CA GLU A 34 6.81 11.04 -1.21
C GLU A 34 7.26 9.58 -1.35
N MET A 35 7.15 8.82 -0.25
CA MET A 35 7.47 7.39 -0.18
C MET A 35 6.24 6.50 -0.49
N SER A 36 5.08 6.84 0.11
CA SER A 36 3.77 6.17 -0.03
C SER A 36 3.89 4.65 0.06
N LEU A 37 4.05 4.15 1.28
CA LEU A 37 4.19 2.72 1.53
C LEU A 37 2.83 2.01 1.43
N ASP A 38 2.82 0.82 0.82
CA ASP A 38 1.60 0.09 0.49
C ASP A 38 1.75 -1.42 0.73
N PHE A 39 0.65 -2.05 1.17
CA PHE A 39 0.62 -3.50 1.46
C PHE A 39 -0.68 -4.17 0.97
N CYS A 40 -0.58 -5.42 0.56
CA CYS A 40 -1.70 -6.31 0.22
C CYS A 40 -2.53 -6.75 1.46
N ASP A 41 -3.63 -7.48 1.20
CA ASP A 41 -4.54 -8.03 2.21
C ASP A 41 -3.86 -8.95 3.25
N SER A 42 -2.83 -9.69 2.83
CA SER A 42 -2.07 -10.63 3.67
C SER A 42 -0.85 -10.00 4.34
N CYS A 43 -0.08 -9.20 3.59
CA CYS A 43 1.23 -8.69 4.00
C CYS A 43 1.16 -7.38 4.83
N SER A 44 0.02 -6.71 4.81
CA SER A 44 -0.26 -5.59 5.72
C SER A 44 -0.21 -6.05 7.19
N ASP A 45 -0.27 -7.37 7.43
CA ASP A 45 -0.11 -7.98 8.75
C ASP A 45 1.37 -8.27 9.09
N CYS A 46 2.29 -8.06 8.14
CA CYS A 46 3.69 -8.47 8.27
C CYS A 46 4.56 -7.47 9.06
N LEU A 47 4.04 -6.25 9.26
CA LEU A 47 4.65 -5.18 10.07
C LEU A 47 6.08 -4.84 9.64
N HIS A 48 6.18 -4.38 8.39
CA HIS A 48 7.43 -4.09 7.71
C HIS A 48 7.96 -2.69 8.06
N GLU A 49 9.25 -2.45 7.83
CA GLU A 49 9.93 -1.20 8.17
C GLU A 49 11.05 -0.87 7.17
N THR A 50 11.35 0.42 7.00
CA THR A 50 12.43 0.92 6.13
C THR A 50 13.31 1.94 6.88
N ASP A 51 14.01 2.80 6.15
CA ASP A 51 14.78 3.94 6.68
C ASP A 51 13.86 5.08 7.15
N ILE A 52 12.62 5.11 6.65
CA ILE A 52 11.55 5.97 7.11
C ILE A 52 10.56 5.19 7.95
N HIS A 53 10.06 4.10 7.36
CA HIS A 53 8.95 3.35 7.90
C HIS A 53 9.40 2.59 9.09
N LYS A 54 8.63 2.71 10.16
CA LYS A 54 8.82 1.86 11.33
C LYS A 54 7.51 1.31 11.87
N GLU A 55 7.59 0.29 12.72
CA GLU A 55 6.46 -0.32 13.44
C GLU A 55 5.82 0.60 14.50
N ASP A 56 6.30 1.84 14.59
CA ASP A 56 5.72 2.89 15.43
C ASP A 56 4.31 3.29 14.95
N HIS A 57 3.99 3.05 13.67
CA HIS A 57 2.73 3.45 13.08
C HIS A 57 1.72 2.33 12.79
N GLN A 58 0.64 2.75 12.16
CA GLN A 58 -0.59 2.01 11.84
C GLN A 58 -1.05 2.26 10.38
N LEU A 59 -1.72 1.29 9.79
CA LEU A 59 -2.17 1.27 8.39
C LEU A 59 -3.67 1.56 8.24
N GLU A 60 -4.07 2.04 7.06
CA GLU A 60 -5.47 2.23 6.66
C GLU A 60 -5.90 1.24 5.56
N PRO A 61 -6.91 0.37 5.77
CA PRO A 61 -7.44 -0.51 4.73
C PRO A 61 -8.34 0.28 3.75
N ILE A 62 -8.29 -0.06 2.45
CA ILE A 62 -8.99 0.68 1.39
C ILE A 62 -9.79 -0.31 0.56
N TYR A 63 -11.10 -0.24 0.73
CA TYR A 63 -12.10 -1.17 0.19
C TYR A 63 -12.68 -0.68 -1.14
N ARG A 64 -12.01 0.30 -1.77
CA ARG A 64 -12.47 1.00 -2.97
C ARG A 64 -11.36 1.62 -3.84
N ALA B 1 4.10 1.37 -2.32
CA ALA B 1 4.95 2.23 -3.15
C ALA B 1 4.13 2.80 -4.30
N ARG B 2 4.07 4.13 -4.37
CA ARG B 2 3.40 4.87 -5.46
C ARG B 2 4.06 4.62 -6.83
N THR B 3 3.23 4.23 -7.79
CA THR B 3 3.48 4.10 -9.24
C THR B 3 2.39 4.84 -10.04
OH ALY B 4 -5.03 9.71 -6.88
CH ALY B 4 -5.43 8.63 -6.47
CH3 ALY B 4 -6.33 8.58 -5.25
NZ ALY B 4 -5.15 7.46 -7.03
CE ALY B 4 -4.33 7.29 -8.22
CD ALY B 4 -2.86 7.10 -7.84
CG ALY B 4 -1.97 6.90 -9.08
CB ALY B 4 -0.53 6.63 -8.67
CA ALY B 4 0.40 6.37 -9.88
N ALY B 4 1.62 5.72 -9.38
C ALY B 4 0.73 7.61 -10.74
O ALY B 4 0.44 8.75 -10.36
HH31 ALY B 4 -6.51 9.58 -4.88
HH32 ALY B 4 -5.84 7.99 -4.47
HH33 ALY B 4 -7.28 8.12 -5.53
HZ ALY B 4 -5.55 6.63 -6.62
HE3 ALY B 4 -4.66 6.40 -8.77
HE2 ALY B 4 -4.43 8.15 -8.88
HD3 ALY B 4 -2.51 7.98 -7.29
HD2 ALY B 4 -2.76 6.23 -7.19
HG3 ALY B 4 -2.36 6.06 -9.66
HG2 ALY B 4 -2.02 7.80 -9.70
HB3 ALY B 4 -0.14 7.46 -8.09
HB2 ALY B 4 -0.53 5.75 -8.01
HA ALY B 4 -0.11 5.66 -10.54
H ALY B 4 1.86 5.91 -8.43
N GLN B 5 1.37 7.41 -11.89
CA GLN B 5 1.81 8.45 -12.81
C GLN B 5 0.62 9.16 -13.50
N THR B 6 0.57 10.49 -13.43
CA THR B 6 -0.41 11.32 -14.15
C THR B 6 -0.07 11.48 -15.64
N ALA B 7 -1.08 11.76 -16.49
CA ALA B 7 -0.90 11.93 -17.93
C ALA B 7 -0.04 13.16 -18.29
N ARG B 8 0.73 13.07 -19.39
CA ARG B 8 1.56 14.15 -19.94
C ARG B 8 0.75 15.32 -20.53
ZN ZN C . 2.25 -7.31 -0.36
ZN ZN D . 4.48 2.50 6.59
N GLY A 1 -17.24 -9.85 -4.01
CA GLY A 1 -17.91 -8.54 -4.21
C GLY A 1 -17.09 -7.36 -3.69
N PRO A 2 -17.73 -6.23 -3.34
CA PRO A 2 -17.05 -5.03 -2.81
C PRO A 2 -16.28 -5.26 -1.50
N LEU A 3 -15.47 -4.26 -1.12
CA LEU A 3 -14.54 -4.23 0.03
C LEU A 3 -13.37 -5.25 -0.01
N GLY A 4 -13.52 -6.34 -0.78
CA GLY A 4 -12.49 -7.35 -1.03
C GLY A 4 -11.96 -7.39 -2.48
N SER A 5 -12.37 -6.45 -3.35
CA SER A 5 -12.09 -6.51 -4.80
C SER A 5 -11.73 -5.16 -5.45
N VAL A 6 -11.23 -4.19 -4.67
CA VAL A 6 -10.76 -2.88 -5.15
C VAL A 6 -9.46 -3.03 -5.93
N GLN A 7 -9.20 -2.15 -6.90
CA GLN A 7 -8.04 -2.26 -7.80
C GLN A 7 -7.32 -0.93 -7.99
N HIS A 8 -6.03 -0.90 -7.64
CA HIS A 8 -5.16 0.28 -7.84
C HIS A 8 -3.98 -0.04 -8.74
N VAL A 9 -4.22 -0.02 -10.06
CA VAL A 9 -3.26 -0.31 -11.12
C VAL A 9 -2.18 0.79 -11.22
N GLY A 10 -1.27 0.75 -10.24
CA GLY A 10 -0.18 1.69 -10.04
C GLY A 10 0.23 1.91 -8.58
N PHE A 11 -0.28 1.12 -7.62
CA PHE A 11 0.21 1.17 -6.23
C PHE A 11 0.80 -0.18 -5.84
N LYS A 12 2.10 -0.32 -6.02
CA LYS A 12 2.88 -1.56 -5.83
C LYS A 12 3.20 -1.79 -4.35
N CYS A 13 3.13 -3.04 -3.90
CA CYS A 13 3.47 -3.45 -2.55
C CYS A 13 4.99 -3.39 -2.29
N ASP A 14 5.35 -2.89 -1.12
CA ASP A 14 6.71 -2.86 -0.60
C ASP A 14 7.13 -4.17 0.09
N ASN A 15 6.16 -4.94 0.61
CA ASN A 15 6.44 -6.30 1.12
C ASN A 15 6.73 -7.30 -0.02
N CYS A 16 5.79 -7.49 -0.95
CA CYS A 16 5.86 -8.48 -2.02
C CYS A 16 6.74 -8.05 -3.20
N GLY A 17 6.46 -6.83 -3.62
CA GLY A 17 6.91 -6.26 -4.86
C GLY A 17 5.82 -6.39 -5.95
N ILE A 18 4.60 -6.86 -5.60
CA ILE A 18 3.45 -6.88 -6.50
C ILE A 18 3.18 -5.48 -7.01
N GLU A 19 3.04 -5.34 -8.31
CA GLU A 19 2.99 -4.03 -8.97
C GLU A 19 1.72 -3.24 -8.73
N PRO A 20 0.56 -3.89 -8.52
CA PRO A 20 -0.56 -3.08 -8.09
C PRO A 20 -1.53 -3.82 -7.16
N ILE A 21 -1.71 -3.23 -5.98
CA ILE A 21 -2.42 -3.85 -4.86
C ILE A 21 -3.91 -4.03 -5.16
N GLN A 22 -4.41 -5.22 -4.79
CA GLN A 22 -5.80 -5.63 -4.94
C GLN A 22 -6.48 -5.77 -3.56
N GLY A 23 -7.76 -5.40 -3.50
CA GLY A 23 -8.68 -5.65 -2.38
C GLY A 23 -9.03 -4.40 -1.60
N VAL A 24 -8.00 -3.75 -1.09
CA VAL A 24 -7.97 -2.54 -0.28
C VAL A 24 -6.56 -1.96 -0.41
N ARG A 25 -6.37 -0.65 -0.56
CA ARG A 25 -5.02 -0.06 -0.49
C ARG A 25 -4.64 0.08 0.99
N TRP A 26 -3.43 -0.29 1.38
CA TRP A 26 -2.91 0.04 2.71
C TRP A 26 -1.82 1.08 2.57
N HIS A 27 -2.22 2.35 2.60
CA HIS A 27 -1.33 3.50 2.43
C HIS A 27 -0.71 3.89 3.77
N CYS A 28 0.61 3.85 3.86
CA CYS A 28 1.33 4.28 5.04
C CYS A 28 1.04 5.74 5.43
N GLN A 29 0.72 5.96 6.71
CA GLN A 29 0.35 7.29 7.22
C GLN A 29 1.56 8.17 7.53
N ASP A 30 2.64 7.60 8.09
CA ASP A 30 3.79 8.37 8.56
C ASP A 30 4.92 8.46 7.53
N CYS A 31 5.09 7.43 6.70
CA CYS A 31 6.09 7.42 5.64
C CYS A 31 5.78 8.53 4.58
N PRO A 32 6.78 9.29 4.08
CA PRO A 32 6.52 10.49 3.25
C PRO A 32 5.87 10.20 1.91
N PRO A 33 5.12 11.15 1.30
CA PRO A 33 4.58 11.01 -0.07
C PRO A 33 5.65 10.72 -1.15
N GLU A 34 6.88 11.18 -0.92
CA GLU A 34 8.06 10.90 -1.75
C GLU A 34 8.36 9.40 -1.86
N MET A 35 8.11 8.65 -0.78
CA MET A 35 8.25 7.19 -0.71
C MET A 35 6.92 6.47 -1.00
N SER A 36 5.83 6.92 -0.38
CA SER A 36 4.46 6.37 -0.48
C SER A 36 4.45 4.84 -0.33
N LEU A 37 4.73 4.34 0.88
CA LEU A 37 4.78 2.89 1.13
C LEU A 37 3.38 2.27 1.15
N ASP A 38 3.25 1.04 0.62
CA ASP A 38 1.96 0.38 0.42
C ASP A 38 2.05 -1.13 0.61
N PHE A 39 0.93 -1.74 1.03
CA PHE A 39 0.85 -3.17 1.32
C PHE A 39 -0.49 -3.78 0.88
N CYS A 40 -0.47 -5.06 0.48
CA CYS A 40 -1.68 -5.84 0.23
C CYS A 40 -2.57 -5.98 1.50
N ASP A 41 -3.79 -6.47 1.30
CA ASP A 41 -4.72 -6.87 2.37
C ASP A 41 -4.13 -7.87 3.38
N SER A 42 -3.13 -8.66 2.97
CA SER A 42 -2.33 -9.55 3.81
C SER A 42 -1.07 -8.88 4.39
N CYS A 43 -0.36 -8.10 3.57
CA CYS A 43 0.96 -7.56 3.86
C CYS A 43 0.92 -6.38 4.85
N SER A 44 -0.22 -5.71 4.95
CA SER A 44 -0.51 -4.70 5.96
C SER A 44 -0.33 -5.23 7.40
N ASP A 45 -0.41 -6.56 7.59
CA ASP A 45 -0.15 -7.27 8.83
C ASP A 45 1.29 -7.82 8.92
N CYS A 46 2.06 -7.75 7.81
CA CYS A 46 3.43 -8.26 7.75
C CYS A 46 4.45 -7.33 8.44
N LEU A 47 4.12 -6.03 8.52
CA LEU A 47 4.82 -5.02 9.32
C LEU A 47 6.32 -4.90 9.00
N HIS A 48 6.60 -4.48 7.77
CA HIS A 48 7.95 -4.32 7.21
C HIS A 48 8.48 -2.90 7.45
N GLU A 49 9.80 -2.70 7.36
CA GLU A 49 10.47 -1.43 7.66
C GLU A 49 11.64 -1.15 6.71
N THR A 50 11.94 0.14 6.47
CA THR A 50 13.08 0.57 5.65
C THR A 50 13.99 1.55 6.41
N ASP A 51 14.79 2.34 5.68
CA ASP A 51 15.62 3.43 6.21
C ASP A 51 14.79 4.62 6.68
N ILE A 52 13.57 4.75 6.13
CA ILE A 52 12.57 5.73 6.52
C ILE A 52 11.40 5.05 7.22
N HIS A 53 10.91 3.97 6.62
CA HIS A 53 9.72 3.30 7.07
C HIS A 53 10.02 2.54 8.33
N LYS A 54 9.17 2.70 9.34
CA LYS A 54 9.27 1.92 10.56
C LYS A 54 7.92 1.41 11.09
N GLU A 55 7.94 0.43 11.98
CA GLU A 55 6.76 -0.12 12.66
C GLU A 55 6.15 0.84 13.71
N ASP A 56 6.74 2.03 13.88
CA ASP A 56 6.34 3.05 14.84
C ASP A 56 4.99 3.70 14.49
N HIS A 57 4.54 3.51 13.25
CA HIS A 57 3.40 4.22 12.68
C HIS A 57 2.08 3.41 12.66
N GLN A 58 1.20 3.77 11.72
CA GLN A 58 -0.06 3.11 11.34
C GLN A 58 -0.31 3.22 9.81
N LEU A 59 -1.16 2.35 9.28
CA LEU A 59 -1.58 2.32 7.87
C LEU A 59 -3.03 2.80 7.72
N GLU A 60 -3.35 3.38 6.56
CA GLU A 60 -4.71 3.78 6.18
C GLU A 60 -5.31 2.77 5.17
N PRO A 61 -6.39 2.03 5.52
CA PRO A 61 -7.10 1.18 4.58
C PRO A 61 -8.00 2.02 3.67
N ILE A 62 -8.05 1.69 2.37
CA ILE A 62 -8.84 2.41 1.37
C ILE A 62 -9.66 1.39 0.59
N TYR A 63 -10.98 1.48 0.73
CA TYR A 63 -11.94 0.51 0.22
C TYR A 63 -12.53 0.95 -1.14
N ARG A 64 -11.81 1.85 -1.82
CA ARG A 64 -12.04 2.37 -3.17
C ARG A 64 -10.73 2.73 -3.86
N ALA B 1 4.19 1.56 -2.49
CA ALA B 1 5.04 2.32 -3.41
C ALA B 1 4.20 2.97 -4.50
N ARG B 2 4.45 4.25 -4.77
CA ARG B 2 3.90 4.98 -5.93
C ARG B 2 4.47 4.46 -7.26
N THR B 3 3.58 4.00 -8.16
CA THR B 3 3.91 3.36 -9.45
C THR B 3 2.84 3.73 -10.51
OH ALY B 4 -5.26 2.65 -10.78
CH ALY B 4 -4.77 3.41 -11.60
CH3 ALY B 4 -5.06 3.25 -13.06
NZ ALY B 4 -3.95 4.41 -11.28
CE ALY B 4 -3.44 4.69 -9.94
CD ALY B 4 -2.73 6.06 -9.92
CG ALY B 4 -1.45 6.10 -10.78
CB ALY B 4 -0.18 5.60 -10.06
CA ALY B 4 0.94 5.24 -11.06
N ALY B 4 2.14 4.85 -10.31
C ALY B 4 1.25 6.38 -12.06
O ALY B 4 1.48 7.53 -11.69
HH31 ALY B 4 -5.90 2.57 -13.20
HH32 ALY B 4 -4.19 2.86 -13.57
HH33 ALY B 4 -5.31 4.23 -13.49
HZ ALY B 4 -3.63 5.00 -12.04
HE3 ALY B 4 -4.27 4.73 -9.24
HE2 ALY B 4 -2.75 3.92 -9.63
HD3 ALY B 4 -3.43 6.81 -10.30
HD2 ALY B 4 -2.48 6.33 -8.90
HG3 ALY B 4 -1.61 5.50 -11.67
HG2 ALY B 4 -1.29 7.13 -11.09
HB3 ALY B 4 0.16 6.38 -9.38
HB2 ALY B 4 -0.43 4.73 -9.46
HA ALY B 4 0.58 4.39 -11.63
H ALY B 4 2.41 5.44 -9.54
N GLN B 5 1.23 6.04 -13.36
CA GLN B 5 1.42 7.00 -14.47
C GLN B 5 0.19 7.89 -14.72
N THR B 6 -1.02 7.39 -14.47
CA THR B 6 -2.29 8.13 -14.66
C THR B 6 -3.42 7.60 -13.77
N ALA B 7 -4.43 8.42 -13.48
CA ALA B 7 -5.58 8.07 -12.63
C ALA B 7 -6.47 6.97 -13.24
N ARG B 8 -7.19 6.25 -12.37
CA ARG B 8 -8.13 5.17 -12.74
C ARG B 8 -9.40 5.69 -13.45
ZN ZN C . 1.97 -7.62 -0.68
ZN ZN D . 5.30 2.91 6.19
N GLY A 1 -17.21 -1.92 -7.73
CA GLY A 1 -16.02 -2.82 -7.78
C GLY A 1 -16.03 -3.85 -6.66
N PRO A 2 -15.39 -5.03 -6.86
CA PRO A 2 -15.39 -6.14 -5.89
C PRO A 2 -14.54 -5.81 -4.66
N LEU A 3 -15.19 -5.61 -3.50
CA LEU A 3 -14.56 -5.15 -2.24
C LEU A 3 -13.45 -6.07 -1.71
N GLY A 4 -13.47 -7.36 -2.06
CA GLY A 4 -12.45 -8.36 -1.70
C GLY A 4 -11.36 -8.61 -2.75
N SER A 5 -11.38 -7.89 -3.88
CA SER A 5 -10.56 -8.14 -5.08
C SER A 5 -10.13 -6.83 -5.79
N VAL A 6 -10.07 -5.72 -5.04
CA VAL A 6 -9.80 -4.36 -5.53
C VAL A 6 -8.41 -4.25 -6.16
N GLN A 7 -8.33 -3.71 -7.37
CA GLN A 7 -7.08 -3.61 -8.13
C GLN A 7 -6.50 -2.19 -8.18
N HIS A 8 -5.30 -2.00 -7.65
CA HIS A 8 -4.64 -0.69 -7.61
C HIS A 8 -3.45 -0.59 -8.55
N VAL A 9 -3.79 -0.49 -9.83
CA VAL A 9 -2.88 -0.18 -10.94
C VAL A 9 -2.24 1.18 -10.68
N GLY A 10 -1.00 1.16 -10.15
CA GLY A 10 -0.31 2.34 -9.64
C GLY A 10 0.20 2.24 -8.19
N PHE A 11 -0.10 1.18 -7.43
CA PHE A 11 0.47 0.97 -6.08
C PHE A 11 1.02 -0.46 -5.94
N LYS A 12 2.32 -0.67 -6.21
CA LYS A 12 3.01 -1.96 -5.99
C LYS A 12 3.49 -2.04 -4.53
N CYS A 13 3.40 -3.21 -3.92
CA CYS A 13 3.77 -3.47 -2.53
C CYS A 13 5.28 -3.26 -2.25
N ASP A 14 5.60 -2.98 -1.00
CA ASP A 14 6.96 -2.86 -0.46
C ASP A 14 7.43 -4.08 0.34
N ASN A 15 6.51 -4.80 0.98
CA ASN A 15 6.84 -6.01 1.77
C ASN A 15 7.36 -7.15 0.88
N CYS A 16 6.61 -7.50 -0.17
CA CYS A 16 6.90 -8.62 -1.06
C CYS A 16 7.28 -8.19 -2.50
N GLY A 17 6.99 -6.94 -2.87
CA GLY A 17 7.35 -6.33 -4.14
C GLY A 17 6.35 -6.63 -5.26
N ILE A 18 5.21 -7.24 -4.94
CA ILE A 18 4.16 -7.55 -5.89
C ILE A 18 3.60 -6.28 -6.55
N GLU A 19 3.40 -6.39 -7.86
CA GLU A 19 2.76 -5.40 -8.71
C GLU A 19 1.40 -4.99 -8.16
N PRO A 20 0.97 -3.75 -8.45
CA PRO A 20 -0.36 -3.25 -8.21
C PRO A 20 -1.30 -4.06 -7.31
N ILE A 21 -1.25 -3.74 -6.01
CA ILE A 21 -1.87 -4.49 -4.91
C ILE A 21 -3.32 -4.88 -5.20
N GLN A 22 -3.65 -6.12 -4.85
CA GLN A 22 -4.97 -6.71 -5.06
C GLN A 22 -5.70 -6.93 -3.73
N GLY A 23 -7.02 -6.68 -3.72
CA GLY A 23 -7.93 -6.94 -2.60
C GLY A 23 -8.34 -5.71 -1.83
N VAL A 24 -7.35 -5.05 -1.23
CA VAL A 24 -7.42 -3.82 -0.45
C VAL A 24 -6.06 -3.13 -0.51
N ARG A 25 -6.00 -1.82 -0.76
CA ARG A 25 -4.72 -1.09 -0.62
C ARG A 25 -4.46 -0.83 0.86
N TRP A 26 -3.26 -1.08 1.35
CA TRP A 26 -2.85 -0.65 2.69
C TRP A 26 -1.87 0.50 2.57
N HIS A 27 -2.40 1.73 2.55
CA HIS A 27 -1.64 2.97 2.49
C HIS A 27 -1.13 3.34 3.87
N CYS A 28 0.17 3.52 4.05
CA CYS A 28 0.72 3.93 5.34
C CYS A 28 0.31 5.35 5.72
N GLN A 29 -0.20 5.51 6.94
CA GLN A 29 -0.76 6.76 7.43
C GLN A 29 0.32 7.82 7.68
N ASP A 30 1.48 7.43 8.20
CA ASP A 30 2.51 8.37 8.64
C ASP A 30 3.69 8.52 7.65
N CYS A 31 3.94 7.51 6.79
CA CYS A 31 4.92 7.66 5.70
C CYS A 31 4.52 8.83 4.77
N PRO A 32 5.47 9.64 4.27
CA PRO A 32 5.16 10.81 3.44
C PRO A 32 4.70 10.38 2.03
N PRO A 33 3.83 11.17 1.36
CA PRO A 33 3.36 10.88 -0.01
C PRO A 33 4.48 10.68 -1.04
N GLU A 34 5.62 11.35 -0.84
CA GLU A 34 6.85 11.20 -1.64
C GLU A 34 7.38 9.76 -1.65
N MET A 35 7.26 9.05 -0.52
CA MET A 35 7.62 7.64 -0.37
C MET A 35 6.43 6.71 -0.70
N SER A 36 5.26 6.96 -0.10
CA SER A 36 4.02 6.18 -0.19
C SER A 36 4.28 4.67 -0.09
N LEU A 37 4.56 4.16 1.11
CA LEU A 37 4.71 2.72 1.34
C LEU A 37 3.34 2.03 1.37
N ASP A 38 3.26 0.85 0.75
CA ASP A 38 2.01 0.15 0.49
C ASP A 38 2.15 -1.36 0.67
N PHE A 39 1.06 -2.03 1.09
CA PHE A 39 1.07 -3.48 1.32
C PHE A 39 -0.23 -4.16 0.91
N CYS A 40 -0.12 -5.47 0.67
CA CYS A 40 -1.21 -6.39 0.46
C CYS A 40 -2.03 -6.65 1.75
N ASP A 41 -3.17 -7.34 1.61
CA ASP A 41 -4.04 -7.72 2.73
C ASP A 41 -3.33 -8.55 3.81
N SER A 42 -2.34 -9.37 3.42
CA SER A 42 -1.47 -10.16 4.29
C SER A 42 -0.20 -9.40 4.70
N CYS A 43 0.42 -8.68 3.77
CA CYS A 43 1.68 -7.98 3.96
C CYS A 43 1.57 -6.83 4.96
N SER A 44 0.42 -6.15 4.97
CA SER A 44 0.14 -5.11 5.97
C SER A 44 0.18 -5.68 7.40
N ASP A 45 -0.23 -6.94 7.55
CA ASP A 45 -0.15 -7.69 8.81
C ASP A 45 1.24 -8.32 9.02
N CYS A 46 2.08 -8.32 7.98
CA CYS A 46 3.44 -8.86 8.02
C CYS A 46 4.42 -7.90 8.73
N LEU A 47 4.12 -6.59 8.69
CA LEU A 47 4.88 -5.45 9.24
C LEU A 47 6.30 -5.30 8.64
N HIS A 48 6.44 -4.33 7.75
CA HIS A 48 7.68 -3.95 7.07
C HIS A 48 8.16 -2.58 7.57
N GLU A 49 9.45 -2.27 7.46
CA GLU A 49 10.02 -0.97 7.84
C GLU A 49 11.17 -0.54 6.91
N THR A 50 11.34 0.78 6.74
CA THR A 50 12.51 1.37 6.04
C THR A 50 13.24 2.40 6.91
N ASP A 51 13.91 3.37 6.28
CA ASP A 51 14.53 4.52 6.93
C ASP A 51 13.49 5.53 7.44
N ILE A 52 12.34 5.60 6.76
CA ILE A 52 11.20 6.42 7.13
C ILE A 52 10.07 5.56 7.69
N HIS A 53 9.77 4.46 7.01
CA HIS A 53 8.71 3.56 7.42
C HIS A 53 9.15 2.85 8.67
N LYS A 54 8.32 2.88 9.73
CA LYS A 54 8.58 2.08 10.93
C LYS A 54 7.33 1.46 11.54
N GLU A 55 7.48 0.47 12.41
CA GLU A 55 6.37 -0.06 13.22
C GLU A 55 5.85 0.93 14.30
N ASP A 56 6.42 2.14 14.35
CA ASP A 56 5.92 3.26 15.14
C ASP A 56 4.60 3.81 14.60
N HIS A 57 4.32 3.57 13.32
CA HIS A 57 3.13 3.99 12.62
C HIS A 57 2.31 2.80 12.12
N GLN A 58 1.17 3.14 11.52
CA GLN A 58 0.08 2.25 11.14
C GLN A 58 -0.44 2.53 9.71
N LEU A 59 -1.15 1.55 9.16
CA LEU A 59 -1.69 1.55 7.80
C LEU A 59 -3.20 1.88 7.75
N GLU A 60 -3.66 2.30 6.58
CA GLU A 60 -5.07 2.58 6.24
C GLU A 60 -5.56 1.67 5.09
N PRO A 61 -6.62 0.86 5.30
CA PRO A 61 -7.15 -0.03 4.26
C PRO A 61 -8.09 0.71 3.30
N ILE A 62 -8.05 0.40 2.00
CA ILE A 62 -8.94 0.97 0.99
C ILE A 62 -9.61 -0.13 0.19
N TYR A 63 -10.94 -0.21 0.31
CA TYR A 63 -11.79 -1.27 -0.20
C TYR A 63 -12.39 -0.91 -1.58
N ARG A 64 -11.77 0.05 -2.25
CA ARG A 64 -12.06 0.53 -3.60
C ARG A 64 -10.83 1.17 -4.27
N ALA B 1 4.38 1.36 -2.60
CA ALA B 1 5.15 2.29 -3.42
C ALA B 1 4.28 2.81 -4.55
N ARG B 2 4.20 4.14 -4.66
CA ARG B 2 3.51 4.85 -5.77
C ARG B 2 4.23 4.68 -7.12
N THR B 3 3.56 4.03 -8.06
CA THR B 3 3.90 3.92 -9.49
C THR B 3 2.83 4.58 -10.39
OH ALY B 4 -6.29 5.18 -9.24
CH ALY B 4 -5.51 4.41 -9.79
CH3 ALY B 4 -6.00 3.46 -10.85
NZ ALY B 4 -4.21 4.34 -9.52
CE ALY B 4 -3.52 5.12 -8.48
CD ALY B 4 -2.99 6.45 -9.04
CG ALY B 4 -1.84 6.32 -10.05
CB ALY B 4 -0.50 5.98 -9.39
CA ALY B 4 0.61 5.74 -10.44
N ALY B 4 1.73 5.05 -9.78
C ALY B 4 1.05 7.06 -11.12
O ALY B 4 1.81 7.84 -10.54
HH31 ALY B 4 -7.06 3.64 -11.04
HH32 ALY B 4 -5.86 2.44 -10.51
HH33 ALY B 4 -5.44 3.61 -11.77
HZ ALY B 4 -3.67 3.66 -10.03
HE3 ALY B 4 -4.23 5.32 -7.67
HE2 ALY B 4 -2.70 4.54 -8.07
HD3 ALY B 4 -3.82 6.97 -9.53
HD2 ALY B 4 -2.67 7.07 -8.21
HG3 ALY B 4 -2.09 5.56 -10.79
HG2 ALY B 4 -1.74 7.27 -10.57
HB3 ALY B 4 -0.21 6.80 -8.73
HB2 ALY B 4 -0.62 5.10 -8.75
HA ALY B 4 0.21 5.08 -11.22
H ALY B 4 1.63 4.88 -8.79
N GLN B 5 0.58 7.31 -12.35
CA GLN B 5 0.91 8.52 -13.12
C GLN B 5 0.28 9.79 -12.51
N THR B 6 0.94 10.93 -12.70
CA THR B 6 0.52 12.26 -12.18
C THR B 6 -0.59 12.95 -13.00
N ALA B 7 -1.00 12.36 -14.13
CA ALA B 7 -1.97 12.93 -15.07
C ALA B 7 -3.44 12.98 -14.56
N ARG B 8 -3.74 12.37 -13.40
CA ARG B 8 -5.06 12.32 -12.74
C ARG B 8 -4.94 12.49 -11.21
ZN ZN C . 2.80 -7.77 -0.65
ZN ZN D . 4.88 3.49 6.64
N GLY A 1 -19.18 -7.34 -6.61
CA GLY A 1 -18.51 -6.06 -6.27
C GLY A 1 -17.01 -6.21 -5.99
N PRO A 2 -16.30 -5.12 -5.63
CA PRO A 2 -14.83 -5.11 -5.50
C PRO A 2 -14.21 -5.93 -4.37
N LEU A 3 -15.00 -6.31 -3.36
CA LEU A 3 -14.52 -6.91 -2.11
C LEU A 3 -13.60 -8.12 -2.35
N GLY A 4 -12.38 -8.04 -1.80
CA GLY A 4 -11.35 -9.08 -1.92
C GLY A 4 -10.70 -9.22 -3.31
N SER A 5 -10.99 -8.30 -4.24
CA SER A 5 -10.52 -8.30 -5.63
C SER A 5 -10.22 -6.88 -6.16
N VAL A 6 -9.95 -5.94 -5.24
CA VAL A 6 -9.74 -4.51 -5.47
C VAL A 6 -8.45 -4.24 -6.25
N GLN A 7 -8.55 -3.47 -7.33
CA GLN A 7 -7.41 -3.06 -8.14
C GLN A 7 -7.02 -1.59 -7.87
N HIS A 8 -5.73 -1.33 -7.63
CA HIS A 8 -5.22 0.04 -7.47
C HIS A 8 -4.09 0.37 -8.45
N VAL A 9 -4.47 0.70 -9.68
CA VAL A 9 -3.58 1.07 -10.80
C VAL A 9 -2.91 2.42 -10.55
N GLY A 10 -1.94 2.37 -9.64
CA GLY A 10 -1.22 3.52 -9.08
C GLY A 10 -0.68 3.31 -7.66
N PHE A 11 -0.89 2.14 -7.03
CA PHE A 11 -0.27 1.80 -5.73
C PHE A 11 0.47 0.45 -5.83
N LYS A 12 1.75 0.49 -6.20
CA LYS A 12 2.65 -0.67 -6.24
C LYS A 12 3.20 -0.93 -4.82
N CYS A 13 3.32 -2.18 -4.42
CA CYS A 13 3.82 -2.61 -3.10
C CYS A 13 5.29 -2.21 -2.84
N ASP A 14 5.63 -2.09 -1.56
CA ASP A 14 6.97 -1.87 -1.04
C ASP A 14 7.65 -3.14 -0.49
N ASN A 15 6.88 -4.09 0.04
CA ASN A 15 7.42 -5.35 0.56
C ASN A 15 8.05 -6.22 -0.56
N CYS A 16 7.27 -6.48 -1.63
CA CYS A 16 7.66 -7.37 -2.72
C CYS A 16 7.87 -6.64 -4.08
N GLY A 17 7.44 -5.38 -4.18
CA GLY A 17 7.67 -4.52 -5.33
C GLY A 17 6.62 -4.67 -6.44
N ILE A 18 5.61 -5.52 -6.22
CA ILE A 18 4.56 -5.80 -7.19
C ILE A 18 3.81 -4.53 -7.58
N GLU A 19 3.63 -4.38 -8.87
CA GLU A 19 2.92 -3.27 -9.49
C GLU A 19 1.45 -3.29 -9.04
N PRO A 20 0.80 -2.13 -8.88
CA PRO A 20 -0.60 -2.03 -8.56
C PRO A 20 -1.30 -3.16 -7.78
N ILE A 21 -1.25 -3.06 -6.46
CA ILE A 21 -1.74 -4.04 -5.48
C ILE A 21 -3.17 -4.50 -5.80
N GLN A 22 -3.38 -5.81 -5.63
CA GLN A 22 -4.66 -6.48 -5.87
C GLN A 22 -5.27 -7.05 -4.58
N GLY A 23 -6.58 -6.91 -4.42
CA GLY A 23 -7.40 -7.52 -3.36
C GLY A 23 -8.00 -6.53 -2.38
N VAL A 24 -7.11 -5.78 -1.74
CA VAL A 24 -7.32 -4.74 -0.74
C VAL A 24 -6.05 -3.86 -0.75
N ARG A 25 -6.15 -2.53 -0.65
CA ARG A 25 -4.95 -1.69 -0.45
C ARG A 25 -4.60 -1.67 1.03
N TRP A 26 -3.32 -1.81 1.39
CA TRP A 26 -2.85 -1.55 2.75
C TRP A 26 -2.05 -0.26 2.76
N HIS A 27 -2.75 0.85 2.97
CA HIS A 27 -2.16 2.18 3.08
C HIS A 27 -1.61 2.36 4.49
N CYS A 28 -0.36 2.76 4.63
CA CYS A 28 0.22 3.06 5.92
C CYS A 28 -0.31 4.37 6.49
N GLN A 29 -0.79 4.32 7.74
CA GLN A 29 -1.51 5.41 8.37
C GLN A 29 -0.60 6.61 8.69
N ASP A 30 0.65 6.35 9.08
CA ASP A 30 1.56 7.41 9.54
C ASP A 30 2.60 7.84 8.48
N CYS A 31 2.92 6.96 7.50
CA CYS A 31 3.78 7.35 6.37
C CYS A 31 3.12 8.52 5.57
N PRO A 32 3.88 9.55 5.16
CA PRO A 32 3.33 10.72 4.47
C PRO A 32 2.95 10.40 3.01
N PRO A 33 2.01 11.13 2.38
CA PRO A 33 1.60 10.93 0.98
C PRO A 33 2.75 11.00 -0.04
N GLU A 34 3.78 11.80 0.27
CA GLU A 34 5.01 11.93 -0.53
C GLU A 34 5.77 10.60 -0.67
N MET A 35 5.71 9.75 0.35
CA MET A 35 6.26 8.39 0.34
C MET A 35 5.20 7.35 -0.08
N SER A 36 4.02 7.39 0.55
CA SER A 36 2.89 6.46 0.40
C SER A 36 3.34 4.99 0.36
N LEU A 37 3.72 4.42 1.51
CA LEU A 37 4.07 2.99 1.57
C LEU A 37 2.81 2.12 1.56
N ASP A 38 2.86 1.03 0.79
CA ASP A 38 1.72 0.19 0.47
C ASP A 38 2.09 -1.30 0.44
N PHE A 39 1.13 -2.17 0.80
CA PHE A 39 1.34 -3.61 0.86
C PHE A 39 0.15 -4.43 0.33
N CYS A 40 0.44 -5.62 -0.20
CA CYS A 40 -0.56 -6.61 -0.58
C CYS A 40 -1.35 -7.20 0.62
N ASP A 41 -2.42 -7.94 0.31
CA ASP A 41 -3.21 -8.71 1.29
C ASP A 41 -2.37 -9.73 2.11
N SER A 42 -1.26 -10.22 1.56
CA SER A 42 -0.25 -11.04 2.23
C SER A 42 0.87 -10.21 2.88
N CYS A 43 1.38 -9.19 2.18
CA CYS A 43 2.54 -8.41 2.59
C CYS A 43 2.24 -7.45 3.75
N SER A 44 0.97 -7.11 3.96
CA SER A 44 0.51 -6.37 5.14
C SER A 44 0.79 -7.10 6.46
N ASP A 45 1.03 -8.42 6.41
CA ASP A 45 1.51 -9.22 7.54
C ASP A 45 3.03 -9.09 7.75
N CYS A 46 3.75 -8.50 6.78
CA CYS A 46 5.15 -8.15 6.91
C CYS A 46 5.32 -6.96 7.85
N LEU A 47 6.43 -6.93 8.58
CA LEU A 47 6.85 -5.78 9.39
C LEU A 47 8.02 -5.07 8.72
N HIS A 48 7.71 -4.39 7.62
CA HIS A 48 8.67 -3.69 6.77
C HIS A 48 8.89 -2.26 7.25
N GLU A 49 10.07 -1.69 7.03
CA GLU A 49 10.43 -0.34 7.45
C GLU A 49 11.38 0.36 6.47
N THR A 50 11.31 1.69 6.39
CA THR A 50 12.27 2.52 5.63
C THR A 50 12.91 3.60 6.53
N ASP A 51 13.32 4.73 5.93
CA ASP A 51 13.79 5.92 6.65
C ASP A 51 12.65 6.66 7.34
N ILE A 52 11.43 6.57 6.78
CA ILE A 52 10.21 7.15 7.32
C ILE A 52 9.27 6.07 7.84
N HIS A 53 9.13 4.99 7.08
CA HIS A 53 8.29 3.88 7.49
C HIS A 53 8.96 3.18 8.62
N LYS A 54 8.22 2.94 9.72
CA LYS A 54 8.74 2.14 10.83
C LYS A 54 7.72 1.20 11.48
N GLU A 55 8.17 0.28 12.31
CA GLU A 55 7.32 -0.54 13.17
C GLU A 55 6.59 0.26 14.28
N ASP A 56 6.85 1.56 14.38
CA ASP A 56 6.18 2.49 15.29
C ASP A 56 4.74 2.80 14.84
N HIS A 57 4.43 2.55 13.57
CA HIS A 57 3.15 2.82 12.97
C HIS A 57 2.54 1.54 12.36
N GLN A 58 1.36 1.70 11.77
CA GLN A 58 0.49 0.61 11.30
C GLN A 58 -0.33 1.02 10.07
N LEU A 59 -0.89 0.01 9.40
CA LEU A 59 -1.60 0.11 8.13
C LEU A 59 -3.12 0.16 8.29
N GLU A 60 -3.81 0.59 7.24
CA GLU A 60 -5.27 0.49 7.14
C GLU A 60 -5.72 -0.17 5.81
N PRO A 61 -6.69 -1.11 5.86
CA PRO A 61 -7.18 -1.82 4.68
C PRO A 61 -8.21 -0.99 3.92
N ILE A 62 -8.22 -1.11 2.58
CA ILE A 62 -9.18 -0.44 1.70
C ILE A 62 -9.78 -1.46 0.76
N TYR A 63 -11.09 -1.68 0.90
CA TYR A 63 -11.86 -2.72 0.25
C TYR A 63 -12.51 -2.23 -1.06
N ARG A 64 -11.98 -1.11 -1.60
CA ARG A 64 -12.35 -0.48 -2.87
C ARG A 64 -11.23 0.40 -3.46
N ALA B 1 3.77 2.20 -2.46
CA ALA B 1 4.51 3.26 -3.17
C ALA B 1 3.60 3.90 -4.21
N ARG B 2 3.59 5.24 -4.23
CA ARG B 2 2.80 6.05 -5.17
C ARG B 2 3.27 5.94 -6.64
N THR B 3 2.34 5.58 -7.52
CA THR B 3 2.46 5.62 -8.99
C THR B 3 1.16 6.14 -9.65
OH ALY B 4 -6.51 4.12 -9.75
CH ALY B 4 -6.70 3.88 -8.56
CH3 ALY B 4 -8.01 3.29 -8.12
NZ ALY B 4 -5.79 4.12 -7.60
CE ALY B 4 -4.49 4.75 -7.84
CD ALY B 4 -4.61 6.30 -7.80
CG ALY B 4 -3.57 6.99 -8.69
CB ALY B 4 -2.12 6.94 -8.16
CA ALY B 4 -1.09 7.18 -9.30
N ALY B 4 0.23 6.72 -8.87
C ALY B 4 -1.04 8.65 -9.79
O ALY B 4 -1.40 9.59 -9.08
HH31 ALY B 4 -8.74 3.35 -8.94
HH32 ALY B 4 -8.39 3.85 -7.27
HH33 ALY B 4 -7.86 2.25 -7.84
HZ ALY B 4 -6.02 3.81 -6.66
HE3 ALY B 4 -3.78 4.42 -7.09
HE2 ALY B 4 -4.14 4.45 -8.83
HD3 ALY B 4 -5.59 6.59 -8.17
HD2 ALY B 4 -4.53 6.65 -6.78
HG3 ALY B 4 -3.61 6.54 -9.68
HG2 ALY B 4 -3.86 8.05 -8.80
HB3 ALY B 4 -2.00 7.68 -7.37
HB2 ALY B 4 -1.95 5.97 -7.71
HA ALY B 4 -1.40 6.57 -10.15
H ALY B 4 0.45 6.81 -7.89
N GLN B 5 -0.53 8.85 -11.01
CA GLN B 5 -0.38 10.17 -11.64
C GLN B 5 -1.73 10.85 -11.95
N THR B 6 -1.77 12.19 -11.82
CA THR B 6 -2.97 13.02 -12.06
C THR B 6 -3.32 13.16 -13.55
N ALA B 7 -2.32 13.15 -14.44
CA ALA B 7 -2.48 13.33 -15.88
C ALA B 7 -3.21 12.16 -16.58
N ARG B 8 -3.82 12.46 -17.74
CA ARG B 8 -4.57 11.53 -18.62
C ARG B 8 -5.68 10.77 -17.87
ZN ZN C . 3.51 -7.25 -1.95
ZN ZN D . 4.51 3.14 6.90
N GLY A 1 -19.24 -3.08 0.54
CA GLY A 1 -18.63 -3.19 -0.81
C GLY A 1 -17.76 -4.45 -0.97
N PRO A 2 -17.11 -4.63 -2.14
CA PRO A 2 -16.28 -5.80 -2.44
C PRO A 2 -15.05 -5.97 -1.52
N LEU A 3 -14.60 -7.22 -1.37
CA LEU A 3 -13.35 -7.58 -0.71
C LEU A 3 -12.80 -8.92 -1.22
N GLY A 4 -11.47 -9.03 -1.30
CA GLY A 4 -10.76 -10.25 -1.73
C GLY A 4 -10.44 -10.31 -3.23
N SER A 5 -10.97 -9.37 -4.01
CA SER A 5 -10.82 -9.30 -5.48
C SER A 5 -10.51 -7.89 -6.04
N VAL A 6 -10.32 -6.88 -5.18
CA VAL A 6 -10.15 -5.48 -5.60
C VAL A 6 -8.76 -5.24 -6.16
N GLN A 7 -8.66 -4.65 -7.36
CA GLN A 7 -7.38 -4.34 -8.00
C GLN A 7 -6.89 -2.91 -7.72
N HIS A 8 -5.65 -2.76 -7.22
CA HIS A 8 -5.05 -1.46 -6.89
C HIS A 8 -3.96 -1.06 -7.91
N VAL A 9 -4.34 -0.98 -9.19
CA VAL A 9 -3.45 -0.47 -10.26
C VAL A 9 -2.93 0.92 -9.88
N GLY A 10 -1.60 1.05 -9.85
CA GLY A 10 -0.90 2.22 -9.32
C GLY A 10 -0.32 2.08 -7.90
N PHE A 11 -0.50 0.93 -7.23
CA PHE A 11 -0.05 0.69 -5.86
C PHE A 11 0.61 -0.68 -5.69
N LYS A 12 1.92 -0.75 -5.96
CA LYS A 12 2.78 -1.93 -5.72
C LYS A 12 3.22 -1.93 -4.24
N CYS A 13 3.27 -3.09 -3.59
CA CYS A 13 3.63 -3.26 -2.20
C CYS A 13 5.10 -2.87 -1.89
N ASP A 14 5.35 -2.52 -0.63
CA ASP A 14 6.67 -2.27 -0.04
C ASP A 14 7.21 -3.46 0.77
N ASN A 15 6.32 -4.24 1.39
CA ASN A 15 6.69 -5.38 2.22
C ASN A 15 7.31 -6.53 1.41
N CYS A 16 6.63 -6.96 0.34
CA CYS A 16 7.03 -8.09 -0.50
C CYS A 16 7.42 -7.68 -1.94
N GLY A 17 7.04 -6.46 -2.37
CA GLY A 17 7.42 -5.89 -3.65
C GLY A 17 6.54 -6.38 -4.80
N ILE A 18 5.45 -7.10 -4.50
CA ILE A 18 4.43 -7.43 -5.47
C ILE A 18 3.93 -6.16 -6.14
N GLU A 19 3.74 -6.24 -7.45
CA GLU A 19 3.17 -5.20 -8.30
C GLU A 19 1.73 -4.84 -7.85
N PRO A 20 0.95 -3.98 -8.55
CA PRO A 20 -0.35 -3.55 -8.07
C PRO A 20 -1.17 -4.55 -7.24
N ILE A 21 -1.34 -4.19 -5.96
CA ILE A 21 -1.90 -5.07 -4.91
C ILE A 21 -3.30 -5.55 -5.29
N GLN A 22 -3.70 -6.69 -4.70
CA GLN A 22 -5.01 -7.27 -4.96
C GLN A 22 -5.73 -7.65 -3.65
N GLY A 23 -7.02 -7.35 -3.58
CA GLY A 23 -7.93 -7.75 -2.49
C GLY A 23 -8.61 -6.59 -1.79
N VAL A 24 -7.78 -5.80 -1.12
CA VAL A 24 -8.02 -4.58 -0.35
C VAL A 24 -6.68 -3.81 -0.31
N ARG A 25 -6.65 -2.50 -0.55
CA ARG A 25 -5.38 -1.73 -0.49
C ARG A 25 -5.07 -1.44 0.98
N TRP A 26 -3.81 -1.16 1.30
CA TRP A 26 -3.44 -0.65 2.62
C TRP A 26 -2.56 0.57 2.47
N HIS A 27 -3.20 1.73 2.51
CA HIS A 27 -2.60 3.04 2.36
C HIS A 27 -2.05 3.50 3.71
N CYS A 28 -0.74 3.66 3.82
CA CYS A 28 -0.13 4.22 5.00
C CYS A 28 -0.66 5.62 5.34
N GLN A 29 -1.10 5.82 6.59
CA GLN A 29 -1.67 7.09 7.04
C GLN A 29 -0.62 8.19 7.25
N ASP A 30 0.51 7.83 7.87
CA ASP A 30 1.53 8.81 8.32
C ASP A 30 2.65 9.01 7.29
N CYS A 31 2.99 7.97 6.53
CA CYS A 31 4.01 8.06 5.48
C CYS A 31 3.56 9.03 4.35
N PRO A 32 4.45 9.88 3.81
CA PRO A 32 4.07 10.98 2.92
C PRO A 32 3.70 10.50 1.50
N PRO A 33 2.92 11.28 0.72
CA PRO A 33 2.51 10.92 -0.65
C PRO A 33 3.68 10.76 -1.63
N GLU A 34 4.80 11.44 -1.36
CA GLU A 34 6.06 11.31 -2.10
C GLU A 34 6.61 9.87 -2.04
N MET A 35 6.41 9.19 -0.92
CA MET A 35 6.69 7.74 -0.78
C MET A 35 5.48 6.88 -1.18
N SER A 36 4.30 7.21 -0.65
CA SER A 36 3.04 6.45 -0.70
C SER A 36 3.25 4.94 -0.47
N LEU A 37 3.44 4.58 0.81
CA LEU A 37 3.69 3.19 1.18
C LEU A 37 2.40 2.35 1.16
N ASP A 38 2.54 1.09 0.74
CA ASP A 38 1.43 0.18 0.46
C ASP A 38 1.70 -1.26 0.88
N PHE A 39 0.65 -1.95 1.35
CA PHE A 39 0.73 -3.34 1.77
C PHE A 39 -0.47 -4.19 1.31
N CYS A 40 -0.22 -5.46 1.00
CA CYS A 40 -1.25 -6.45 0.75
C CYS A 40 -2.13 -6.75 2.00
N ASP A 41 -3.24 -7.47 1.82
CA ASP A 41 -4.11 -7.95 2.90
C ASP A 41 -3.40 -8.77 4.00
N SER A 42 -2.29 -9.44 3.67
CA SER A 42 -1.39 -10.11 4.60
C SER A 42 -0.26 -9.19 5.11
N CYS A 43 0.34 -8.42 4.20
CA CYS A 43 1.52 -7.60 4.46
C CYS A 43 1.23 -6.44 5.42
N SER A 44 0.00 -5.93 5.39
CA SER A 44 -0.51 -4.89 6.28
C SER A 44 -0.53 -5.29 7.76
N ASP A 45 -0.43 -6.60 8.04
CA ASP A 45 -0.22 -7.20 9.34
C ASP A 45 1.22 -7.73 9.51
N CYS A 46 2.01 -7.74 8.42
CA CYS A 46 3.39 -8.17 8.41
C CYS A 46 4.35 -7.06 8.87
N LEU A 47 4.08 -5.83 8.39
CA LEU A 47 4.82 -4.58 8.59
C LEU A 47 6.29 -4.58 8.09
N HIS A 48 6.64 -3.45 7.49
CA HIS A 48 7.98 -3.04 7.09
C HIS A 48 8.22 -1.60 7.55
N GLU A 49 9.47 -1.18 7.72
CA GLU A 49 9.83 0.20 8.05
C GLU A 49 10.97 0.72 7.18
N THR A 50 10.99 2.03 6.92
CA THR A 50 12.04 2.66 6.10
C THR A 50 12.72 3.81 6.87
N ASP A 51 13.40 4.71 6.15
CA ASP A 51 14.00 5.93 6.72
C ASP A 51 12.94 6.95 7.13
N ILE A 52 11.75 6.84 6.54
CA ILE A 52 10.56 7.62 6.83
C ILE A 52 9.50 6.75 7.51
N HIS A 53 9.24 5.58 6.92
CA HIS A 53 8.17 4.71 7.33
C HIS A 53 8.54 4.05 8.63
N LYS A 54 7.60 4.08 9.58
CA LYS A 54 7.75 3.35 10.84
C LYS A 54 6.44 2.65 11.25
N GLU A 55 6.53 1.59 12.03
CA GLU A 55 5.36 0.86 12.56
C GLU A 55 4.60 1.63 13.67
N ASP A 56 5.03 2.86 13.95
CA ASP A 56 4.45 3.79 14.92
C ASP A 56 3.05 4.29 14.51
N HIS A 57 2.71 4.13 13.22
CA HIS A 57 1.54 4.72 12.60
C HIS A 57 0.31 3.78 12.52
N GLN A 58 -0.55 4.06 11.53
CA GLN A 58 -1.75 3.34 11.15
C GLN A 58 -1.81 3.17 9.62
N LEU A 59 -2.47 2.13 9.13
CA LEU A 59 -2.81 1.90 7.73
C LEU A 59 -4.32 2.07 7.50
N GLU A 60 -4.69 2.52 6.31
CA GLU A 60 -6.08 2.65 5.86
C GLU A 60 -6.47 1.52 4.88
N PRO A 61 -7.44 0.65 5.20
CA PRO A 61 -7.93 -0.37 4.27
C PRO A 61 -8.82 0.26 3.18
N ILE A 62 -8.67 -0.17 1.92
CA ILE A 62 -9.45 0.37 0.79
C ILE A 62 -10.11 -0.78 0.03
N TYR A 63 -11.43 -0.78 0.01
CA TYR A 63 -12.28 -1.85 -0.49
C TYR A 63 -12.72 -1.61 -1.95
N ARG A 64 -11.99 -0.71 -2.64
CA ARG A 64 -12.17 -0.30 -4.04
C ARG A 64 -10.90 0.24 -4.73
N ALA B 1 3.86 1.55 -2.40
CA ALA B 1 4.73 2.36 -3.27
C ALA B 1 3.93 2.83 -4.46
N ARG B 2 3.95 4.15 -4.72
CA ARG B 2 3.30 4.76 -5.87
C ARG B 2 3.85 4.29 -7.23
N THR B 3 2.94 3.86 -8.10
CA THR B 3 3.16 3.56 -9.54
C THR B 3 2.00 4.14 -10.38
OH ALY B 4 -4.99 7.06 -11.82
CH ALY B 4 -5.08 7.96 -10.99
CH3 ALY B 4 -5.22 9.40 -11.45
NZ ALY B 4 -5.05 7.78 -9.67
CE ALY B 4 -4.92 6.48 -9.01
CD ALY B 4 -3.48 6.26 -8.52
CG ALY B 4 -2.49 6.07 -9.67
CB ALY B 4 -1.07 5.81 -9.16
CA ALY B 4 -0.10 5.50 -10.33
N ALY B 4 1.16 4.99 -9.78
C ALY B 4 0.14 6.71 -11.26
O ALY B 4 0.30 7.84 -10.79
HH31 ALY B 4 -4.35 9.97 -11.12
HH32 ALY B 4 -6.12 9.82 -11.01
HH33 ALY B 4 -5.29 9.43 -12.53
HZ ALY B 4 -5.14 8.60 -9.08
HE3 ALY B 4 -5.58 6.46 -8.14
HE2 ALY B 4 -5.20 5.67 -9.67
HD3 ALY B 4 -3.17 7.09 -7.90
HD2 ALY B 4 -3.46 5.35 -7.91
HG3 ALY B 4 -2.81 5.23 -10.29
HG2 ALY B 4 -2.48 6.97 -10.29
HB3 ALY B 4 -0.71 6.68 -8.61
HB2 ALY B 4 -1.09 4.97 -8.44
HA ALY B 4 -0.56 4.71 -10.92
H ALY B 4 1.37 5.27 -8.83
N GLN B 5 0.20 6.47 -12.57
CA GLN B 5 0.51 7.45 -13.62
C GLN B 5 1.88 8.16 -13.41
N THR B 6 2.83 7.49 -12.76
CA THR B 6 4.20 7.98 -12.50
C THR B 6 5.04 8.06 -13.78
N ALA B 7 5.98 9.00 -13.84
CA ALA B 7 6.86 9.24 -14.98
C ALA B 7 7.85 8.08 -15.23
N ARG B 8 8.29 7.92 -16.48
CA ARG B 8 9.30 6.94 -16.93
C ARG B 8 10.71 7.20 -16.37
ZN ZN C . 2.85 -7.52 -0.14
ZN ZN D . 3.94 3.50 6.26
N GLY A 1 -17.25 -2.94 -7.49
CA GLY A 1 -16.65 -4.00 -6.64
C GLY A 1 -16.88 -3.76 -5.15
N PRO A 2 -17.23 -4.80 -4.36
CA PRO A 2 -17.57 -4.66 -2.94
C PRO A 2 -16.35 -4.36 -2.03
N LEU A 3 -16.63 -3.94 -0.80
CA LEU A 3 -15.67 -3.48 0.22
C LEU A 3 -14.57 -4.50 0.59
N GLY A 4 -14.79 -5.79 0.35
CA GLY A 4 -13.81 -6.88 0.56
C GLY A 4 -13.01 -7.30 -0.68
N SER A 5 -13.23 -6.66 -1.84
CA SER A 5 -12.69 -7.01 -3.17
C SER A 5 -12.24 -5.78 -3.97
N VAL A 6 -11.88 -4.69 -3.28
CA VAL A 6 -11.52 -3.37 -3.80
C VAL A 6 -10.25 -3.41 -4.64
N GLN A 7 -10.29 -2.87 -5.85
CA GLN A 7 -9.18 -2.92 -6.80
C GLN A 7 -8.42 -1.59 -6.90
N HIS A 8 -7.22 -1.54 -6.33
CA HIS A 8 -6.33 -0.38 -6.40
C HIS A 8 -5.30 -0.55 -7.51
N VAL A 9 -5.78 -0.52 -8.76
CA VAL A 9 -4.94 -0.49 -9.97
C VAL A 9 -3.99 0.70 -9.89
N GLY A 10 -2.68 0.43 -10.01
CA GLY A 10 -1.61 1.42 -9.80
C GLY A 10 -1.14 1.62 -8.36
N PHE A 11 -1.36 0.65 -7.46
CA PHE A 11 -0.74 0.67 -6.12
C PHE A 11 -0.13 -0.71 -5.81
N LYS A 12 1.14 -0.89 -6.15
CA LYS A 12 1.90 -2.14 -5.97
C LYS A 12 2.32 -2.31 -4.51
N CYS A 13 2.15 -3.51 -3.97
CA CYS A 13 2.56 -3.90 -2.64
C CYS A 13 4.08 -3.99 -2.52
N ASP A 14 4.60 -3.39 -1.46
CA ASP A 14 6.03 -3.39 -1.13
C ASP A 14 6.47 -4.64 -0.35
N ASN A 15 5.54 -5.34 0.29
CA ASN A 15 5.82 -6.61 0.95
C ASN A 15 6.11 -7.76 -0.02
N CYS A 16 5.17 -8.08 -0.93
CA CYS A 16 5.22 -9.26 -1.78
C CYS A 16 5.49 -8.95 -3.27
N GLY A 17 5.33 -7.68 -3.67
CA GLY A 17 5.65 -7.17 -5.00
C GLY A 17 4.49 -7.21 -5.99
N ILE A 18 3.27 -7.57 -5.55
CA ILE A 18 2.09 -7.53 -6.39
C ILE A 18 1.85 -6.14 -6.96
N GLU A 19 1.61 -6.07 -8.26
CA GLU A 19 1.54 -4.81 -9.02
C GLU A 19 0.36 -3.93 -8.64
N PRO A 20 -0.84 -4.49 -8.37
CA PRO A 20 -1.81 -3.60 -7.77
C PRO A 20 -2.70 -4.32 -6.75
N ILE A 21 -2.80 -3.73 -5.57
CA ILE A 21 -3.42 -4.35 -4.39
C ILE A 21 -4.92 -4.56 -4.55
N GLN A 22 -5.39 -5.71 -4.04
CA GLN A 22 -6.77 -6.15 -4.08
C GLN A 22 -7.37 -6.29 -2.67
N GLY A 23 -8.66 -6.03 -2.55
CA GLY A 23 -9.47 -6.23 -1.35
C GLY A 23 -9.67 -4.99 -0.48
N VAL A 24 -8.55 -4.43 -0.04
CA VAL A 24 -8.40 -3.22 0.75
C VAL A 24 -6.97 -2.73 0.50
N ARG A 25 -6.76 -1.44 0.21
CA ARG A 25 -5.39 -0.90 0.17
C ARG A 25 -4.92 -0.60 1.59
N TRP A 26 -3.61 -0.62 1.82
CA TRP A 26 -3.03 -0.24 3.12
C TRP A 26 -2.01 0.85 2.91
N HIS A 27 -2.49 2.09 2.98
CA HIS A 27 -1.73 3.32 2.77
C HIS A 27 -0.95 3.65 4.03
N CYS A 28 0.37 3.74 3.97
CA CYS A 28 1.15 4.09 5.14
C CYS A 28 0.97 5.56 5.53
N GLN A 29 0.65 5.77 6.80
CA GLN A 29 0.22 7.06 7.34
C GLN A 29 1.37 8.06 7.45
N ASP A 30 2.59 7.58 7.76
CA ASP A 30 3.73 8.46 8.00
C ASP A 30 4.73 8.50 6.83
N CYS A 31 4.77 7.46 5.98
CA CYS A 31 5.56 7.50 4.74
C CYS A 31 5.15 8.72 3.87
N PRO A 32 6.10 9.46 3.25
CA PRO A 32 5.79 10.65 2.44
C PRO A 32 5.08 10.27 1.14
N PRO A 33 4.23 11.14 0.55
CA PRO A 33 3.52 10.86 -0.72
C PRO A 33 4.44 10.49 -1.90
N GLU A 34 5.67 11.02 -1.89
CA GLU A 34 6.72 10.71 -2.87
C GLU A 34 7.10 9.22 -2.90
N MET A 35 7.09 8.57 -1.72
CA MET A 35 7.35 7.13 -1.56
C MET A 35 6.06 6.30 -1.57
N SER A 36 5.05 6.70 -0.78
CA SER A 36 3.73 6.06 -0.61
C SER A 36 3.81 4.53 -0.57
N LEU A 37 4.27 3.95 0.54
CA LEU A 37 4.35 2.49 0.68
C LEU A 37 2.97 1.88 0.91
N ASP A 38 2.74 0.67 0.38
CA ASP A 38 1.42 0.04 0.35
C ASP A 38 1.49 -1.47 0.57
N PHE A 39 0.44 -2.05 1.15
CA PHE A 39 0.35 -3.51 1.39
C PHE A 39 -1.03 -4.13 1.12
N CYS A 40 -1.06 -5.43 0.83
CA CYS A 40 -2.26 -6.24 0.77
C CYS A 40 -2.95 -6.44 2.15
N ASP A 41 -4.17 -6.99 2.14
CA ASP A 41 -4.92 -7.39 3.33
C ASP A 41 -4.17 -8.36 4.27
N SER A 42 -3.27 -9.18 3.72
CA SER A 42 -2.35 -10.08 4.44
C SER A 42 -1.02 -9.40 4.79
N CYS A 43 -0.47 -8.64 3.84
CA CYS A 43 0.87 -8.08 3.90
C CYS A 43 0.99 -6.91 4.89
N SER A 44 -0.09 -6.15 5.07
CA SER A 44 -0.19 -5.09 6.07
C SER A 44 0.04 -5.60 7.50
N ASP A 45 -0.24 -6.88 7.74
CA ASP A 45 0.02 -7.59 9.00
C ASP A 45 1.42 -8.23 9.03
N CYS A 46 2.12 -8.25 7.89
CA CYS A 46 3.45 -8.84 7.75
C CYS A 46 4.56 -7.93 8.32
N LEU A 47 4.29 -6.62 8.40
CA LEU A 47 5.18 -5.53 8.83
C LEU A 47 6.50 -5.45 8.04
N HIS A 48 6.51 -4.55 7.04
CA HIS A 48 7.64 -4.26 6.16
C HIS A 48 8.29 -2.92 6.51
N GLU A 49 9.57 -2.72 6.19
CA GLU A 49 10.30 -1.47 6.43
C GLU A 49 11.32 -1.17 5.32
N THR A 50 11.58 0.12 5.08
CA THR A 50 12.67 0.58 4.20
C THR A 50 13.61 1.56 4.93
N ASP A 51 14.30 2.43 4.19
CA ASP A 51 15.11 3.53 4.72
C ASP A 51 14.25 4.68 5.24
N ILE A 52 13.04 4.84 4.70
CA ILE A 52 12.00 5.72 5.20
C ILE A 52 11.03 4.96 6.07
N HIS A 53 10.49 3.87 5.51
CA HIS A 53 9.38 3.15 6.09
C HIS A 53 9.89 2.37 7.28
N LYS A 54 9.22 2.50 8.44
CA LYS A 54 9.58 1.71 9.62
C LYS A 54 8.38 1.21 10.43
N GLU A 55 8.58 0.25 11.32
CA GLU A 55 7.57 -0.16 12.30
C GLU A 55 7.28 0.90 13.38
N ASP A 56 7.93 2.07 13.30
CA ASP A 56 7.65 3.25 14.10
C ASP A 56 6.30 3.89 13.70
N HIS A 57 5.80 3.63 12.48
CA HIS A 57 4.59 4.15 11.95
C HIS A 57 3.59 3.03 11.61
N GLN A 58 2.40 3.47 11.21
CA GLN A 58 1.19 2.67 11.02
C GLN A 58 0.55 2.88 9.64
N LEU A 59 -0.31 1.94 9.26
CA LEU A 59 -1.03 1.93 7.98
C LEU A 59 -2.50 2.38 8.12
N GLU A 60 -3.14 2.69 7.00
CA GLU A 60 -4.57 3.02 6.90
C GLU A 60 -5.28 2.08 5.90
N PRO A 61 -6.32 1.32 6.32
CA PRO A 61 -7.08 0.46 5.42
C PRO A 61 -8.05 1.28 4.56
N ILE A 62 -8.11 1.00 3.26
CA ILE A 62 -8.95 1.72 2.30
C ILE A 62 -9.89 0.73 1.61
N TYR A 63 -11.17 0.86 1.94
CA TYR A 63 -12.25 -0.05 1.57
C TYR A 63 -12.95 0.40 0.28
N ARG A 64 -12.30 1.29 -0.48
CA ARG A 64 -12.81 1.89 -1.72
C ARG A 64 -11.70 2.40 -2.66
N ALA B 1 3.42 1.16 -2.78
CA ALA B 1 4.09 2.02 -3.75
C ALA B 1 3.10 2.53 -4.78
N ARG B 2 3.04 3.86 -4.94
CA ARG B 2 2.31 4.50 -6.04
C ARG B 2 2.90 4.10 -7.40
N THR B 3 2.07 3.56 -8.28
CA THR B 3 2.38 3.12 -9.66
C THR B 3 1.22 3.48 -10.61
OH ALY B 4 -7.65 4.67 -7.91
CH ALY B 4 -7.22 5.74 -7.49
CH3 ALY B 4 -7.82 6.36 -6.26
NZ ALY B 4 -6.24 6.44 -8.07
CE ALY B 4 -5.49 5.99 -9.24
CD ALY B 4 -3.98 6.10 -8.98
CG ALY B 4 -3.17 5.56 -10.17
CB ALY B 4 -1.69 5.47 -9.76
CA ALY B 4 -0.77 4.99 -10.91
N ALY B 4 0.51 4.57 -10.29
C ALY B 4 -0.51 6.05 -12.01
O ALY B 4 -0.87 7.22 -11.88
HH31 ALY B 4 -7.06 6.45 -5.48
HH32 ALY B 4 -8.62 5.72 -5.88
HH33 ALY B 4 -8.22 7.34 -6.49
HZ ALY B 4 -5.98 7.32 -7.66
HE3 ALY B 4 -5.73 4.96 -9.47
HE2 ALY B 4 -5.76 6.62 -10.10
HD3 ALY B 4 -3.72 7.15 -8.79
HD2 ALY B 4 -3.74 5.52 -8.10
HG3 ALY B 4 -3.53 4.59 -10.45
HG2 ALY B 4 -3.28 6.25 -11.01
HB3 ALY B 4 -1.34 6.42 -9.39
HB2 ALY B 4 -1.63 4.75 -8.93
HA ALY B 4 -1.24 4.14 -11.39
H ALY B 4 0.83 5.11 -9.50
N GLN B 5 0.19 5.64 -13.07
CA GLN B 5 0.75 6.51 -14.12
C GLN B 5 1.70 7.60 -13.56
N THR B 6 2.31 7.31 -12.40
CA THR B 6 3.17 8.24 -11.62
C THR B 6 4.62 8.31 -12.10
N ALA B 7 5.07 7.36 -12.93
CA ALA B 7 6.42 7.35 -13.54
C ALA B 7 6.61 8.49 -14.56
N ARG B 8 7.86 8.96 -14.69
CA ARG B 8 8.31 10.05 -15.58
C ARG B 8 9.64 9.71 -16.28
ZN ZN C . 1.31 -8.03 -0.81
ZN ZN D . 5.40 3.36 5.79
N GLY A 1 -20.23 -0.76 -4.54
CA GLY A 1 -18.85 -1.30 -4.69
C GLY A 1 -18.65 -2.62 -3.92
N PRO A 2 -17.70 -3.47 -4.33
CA PRO A 2 -17.53 -4.84 -3.79
C PRO A 2 -16.82 -4.92 -2.43
N LEU A 3 -16.12 -3.86 -2.02
CA LEU A 3 -15.31 -3.67 -0.79
C LEU A 3 -14.08 -4.60 -0.63
N GLY A 4 -14.18 -5.87 -1.02
CA GLY A 4 -13.15 -6.91 -0.87
C GLY A 4 -12.39 -7.28 -2.16
N SER A 5 -12.59 -6.52 -3.25
CA SER A 5 -12.11 -6.80 -4.61
C SER A 5 -11.55 -5.55 -5.33
N VAL A 6 -11.16 -4.53 -4.54
CA VAL A 6 -10.73 -3.20 -4.94
C VAL A 6 -9.40 -3.22 -5.66
N GLN A 7 -9.33 -2.62 -6.84
CA GLN A 7 -8.07 -2.39 -7.51
C GLN A 7 -7.42 -1.07 -7.05
N HIS A 8 -6.09 -1.05 -6.99
CA HIS A 8 -5.29 0.16 -6.80
C HIS A 8 -4.18 0.30 -7.84
N VAL A 9 -4.61 0.53 -9.09
CA VAL A 9 -3.76 0.91 -10.22
C VAL A 9 -2.98 2.18 -9.85
N GLY A 10 -1.65 2.06 -9.82
CA GLY A 10 -0.74 3.08 -9.29
C GLY A 10 -0.20 2.82 -7.87
N PHE A 11 -0.46 1.67 -7.24
CA PHE A 11 0.05 1.34 -5.89
C PHE A 11 0.49 -0.12 -5.80
N LYS A 12 1.75 -0.38 -6.12
CA LYS A 12 2.41 -1.70 -5.99
C LYS A 12 2.89 -1.90 -4.53
N CYS A 13 2.77 -3.12 -4.02
CA CYS A 13 3.16 -3.50 -2.67
C CYS A 13 4.68 -3.39 -2.42
N ASP A 14 5.04 -3.17 -1.16
CA ASP A 14 6.41 -3.16 -0.65
C ASP A 14 6.83 -4.49 0.01
N ASN A 15 5.89 -5.22 0.62
CA ASN A 15 6.18 -6.50 1.26
C ASN A 15 6.60 -7.58 0.26
N CYS A 16 5.77 -7.82 -0.77
CA CYS A 16 5.96 -8.90 -1.74
C CYS A 16 6.31 -8.39 -3.17
N GLY A 17 6.13 -7.10 -3.43
CA GLY A 17 6.51 -6.42 -4.66
C GLY A 17 5.45 -6.49 -5.75
N ILE A 18 4.29 -7.08 -5.45
CA ILE A 18 3.18 -7.25 -6.39
C ILE A 18 2.68 -5.91 -6.94
N GLU A 19 2.43 -5.92 -8.25
CA GLU A 19 1.83 -4.82 -8.99
C GLU A 19 0.49 -4.41 -8.37
N PRO A 20 0.09 -3.14 -8.54
CA PRO A 20 -1.21 -2.61 -8.18
C PRO A 20 -2.15 -3.44 -7.30
N ILE A 21 -2.05 -3.22 -5.99
CA ILE A 21 -2.66 -4.02 -4.93
C ILE A 21 -4.15 -4.27 -5.19
N GLN A 22 -4.56 -5.52 -4.93
CA GLN A 22 -5.93 -5.99 -5.14
C GLN A 22 -6.63 -6.35 -3.81
N GLY A 23 -7.92 -6.02 -3.74
CA GLY A 23 -8.83 -6.32 -2.63
C GLY A 23 -9.19 -5.14 -1.76
N VAL A 24 -8.15 -4.53 -1.20
CA VAL A 24 -8.13 -3.37 -0.30
C VAL A 24 -6.71 -2.80 -0.38
N ARG A 25 -6.53 -1.49 -0.53
CA ARG A 25 -5.17 -0.89 -0.39
C ARG A 25 -4.86 -0.75 1.09
N TRP A 26 -3.58 -0.73 1.44
CA TRP A 26 -3.12 -0.41 2.79
C TRP A 26 -2.11 0.71 2.75
N HIS A 27 -2.60 1.93 2.97
CA HIS A 27 -1.81 3.17 3.02
C HIS A 27 -1.16 3.29 4.40
N CYS A 28 0.17 3.35 4.49
CA CYS A 28 0.81 3.57 5.77
C CYS A 28 0.52 4.96 6.35
N GLN A 29 0.08 4.99 7.61
CA GLN A 29 -0.45 6.19 8.27
C GLN A 29 0.64 7.24 8.49
N ASP A 30 1.88 6.80 8.78
CA ASP A 30 2.97 7.68 9.17
C ASP A 30 4.05 7.88 8.07
N CYS A 31 4.22 6.92 7.14
CA CYS A 31 5.10 7.11 5.98
C CYS A 31 4.68 8.35 5.15
N PRO A 32 5.61 9.17 4.62
CA PRO A 32 5.29 10.36 3.85
C PRO A 32 4.77 10.01 2.44
N PRO A 33 3.92 10.84 1.80
CA PRO A 33 3.41 10.60 0.45
C PRO A 33 4.49 10.40 -0.63
N GLU A 34 5.64 11.03 -0.46
CA GLU A 34 6.83 10.89 -1.32
C GLU A 34 7.35 9.44 -1.38
N MET A 35 7.23 8.71 -0.28
CA MET A 35 7.57 7.27 -0.17
C MET A 35 6.36 6.37 -0.45
N SER A 36 5.22 6.66 0.20
CA SER A 36 3.94 5.93 0.14
C SER A 36 4.12 4.41 0.18
N LEU A 37 4.44 3.86 1.36
CA LEU A 37 4.55 2.41 1.50
C LEU A 37 3.15 1.79 1.56
N ASP A 38 2.98 0.67 0.84
CA ASP A 38 1.68 0.05 0.57
C ASP A 38 1.72 -1.47 0.69
N PHE A 39 0.62 -2.07 1.12
CA PHE A 39 0.53 -3.52 1.33
C PHE A 39 -0.80 -4.15 0.88
N CYS A 40 -0.75 -5.43 0.50
CA CYS A 40 -1.92 -6.25 0.24
C CYS A 40 -2.78 -6.56 1.48
N ASP A 41 -3.96 -7.17 1.25
CA ASP A 41 -4.86 -7.67 2.29
C ASP A 41 -4.22 -8.67 3.29
N SER A 42 -3.22 -9.42 2.83
CA SER A 42 -2.37 -10.30 3.65
C SER A 42 -1.12 -9.59 4.19
N CYS A 43 -0.45 -8.79 3.35
CA CYS A 43 0.84 -8.18 3.65
C CYS A 43 0.72 -7.03 4.67
N SER A 44 -0.46 -6.46 4.83
CA SER A 44 -0.77 -5.50 5.89
C SER A 44 -0.56 -6.07 7.30
N ASP A 45 -0.58 -7.40 7.44
CA ASP A 45 -0.25 -8.12 8.67
C ASP A 45 1.28 -8.31 8.84
N CYS A 46 2.07 -7.99 7.81
CA CYS A 46 3.52 -8.03 7.85
C CYS A 46 4.05 -6.81 8.61
N LEU A 47 5.10 -7.04 9.40
CA LEU A 47 5.84 -6.01 10.11
C LEU A 47 7.08 -5.57 9.30
N HIS A 48 6.84 -5.11 8.08
CA HIS A 48 7.88 -4.69 7.16
C HIS A 48 8.35 -3.27 7.47
N GLU A 49 9.61 -2.94 7.18
CA GLU A 49 10.23 -1.67 7.52
C GLU A 49 11.29 -1.23 6.50
N THR A 50 11.50 0.09 6.37
CA THR A 50 12.59 0.66 5.57
C THR A 50 13.42 1.66 6.41
N ASP A 51 14.09 2.60 5.75
CA ASP A 51 14.81 3.71 6.38
C ASP A 51 13.86 4.78 6.94
N ILE A 52 12.67 4.88 6.35
CA ILE A 52 11.55 5.68 6.84
C ILE A 52 10.54 4.80 7.58
N HIS A 53 10.11 3.73 6.91
CA HIS A 53 9.02 2.89 7.37
C HIS A 53 9.48 2.08 8.55
N LYS A 54 8.72 2.05 9.64
CA LYS A 54 9.06 1.22 10.79
C LYS A 54 7.90 0.54 11.51
N GLU A 55 8.20 -0.40 12.39
CA GLU A 55 7.27 -1.04 13.33
C GLU A 55 6.62 -0.06 14.35
N ASP A 56 7.11 1.18 14.39
CA ASP A 56 6.60 2.28 15.20
C ASP A 56 5.26 2.81 14.69
N HIS A 57 4.91 2.52 13.43
CA HIS A 57 3.72 2.97 12.78
C HIS A 57 2.89 1.78 12.25
N GLN A 58 1.74 2.14 11.67
CA GLN A 58 0.66 1.26 11.27
C GLN A 58 -0.07 1.77 10.02
N LEU A 59 -0.95 0.95 9.44
CA LEU A 59 -1.60 1.15 8.14
C LEU A 59 -3.08 1.59 8.20
N GLU A 60 -3.60 2.06 7.07
CA GLU A 60 -4.99 2.45 6.80
C GLU A 60 -5.60 1.58 5.68
N PRO A 61 -6.69 0.83 5.91
CA PRO A 61 -7.33 0.03 4.88
C PRO A 61 -8.21 0.91 3.96
N ILE A 62 -8.19 0.65 2.65
CA ILE A 62 -8.93 1.43 1.66
C ILE A 62 -9.79 0.49 0.82
N TYR A 63 -11.09 0.60 1.02
CA TYR A 63 -12.12 -0.31 0.52
C TYR A 63 -12.70 0.14 -0.83
N ARG A 64 -11.97 1.04 -1.51
CA ARG A 64 -12.37 1.72 -2.75
C ARG A 64 -11.21 2.29 -3.57
N ALA B 1 4.06 1.28 -2.38
CA ALA B 1 4.90 2.15 -3.21
C ALA B 1 4.04 2.77 -4.30
N ARG B 2 3.98 4.09 -4.34
CA ARG B 2 3.34 4.87 -5.41
C ARG B 2 4.01 4.65 -6.78
N THR B 3 3.19 4.26 -7.75
CA THR B 3 3.51 4.17 -9.20
C THR B 3 2.46 4.95 -10.04
OH ALY B 4 -4.59 10.63 -8.24
CH ALY B 4 -4.43 10.25 -9.40
CH3 ALY B 4 -4.36 11.25 -10.52
NZ ALY B 4 -4.31 8.96 -9.74
CE ALY B 4 -4.34 7.83 -8.81
CD ALY B 4 -2.94 7.51 -8.28
CG ALY B 4 -1.96 7.15 -9.40
CB ALY B 4 -0.60 6.74 -8.83
CA ALY B 4 0.43 6.43 -9.94
N ALY B 4 1.52 5.64 -9.36
C ALY B 4 0.94 7.73 -10.62
O ALY B 4 1.87 8.37 -10.13
HH31 ALY B 4 -5.15 11.05 -11.23
HH32 ALY B 4 -3.39 11.15 -11.02
HH33 ALY B 4 -4.46 12.26 -10.13
HZ ALY B 4 -4.19 8.76 -10.72
HE3 ALY B 4 -5.00 8.05 -7.98
HE2 ALY B 4 -4.75 6.96 -9.33
HD3 ALY B 4 -2.56 8.36 -7.73
HD2 ALY B 4 -3.03 6.66 -7.60
HG3 ALY B 4 -2.36 6.32 -9.99
HG2 ALY B 4 -1.83 8.01 -10.05
HB3 ALY B 4 -0.20 7.55 -8.20
HB2 ALY B 4 -0.73 5.87 -8.18
HA ALY B 4 -0.06 5.81 -10.70
H ALY B 4 1.55 5.60 -8.35
N GLN B 5 0.31 8.12 -11.72
CA GLN B 5 0.55 9.39 -12.43
C GLN B 5 -0.72 9.95 -13.10
N THR B 6 -0.76 11.26 -13.36
CA THR B 6 -1.84 11.92 -14.13
C THR B 6 -1.76 11.60 -15.63
N ALA B 7 -2.87 11.76 -16.35
CA ALA B 7 -2.97 11.54 -17.80
C ALA B 7 -2.16 12.57 -18.63
N ARG B 8 -1.71 12.17 -19.83
CA ARG B 8 -0.99 13.02 -20.79
C ARG B 8 -1.88 14.12 -21.39
ZN ZN C . 1.94 -7.81 -1.01
ZN ZN D . 5.06 2.83 6.69
#